data_4U9Z
# 
_entry.id   4U9Z 
# 
_audit_conform.dict_name       mmcif_pdbx.dic 
_audit_conform.dict_version    5.380 
_audit_conform.dict_location   http://mmcif.pdb.org/dictionaries/ascii/mmcif_pdbx.dic 
# 
loop_
_database_2.database_id 
_database_2.database_code 
_database_2.pdbx_database_accession 
_database_2.pdbx_DOI 
PDB   4U9Z         pdb_00004u9z 10.2210/pdb4u9z/pdb 
WWPDB D_1000203040 ?            ?                   
# 
loop_
_pdbx_database_related.db_name 
_pdbx_database_related.details 
_pdbx_database_related.db_id 
_pdbx_database_related.content_type 
PDB . 3VWD unspecified 
PDB . 3VWE unspecified 
PDB . 4U9Y unspecified 
# 
_pdbx_database_status.status_code                     REL 
_pdbx_database_status.status_code_sf                  REL 
_pdbx_database_status.status_code_mr                  ? 
_pdbx_database_status.entry_id                        4U9Z 
_pdbx_database_status.recvd_initial_deposition_date   2014-08-07 
_pdbx_database_status.SG_entry                        N 
_pdbx_database_status.deposit_site                    RCSB 
_pdbx_database_status.process_site                    PDBJ 
_pdbx_database_status.status_code_cs                  ? 
_pdbx_database_status.methods_development_category    ? 
_pdbx_database_status.pdb_format_compatible           Y 
_pdbx_database_status.status_code_nmr_data            ? 
# 
loop_
_audit_author.name 
_audit_author.pdbx_ordinal 
'Yuzawa, S.'   1 
'Sumimoto, H.' 2 
# 
_citation.abstract                  ? 
_citation.abstract_id_CAS           ? 
_citation.book_id_ISBN              ? 
_citation.book_publisher            ? 
_citation.book_publisher_city       ? 
_citation.book_title                ? 
_citation.coordinate_linkage        ? 
_citation.country                   ? 
_citation.database_id_Medline       ? 
_citation.details                   ? 
_citation.id                        primary 
_citation.journal_abbrev            'To Be Published' 
_citation.journal_id_ASTM           ? 
_citation.journal_id_CSD            0353 
_citation.journal_id_ISSN           ? 
_citation.journal_full              ? 
_citation.journal_issue             ? 
_citation.journal_volume            ? 
_citation.language                  ? 
_citation.page_first                ? 
_citation.page_last                 ? 
_citation.title                     'Structure of alpha-TAT1/Mec-17  in complex with CoA' 
_citation.year                      ? 
_citation.database_id_CSD           ? 
_citation.pdbx_database_id_DOI      ? 
_citation.pdbx_database_id_PubMed   ? 
_citation.unpublished_flag          ? 
# 
loop_
_citation_author.citation_id 
_citation_author.name 
_citation_author.ordinal 
_citation_author.identifier_ORCID 
primary 'Yuzawa, S.'   1 ? 
primary 'Kamakura, S.' 2 ? 
primary 'Sumimoto, H.' 3 ? 
# 
_cell.length_a           43.645 
_cell.length_b           34.329 
_cell.length_c           64.226 
_cell.angle_alpha        90.000 
_cell.angle_beta         103.030 
_cell.angle_gamma        90.000 
_cell.entry_id           4U9Z 
_cell.Z_PDB              2 
_cell.pdbx_unique_axis   ? 
# 
_symmetry.entry_id                         4U9Z 
_symmetry.cell_setting                     ? 
_symmetry.Int_Tables_number                4 
_symmetry.space_group_name_Hall            ? 
_symmetry.space_group_name_H-M             'P 1 21 1' 
_symmetry.pdbx_full_space_group_name_H-M   ? 
# 
loop_
_entity.id 
_entity.type 
_entity.src_method 
_entity.pdbx_description 
_entity.formula_weight 
_entity.pdbx_number_of_molecules 
_entity.pdbx_ec 
_entity.pdbx_mutation 
_entity.pdbx_fragment 
_entity.details 
1 polymer     man 'Alpha-tubulin N-acetyltransferase 1' 22933.211 1   2.3.1.108 ? 'UNP residues 1-194' ? 
2 non-polymer syn 'COENZYME A'                          767.534   1   ?         ? ?                    ? 
3 water       nat water                                 18.015    102 ?         ? ?                    ? 
# 
_entity_name_com.entity_id   1 
_entity_name_com.name        'TAT,Acetyltransferase mec-17 homolog' 
# 
_entity_poly.entity_id                      1 
_entity_poly.type                           'polypeptide(L)' 
_entity_poly.nstd_linkage                   no 
_entity_poly.nstd_monomer                   no 
_entity_poly.pdbx_seq_one_letter_code       
;GPGSMEFPFDVDALFPERITVLDQHLRPPARRPGTTTPARVDLQQQIMTIIDELGKASAKAQNLSAPITSASRMQSNRHV
VYILKDSSARPAGKGAIIGFIKVGYKKLFVLDDREAHNEVEPLCILDFYIHESVQRHGHGRELFQYMLQKERVEPHQLAI
DRPSQKLLKFLNKHYNLETTVPQVNNFVIFEGFFAHQHEFG
;
_entity_poly.pdbx_seq_one_letter_code_can   
;GPGSMEFPFDVDALFPERITVLDQHLRPPARRPGTTTPARVDLQQQIMTIIDELGKASAKAQNLSAPITSASRMQSNRHV
VYILKDSSARPAGKGAIIGFIKVGYKKLFVLDDREAHNEVEPLCILDFYIHESVQRHGHGRELFQYMLQKERVEPHQLAI
DRPSQKLLKFLNKHYNLETTVPQVNNFVIFEGFFAHQHEFG
;
_entity_poly.pdbx_strand_id                 A 
_entity_poly.pdbx_target_identifier         ? 
# 
loop_
_entity_poly_seq.entity_id 
_entity_poly_seq.num 
_entity_poly_seq.mon_id 
_entity_poly_seq.hetero 
1 1   GLY n 
1 2   PRO n 
1 3   GLY n 
1 4   SER n 
1 5   MET n 
1 6   GLU n 
1 7   PHE n 
1 8   PRO n 
1 9   PHE n 
1 10  ASP n 
1 11  VAL n 
1 12  ASP n 
1 13  ALA n 
1 14  LEU n 
1 15  PHE n 
1 16  PRO n 
1 17  GLU n 
1 18  ARG n 
1 19  ILE n 
1 20  THR n 
1 21  VAL n 
1 22  LEU n 
1 23  ASP n 
1 24  GLN n 
1 25  HIS n 
1 26  LEU n 
1 27  ARG n 
1 28  PRO n 
1 29  PRO n 
1 30  ALA n 
1 31  ARG n 
1 32  ARG n 
1 33  PRO n 
1 34  GLY n 
1 35  THR n 
1 36  THR n 
1 37  THR n 
1 38  PRO n 
1 39  ALA n 
1 40  ARG n 
1 41  VAL n 
1 42  ASP n 
1 43  LEU n 
1 44  GLN n 
1 45  GLN n 
1 46  GLN n 
1 47  ILE n 
1 48  MET n 
1 49  THR n 
1 50  ILE n 
1 51  ILE n 
1 52  ASP n 
1 53  GLU n 
1 54  LEU n 
1 55  GLY n 
1 56  LYS n 
1 57  ALA n 
1 58  SER n 
1 59  ALA n 
1 60  LYS n 
1 61  ALA n 
1 62  GLN n 
1 63  ASN n 
1 64  LEU n 
1 65  SER n 
1 66  ALA n 
1 67  PRO n 
1 68  ILE n 
1 69  THR n 
1 70  SER n 
1 71  ALA n 
1 72  SER n 
1 73  ARG n 
1 74  MET n 
1 75  GLN n 
1 76  SER n 
1 77  ASN n 
1 78  ARG n 
1 79  HIS n 
1 80  VAL n 
1 81  VAL n 
1 82  TYR n 
1 83  ILE n 
1 84  LEU n 
1 85  LYS n 
1 86  ASP n 
1 87  SER n 
1 88  SER n 
1 89  ALA n 
1 90  ARG n 
1 91  PRO n 
1 92  ALA n 
1 93  GLY n 
1 94  LYS n 
1 95  GLY n 
1 96  ALA n 
1 97  ILE n 
1 98  ILE n 
1 99  GLY n 
1 100 PHE n 
1 101 ILE n 
1 102 LYS n 
1 103 VAL n 
1 104 GLY n 
1 105 TYR n 
1 106 LYS n 
1 107 LYS n 
1 108 LEU n 
1 109 PHE n 
1 110 VAL n 
1 111 LEU n 
1 112 ASP n 
1 113 ASP n 
1 114 ARG n 
1 115 GLU n 
1 116 ALA n 
1 117 HIS n 
1 118 ASN n 
1 119 GLU n 
1 120 VAL n 
1 121 GLU n 
1 122 PRO n 
1 123 LEU n 
1 124 CYS n 
1 125 ILE n 
1 126 LEU n 
1 127 ASP n 
1 128 PHE n 
1 129 TYR n 
1 130 ILE n 
1 131 HIS n 
1 132 GLU n 
1 133 SER n 
1 134 VAL n 
1 135 GLN n 
1 136 ARG n 
1 137 HIS n 
1 138 GLY n 
1 139 HIS n 
1 140 GLY n 
1 141 ARG n 
1 142 GLU n 
1 143 LEU n 
1 144 PHE n 
1 145 GLN n 
1 146 TYR n 
1 147 MET n 
1 148 LEU n 
1 149 GLN n 
1 150 LYS n 
1 151 GLU n 
1 152 ARG n 
1 153 VAL n 
1 154 GLU n 
1 155 PRO n 
1 156 HIS n 
1 157 GLN n 
1 158 LEU n 
1 159 ALA n 
1 160 ILE n 
1 161 ASP n 
1 162 ARG n 
1 163 PRO n 
1 164 SER n 
1 165 GLN n 
1 166 LYS n 
1 167 LEU n 
1 168 LEU n 
1 169 LYS n 
1 170 PHE n 
1 171 LEU n 
1 172 ASN n 
1 173 LYS n 
1 174 HIS n 
1 175 TYR n 
1 176 ASN n 
1 177 LEU n 
1 178 GLU n 
1 179 THR n 
1 180 THR n 
1 181 VAL n 
1 182 PRO n 
1 183 GLN n 
1 184 VAL n 
1 185 ASN n 
1 186 ASN n 
1 187 PHE n 
1 188 VAL n 
1 189 ILE n 
1 190 PHE n 
1 191 GLU n 
1 192 GLY n 
1 193 PHE n 
1 194 PHE n 
1 195 ALA n 
1 196 HIS n 
1 197 GLN n 
1 198 HIS n 
1 199 GLU n 
1 200 PHE n 
1 201 GLY n 
# 
_entity_src_gen.entity_id                          1 
_entity_src_gen.pdbx_src_id                        1 
_entity_src_gen.pdbx_alt_source_flag               sample 
_entity_src_gen.pdbx_seq_type                      'Biological sequence' 
_entity_src_gen.pdbx_beg_seq_num                   1 
_entity_src_gen.pdbx_end_seq_num                   201 
_entity_src_gen.gene_src_common_name               Human 
_entity_src_gen.gene_src_genus                     ? 
_entity_src_gen.pdbx_gene_src_gene                 'ATAT1, C6orf134, MEC17, Nbla00487' 
_entity_src_gen.gene_src_species                   ? 
_entity_src_gen.gene_src_strain                    ? 
_entity_src_gen.gene_src_tissue                    ? 
_entity_src_gen.gene_src_tissue_fraction           ? 
_entity_src_gen.gene_src_details                   ? 
_entity_src_gen.pdbx_gene_src_fragment             ? 
_entity_src_gen.pdbx_gene_src_scientific_name      'Homo sapiens' 
_entity_src_gen.pdbx_gene_src_ncbi_taxonomy_id     9606 
_entity_src_gen.pdbx_gene_src_variant              ? 
_entity_src_gen.pdbx_gene_src_cell_line            ? 
_entity_src_gen.pdbx_gene_src_atcc                 ? 
_entity_src_gen.pdbx_gene_src_organ                ? 
_entity_src_gen.pdbx_gene_src_organelle            ? 
_entity_src_gen.pdbx_gene_src_cell                 ? 
_entity_src_gen.pdbx_gene_src_cellular_location    ? 
_entity_src_gen.host_org_common_name               ? 
_entity_src_gen.pdbx_host_org_scientific_name      'Escherichia coli BL21(DE3)' 
_entity_src_gen.pdbx_host_org_ncbi_taxonomy_id     469008 
_entity_src_gen.host_org_genus                     ? 
_entity_src_gen.pdbx_host_org_gene                 ? 
_entity_src_gen.pdbx_host_org_organ                ? 
_entity_src_gen.host_org_species                   ? 
_entity_src_gen.pdbx_host_org_tissue               ? 
_entity_src_gen.pdbx_host_org_tissue_fraction      ? 
_entity_src_gen.pdbx_host_org_strain               ? 
_entity_src_gen.pdbx_host_org_variant              ? 
_entity_src_gen.pdbx_host_org_cell_line            ? 
_entity_src_gen.pdbx_host_org_atcc                 ? 
_entity_src_gen.pdbx_host_org_culture_collection   ? 
_entity_src_gen.pdbx_host_org_cell                 ? 
_entity_src_gen.pdbx_host_org_organelle            ? 
_entity_src_gen.pdbx_host_org_cellular_location    ? 
_entity_src_gen.pdbx_host_org_vector_type          plasmid 
_entity_src_gen.pdbx_host_org_vector               ? 
_entity_src_gen.host_org_details                   ? 
_entity_src_gen.expression_system_id               ? 
_entity_src_gen.plasmid_name                       pRSFDUET-1 
_entity_src_gen.plasmid_details                    ? 
_entity_src_gen.pdbx_description                   ? 
# 
_struct_ref.id                         1 
_struct_ref.db_name                    UNP 
_struct_ref.db_code                    ATAT_HUMAN 
_struct_ref.pdbx_db_accession          Q5SQI0 
_struct_ref.pdbx_db_isoform            ? 
_struct_ref.entity_id                  1 
_struct_ref.pdbx_seq_one_letter_code   
;MEFPFDVDALFPERITVLDQHLRPPARRPGTTTPARVDLQQQIMTIIDELGKASAKAQNLSAPITSASRMQSNRHVVYIL
KDSSARPAGKGAIIGFIKVGYKKLFVLDDREAHNEVEPLCILDFYIHESVQRHGHGRELFQYMLQKERVEPHQLAIDRPS
QKLLKFLNKHYNLETTVPQVNNFVIFEGFFAHQH
;
_struct_ref.pdbx_align_begin           1 
# 
_struct_ref_seq.align_id                      1 
_struct_ref_seq.ref_id                        1 
_struct_ref_seq.pdbx_PDB_id_code              4U9Z 
_struct_ref_seq.pdbx_strand_id                A 
_struct_ref_seq.seq_align_beg                 5 
_struct_ref_seq.pdbx_seq_align_beg_ins_code   ? 
_struct_ref_seq.seq_align_end                 198 
_struct_ref_seq.pdbx_seq_align_end_ins_code   ? 
_struct_ref_seq.pdbx_db_accession             Q5SQI0 
_struct_ref_seq.db_align_beg                  1 
_struct_ref_seq.pdbx_db_align_beg_ins_code    ? 
_struct_ref_seq.db_align_end                  194 
_struct_ref_seq.pdbx_db_align_end_ins_code    ? 
_struct_ref_seq.pdbx_auth_seq_align_beg       1 
_struct_ref_seq.pdbx_auth_seq_align_end       194 
# 
loop_
_struct_ref_seq_dif.align_id 
_struct_ref_seq_dif.pdbx_pdb_id_code 
_struct_ref_seq_dif.mon_id 
_struct_ref_seq_dif.pdbx_pdb_strand_id 
_struct_ref_seq_dif.seq_num 
_struct_ref_seq_dif.pdbx_pdb_ins_code 
_struct_ref_seq_dif.pdbx_seq_db_name 
_struct_ref_seq_dif.pdbx_seq_db_accession_code 
_struct_ref_seq_dif.db_mon_id 
_struct_ref_seq_dif.pdbx_seq_db_seq_num 
_struct_ref_seq_dif.details 
_struct_ref_seq_dif.pdbx_auth_seq_num 
_struct_ref_seq_dif.pdbx_ordinal 
1 4U9Z GLY A 1   ? UNP Q5SQI0 ? ? 'expression tag' -3  1 
1 4U9Z PRO A 2   ? UNP Q5SQI0 ? ? 'expression tag' -2  2 
1 4U9Z GLY A 3   ? UNP Q5SQI0 ? ? 'expression tag' -1  3 
1 4U9Z SER A 4   ? UNP Q5SQI0 ? ? 'expression tag' 0   4 
1 4U9Z GLU A 199 ? UNP Q5SQI0 ? ? 'expression tag' 195 5 
1 4U9Z PHE A 200 ? UNP Q5SQI0 ? ? 'expression tag' 196 6 
1 4U9Z GLY A 201 ? UNP Q5SQI0 ? ? 'expression tag' 197 7 
# 
loop_
_chem_comp.id 
_chem_comp.type 
_chem_comp.mon_nstd_flag 
_chem_comp.name 
_chem_comp.pdbx_synonyms 
_chem_comp.formula 
_chem_comp.formula_weight 
ALA 'L-peptide linking' y ALANINE         ? 'C3 H7 N O2'          89.093  
ARG 'L-peptide linking' y ARGININE        ? 'C6 H15 N4 O2 1'      175.209 
ASN 'L-peptide linking' y ASPARAGINE      ? 'C4 H8 N2 O3'         132.118 
ASP 'L-peptide linking' y 'ASPARTIC ACID' ? 'C4 H7 N O4'          133.103 
COA non-polymer         . 'COENZYME A'    ? 'C21 H36 N7 O16 P3 S' 767.534 
CYS 'L-peptide linking' y CYSTEINE        ? 'C3 H7 N O2 S'        121.158 
GLN 'L-peptide linking' y GLUTAMINE       ? 'C5 H10 N2 O3'        146.144 
GLU 'L-peptide linking' y 'GLUTAMIC ACID' ? 'C5 H9 N O4'          147.129 
GLY 'peptide linking'   y GLYCINE         ? 'C2 H5 N O2'          75.067  
HIS 'L-peptide linking' y HISTIDINE       ? 'C6 H10 N3 O2 1'      156.162 
HOH non-polymer         . WATER           ? 'H2 O'                18.015  
ILE 'L-peptide linking' y ISOLEUCINE      ? 'C6 H13 N O2'         131.173 
LEU 'L-peptide linking' y LEUCINE         ? 'C6 H13 N O2'         131.173 
LYS 'L-peptide linking' y LYSINE          ? 'C6 H15 N2 O2 1'      147.195 
MET 'L-peptide linking' y METHIONINE      ? 'C5 H11 N O2 S'       149.211 
PHE 'L-peptide linking' y PHENYLALANINE   ? 'C9 H11 N O2'         165.189 
PRO 'L-peptide linking' y PROLINE         ? 'C5 H9 N O2'          115.130 
SER 'L-peptide linking' y SERINE          ? 'C3 H7 N O3'          105.093 
THR 'L-peptide linking' y THREONINE       ? 'C4 H9 N O3'          119.119 
TYR 'L-peptide linking' y TYROSINE        ? 'C9 H11 N O3'         181.189 
VAL 'L-peptide linking' y VALINE          ? 'C5 H11 N O2'         117.146 
# 
_exptl.absorpt_coefficient_mu     ? 
_exptl.absorpt_correction_T_max   ? 
_exptl.absorpt_correction_T_min   ? 
_exptl.absorpt_correction_type    ? 
_exptl.absorpt_process_details    ? 
_exptl.entry_id                   4U9Z 
_exptl.crystals_number            1 
_exptl.details                    ? 
_exptl.method                     'X-RAY DIFFRACTION' 
_exptl.method_details             ? 
# 
_exptl_crystal.colour                      ? 
_exptl_crystal.density_diffrn              ? 
_exptl_crystal.density_Matthews            2.02 
_exptl_crystal.density_method              ? 
_exptl_crystal.density_percent_sol         39.16 
_exptl_crystal.description                 ? 
_exptl_crystal.F_000                       ? 
_exptl_crystal.id                          1 
_exptl_crystal.preparation                 ? 
_exptl_crystal.size_max                    ? 
_exptl_crystal.size_mid                    ? 
_exptl_crystal.size_min                    ? 
_exptl_crystal.size_rad                    ? 
_exptl_crystal.colour_lustre               ? 
_exptl_crystal.colour_modifier             ? 
_exptl_crystal.colour_primary              ? 
_exptl_crystal.density_meas                ? 
_exptl_crystal.density_meas_esd            ? 
_exptl_crystal.density_meas_gt             ? 
_exptl_crystal.density_meas_lt             ? 
_exptl_crystal.density_meas_temp           ? 
_exptl_crystal.density_meas_temp_esd       ? 
_exptl_crystal.density_meas_temp_gt        ? 
_exptl_crystal.density_meas_temp_lt        ? 
_exptl_crystal.pdbx_crystal_image_url      ? 
_exptl_crystal.pdbx_crystal_image_format   ? 
_exptl_crystal.pdbx_mosaicity              ? 
_exptl_crystal.pdbx_mosaicity_esd          ? 
# 
_exptl_crystal_grow.apparatus       ? 
_exptl_crystal_grow.atmosphere      ? 
_exptl_crystal_grow.crystal_id      1 
_exptl_crystal_grow.details         ? 
_exptl_crystal_grow.method          'VAPOR DIFFUSION, HANGING DROP' 
_exptl_crystal_grow.method_ref      ? 
_exptl_crystal_grow.pH              9.0 
_exptl_crystal_grow.pressure        ? 
_exptl_crystal_grow.pressure_esd    ? 
_exptl_crystal_grow.seeding         ? 
_exptl_crystal_grow.seeding_ref     ? 
_exptl_crystal_grow.temp            293 
_exptl_crystal_grow.temp_details    ? 
_exptl_crystal_grow.temp_esd        ? 
_exptl_crystal_grow.time            ? 
_exptl_crystal_grow.pdbx_details    '0.1M Tris, 25% PEG 3350' 
_exptl_crystal_grow.pdbx_pH_range   ? 
# 
_diffrn.ambient_environment    ? 
_diffrn.ambient_temp           95 
_diffrn.ambient_temp_details   ? 
_diffrn.ambient_temp_esd       ? 
_diffrn.crystal_id             1 
_diffrn.crystal_support        ? 
_diffrn.crystal_treatment      ? 
_diffrn.details                ? 
_diffrn.id                     1 
_diffrn.ambient_pressure       ? 
_diffrn.ambient_pressure_esd   ? 
_diffrn.ambient_pressure_gt    ? 
_diffrn.ambient_pressure_lt    ? 
_diffrn.ambient_temp_gt        ? 
_diffrn.ambient_temp_lt        ? 
# 
_diffrn_detector.details                      ? 
_diffrn_detector.detector                     CCD 
_diffrn_detector.diffrn_id                    1 
_diffrn_detector.type                         'ADSC QUANTUM 315r' 
_diffrn_detector.area_resol_mean              ? 
_diffrn_detector.dtime                        ? 
_diffrn_detector.pdbx_frames_total            ? 
_diffrn_detector.pdbx_collection_time_total   ? 
_diffrn_detector.pdbx_collection_date         2012-06-23 
# 
_diffrn_radiation.collimation                      ? 
_diffrn_radiation.diffrn_id                        1 
_diffrn_radiation.filter_edge                      ? 
_diffrn_radiation.inhomogeneity                    ? 
_diffrn_radiation.monochromator                    ? 
_diffrn_radiation.polarisn_norm                    ? 
_diffrn_radiation.polarisn_ratio                   ? 
_diffrn_radiation.probe                            ? 
_diffrn_radiation.type                             ? 
_diffrn_radiation.xray_symbol                      ? 
_diffrn_radiation.wavelength_id                    1 
_diffrn_radiation.pdbx_monochromatic_or_laue_m_l   M 
_diffrn_radiation.pdbx_wavelength_list             ? 
_diffrn_radiation.pdbx_wavelength                  ? 
_diffrn_radiation.pdbx_diffrn_protocol             'SINGLE WAVELENGTH' 
_diffrn_radiation.pdbx_analyzer                    ? 
_diffrn_radiation.pdbx_scattering_type             x-ray 
# 
_diffrn_radiation_wavelength.id           1 
_diffrn_radiation_wavelength.wavelength   1.000 
_diffrn_radiation_wavelength.wt           1.0 
# 
_diffrn_source.current                     ? 
_diffrn_source.details                     ? 
_diffrn_source.diffrn_id                   1 
_diffrn_source.power                       ? 
_diffrn_source.size                        ? 
_diffrn_source.source                      SYNCHROTRON 
_diffrn_source.target                      ? 
_diffrn_source.type                        'PHOTON FACTORY BEAMLINE BL-5A' 
_diffrn_source.voltage                     ? 
_diffrn_source.take-off_angle              ? 
_diffrn_source.pdbx_wavelength_list        1.000 
_diffrn_source.pdbx_wavelength             ? 
_diffrn_source.pdbx_synchrotron_beamline   BL-5A 
_diffrn_source.pdbx_synchrotron_site       'Photon Factory' 
# 
_reflns.B_iso_Wilson_estimate            20.390 
_reflns.entry_id                         4U9Z 
_reflns.data_reduction_details           ? 
_reflns.data_reduction_method            ? 
_reflns.d_resolution_high                1.800 
_reflns.d_resolution_low                 50.000 
_reflns.details                          ? 
_reflns.limit_h_max                      ? 
_reflns.limit_h_min                      ? 
_reflns.limit_k_max                      ? 
_reflns.limit_k_min                      ? 
_reflns.limit_l_max                      ? 
_reflns.limit_l_min                      ? 
_reflns.number_all                       ? 
_reflns.number_obs                       17372 
_reflns.observed_criterion               ? 
_reflns.observed_criterion_F_max         ? 
_reflns.observed_criterion_F_min         ? 
_reflns.observed_criterion_I_max         ? 
_reflns.observed_criterion_I_min         ? 
_reflns.observed_criterion_sigma_F       ? 
_reflns.observed_criterion_sigma_I       ? 
_reflns.percent_possible_obs             99.800 
_reflns.R_free_details                   ? 
_reflns.Rmerge_F_all                     ? 
_reflns.Rmerge_F_obs                     ? 
_reflns.Friedel_coverage                 ? 
_reflns.number_gt                        ? 
_reflns.threshold_expression             ? 
_reflns.pdbx_redundancy                  3.700 
_reflns.pdbx_Rmerge_I_obs                0.084 
_reflns.pdbx_Rmerge_I_all                ? 
_reflns.pdbx_Rsym_value                  ? 
_reflns.pdbx_netI_over_av_sigmaI         12.121 
_reflns.pdbx_netI_over_sigmaI            11.200 
_reflns.pdbx_res_netI_over_av_sigmaI_2   ? 
_reflns.pdbx_res_netI_over_sigmaI_2      ? 
_reflns.pdbx_chi_squared                 1.042 
_reflns.pdbx_scaling_rejects             ? 
_reflns.pdbx_d_res_high_opt              ? 
_reflns.pdbx_d_res_low_opt               ? 
_reflns.pdbx_d_res_opt_method            ? 
_reflns.phase_calculation_details        ? 
_reflns.pdbx_Rrim_I_all                  ? 
_reflns.pdbx_Rpim_I_all                  ? 
_reflns.pdbx_d_opt                       ? 
_reflns.pdbx_number_measured_all         63548 
_reflns.pdbx_diffrn_id                   1 
_reflns.pdbx_ordinal                     1 
_reflns.pdbx_CC_half                     ? 
_reflns.pdbx_R_split                     ? 
# 
loop_
_reflns_shell.d_res_high 
_reflns_shell.d_res_low 
_reflns_shell.meanI_over_sigI_all 
_reflns_shell.meanI_over_sigI_obs 
_reflns_shell.number_measured_all 
_reflns_shell.number_measured_obs 
_reflns_shell.number_possible 
_reflns_shell.number_unique_all 
_reflns_shell.number_unique_obs 
_reflns_shell.percent_possible_all 
_reflns_shell.percent_possible_obs 
_reflns_shell.Rmerge_F_all 
_reflns_shell.Rmerge_F_obs 
_reflns_shell.Rmerge_I_all 
_reflns_shell.Rmerge_I_obs 
_reflns_shell.meanI_over_sigI_gt 
_reflns_shell.meanI_over_uI_all 
_reflns_shell.meanI_over_uI_gt 
_reflns_shell.number_measured_gt 
_reflns_shell.number_unique_gt 
_reflns_shell.percent_possible_gt 
_reflns_shell.Rmerge_F_gt 
_reflns_shell.Rmerge_I_gt 
_reflns_shell.pdbx_redundancy 
_reflns_shell.pdbx_Rsym_value 
_reflns_shell.pdbx_chi_squared 
_reflns_shell.pdbx_netI_over_sigmaI_all 
_reflns_shell.pdbx_netI_over_sigmaI_obs 
_reflns_shell.pdbx_Rrim_I_all 
_reflns_shell.pdbx_Rpim_I_all 
_reflns_shell.pdbx_rejects 
_reflns_shell.pdbx_ordinal 
_reflns_shell.pdbx_diffrn_id 
_reflns_shell.pdbx_CC_half 
_reflns_shell.pdbx_R_split 
1.800 1.830  ? ? ? ? ? 850 ? 100.000 ? ? ? ? 0.367 ? ? ? ? ? ? ? ? 3.600 ? 1.083 ? ? ? ? 0 1  1 ? ? 
1.830 1.860  ? ? ? ? ? 851 ? 100.000 ? ? ? ? 0.313 ? ? ? ? ? ? ? ? 3.700 ? 1.076 ? ? ? ? 0 2  1 ? ? 
1.860 1.900  ? ? ? ? ? 872 ? 100.000 ? ? ? ? 0.286 ? ? ? ? ? ? ? ? 3.600 ? 1.085 ? ? ? ? 0 3  1 ? ? 
1.900 1.940  ? ? ? ? ? 840 ? 100.000 ? ? ? ? 0.279 ? ? ? ? ? ? ? ? 3.700 ? 1.056 ? ? ? ? 0 4  1 ? ? 
1.940 1.980  ? ? ? ? ? 891 ? 100.000 ? ? ? ? 0.207 ? ? ? ? ? ? ? ? 3.700 ? 1.075 ? ? ? ? 0 5  1 ? ? 
1.980 2.030  ? ? ? ? ? 866 ? 100.000 ? ? ? ? 0.188 ? ? ? ? ? ? ? ? 3.600 ? 1.034 ? ? ? ? 0 6  1 ? ? 
2.030 2.080  ? ? ? ? ? 863 ? 100.000 ? ? ? ? 0.194 ? ? ? ? ? ? ? ? 3.700 ? 1.086 ? ? ? ? 0 7  1 ? ? 
2.080 2.130  ? ? ? ? ? 882 ? 100.000 ? ? ? ? 0.148 ? ? ? ? ? ? ? ? 3.700 ? 0.996 ? ? ? ? 0 8  1 ? ? 
2.130 2.200  ? ? ? ? ? 829 ? 100.000 ? ? ? ? 0.134 ? ? ? ? ? ? ? ? 3.700 ? 1.022 ? ? ? ? 0 9  1 ? ? 
2.200 2.270  ? ? ? ? ? 862 ? 100.000 ? ? ? ? 0.159 ? ? ? ? ? ? ? ? 3.700 ? 1.058 ? ? ? ? 0 10 1 ? ? 
2.270 2.350  ? ? ? ? ? 854 ? 100.000 ? ? ? ? 0.121 ? ? ? ? ? ? ? ? 3.700 ? 0.963 ? ? ? ? 0 11 1 ? ? 
2.350 2.440  ? ? ? ? ? 876 ? 100.000 ? ? ? ? 0.112 ? ? ? ? ? ? ? ? 3.700 ? 0.999 ? ? ? ? 0 12 1 ? ? 
2.440 2.550  ? ? ? ? ? 875 ? 100.000 ? ? ? ? 0.105 ? ? ? ? ? ? ? ? 3.700 ? 1.018 ? ? ? ? 0 13 1 ? ? 
2.550 2.690  ? ? ? ? ? 871 ? 100.000 ? ? ? ? 0.100 ? ? ? ? ? ? ? ? 3.700 ? 1.043 ? ? ? ? 0 14 1 ? ? 
2.690 2.860  ? ? ? ? ? 870 ? 100.000 ? ? ? ? 0.089 ? ? ? ? ? ? ? ? 3.700 ? 1.068 ? ? ? ? 0 15 1 ? ? 
2.860 3.080  ? ? ? ? ? 877 ? 100.000 ? ? ? ? 0.078 ? ? ? ? ? ? ? ? 3.700 ? 1.083 ? ? ? ? 0 16 1 ? ? 
3.080 3.390  ? ? ? ? ? 876 ? 100.000 ? ? ? ? 0.071 ? ? ? ? ? ? ? ? 3.700 ? 0.978 ? ? ? ? 0 17 1 ? ? 
3.390 3.880  ? ? ? ? ? 876 ? 99.900  ? ? ? ? 0.064 ? ? ? ? ? ? ? ? 3.700 ? 1.081 ? ? ? ? 0 18 1 ? ? 
3.880 4.880  ? ? ? ? ? 890 ? 99.200  ? ? ? ? 0.055 ? ? ? ? ? ? ? ? 3.600 ? 0.991 ? ? ? ? 0 19 1 ? ? 
4.880 50.000 ? ? ? ? ? 901 ? 97.200  ? ? ? ? 0.057 ? ? ? ? ? ? ? ? 3.400 ? 1.038 ? ? ? ? 0 20 1 ? ? 
# 
_refine.aniso_B[1][1]                            ? 
_refine.aniso_B[1][2]                            ? 
_refine.aniso_B[1][3]                            ? 
_refine.aniso_B[2][2]                            ? 
_refine.aniso_B[2][3]                            ? 
_refine.aniso_B[3][3]                            ? 
_refine.B_iso_max                                77.010 
_refine.B_iso_mean                               25.1548 
_refine.B_iso_min                                8.620 
_refine.correlation_coeff_Fo_to_Fc               ? 
_refine.correlation_coeff_Fo_to_Fc_free          ? 
_refine.details                                  ? 
_refine.diff_density_max                         ? 
_refine.diff_density_max_esd                     ? 
_refine.diff_density_min                         ? 
_refine.diff_density_min_esd                     ? 
_refine.diff_density_rms                         ? 
_refine.diff_density_rms_esd                     ? 
_refine.entry_id                                 4U9Z 
_refine.pdbx_refine_id                           'X-RAY DIFFRACTION' 
_refine.ls_abs_structure_details                 ? 
_refine.ls_abs_structure_Flack                   ? 
_refine.ls_abs_structure_Flack_esd               ? 
_refine.ls_abs_structure_Rogers                  ? 
_refine.ls_abs_structure_Rogers_esd              ? 
_refine.ls_d_res_high                            1.8020 
_refine.ls_d_res_low                             31.9760 
_refine.ls_extinction_coef                       ? 
_refine.ls_extinction_coef_esd                   ? 
_refine.ls_extinction_expression                 ? 
_refine.ls_extinction_method                     ? 
_refine.ls_goodness_of_fit_all                   ? 
_refine.ls_goodness_of_fit_all_esd               ? 
_refine.ls_goodness_of_fit_obs                   ? 
_refine.ls_goodness_of_fit_obs_esd               ? 
_refine.ls_hydrogen_treatment                    ? 
_refine.ls_matrix_type                           ? 
_refine.ls_number_constraints                    ? 
_refine.ls_number_parameters                     ? 
_refine.ls_number_reflns_all                     ? 
_refine.ls_number_reflns_obs                     17360 
_refine.ls_number_reflns_R_free                  878 
_refine.ls_number_reflns_R_work                  16482 
_refine.ls_number_restraints                     ? 
_refine.ls_percent_reflns_obs                    99.5700 
_refine.ls_percent_reflns_R_free                 5.0600 
_refine.ls_R_factor_all                          ? 
_refine.ls_R_factor_obs                          0.2181 
_refine.ls_R_factor_R_free                       0.2578 
_refine.ls_R_factor_R_free_error                 ? 
_refine.ls_R_factor_R_free_error_details         ? 
_refine.ls_R_factor_R_work                       0.2159 
_refine.ls_R_Fsqd_factor_obs                     ? 
_refine.ls_R_I_factor_obs                        ? 
_refine.ls_redundancy_reflns_all                 ? 
_refine.ls_redundancy_reflns_obs                 ? 
_refine.ls_restrained_S_all                      ? 
_refine.ls_restrained_S_obs                      ? 
_refine.ls_shift_over_esd_max                    ? 
_refine.ls_shift_over_esd_mean                   ? 
_refine.ls_structure_factor_coef                 ? 
_refine.ls_weighting_details                     ? 
_refine.ls_weighting_scheme                      ? 
_refine.ls_wR_factor_all                         ? 
_refine.ls_wR_factor_obs                         ? 
_refine.ls_wR_factor_R_free                      ? 
_refine.ls_wR_factor_R_work                      ? 
_refine.occupancy_max                            ? 
_refine.occupancy_min                            ? 
_refine.solvent_model_details                    'FLAT BULK SOLVENT MODEL' 
_refine.solvent_model_param_bsol                 ? 
_refine.solvent_model_param_ksol                 ? 
_refine.ls_R_factor_gt                           ? 
_refine.ls_goodness_of_fit_gt                    ? 
_refine.ls_goodness_of_fit_ref                   ? 
_refine.ls_shift_over_su_max                     ? 
_refine.ls_shift_over_su_max_lt                  ? 
_refine.ls_shift_over_su_mean                    ? 
_refine.ls_shift_over_su_mean_lt                 ? 
_refine.pdbx_ls_sigma_I                          ? 
_refine.pdbx_ls_sigma_F                          1.350 
_refine.pdbx_ls_sigma_Fsqd                       ? 
_refine.pdbx_data_cutoff_high_absF               ? 
_refine.pdbx_data_cutoff_high_rms_absF           ? 
_refine.pdbx_data_cutoff_low_absF                ? 
_refine.pdbx_isotropic_thermal_model             ? 
_refine.pdbx_ls_cross_valid_method               'FREE R-VALUE' 
_refine.pdbx_method_to_determine_struct          'MOLECULAR REPLACEMENT' 
_refine.pdbx_starting_model                      3VWD 
_refine.pdbx_stereochemistry_target_values       ML 
_refine.pdbx_R_Free_selection_details            ? 
_refine.pdbx_stereochem_target_val_spec_case     ? 
_refine.pdbx_overall_ESU_R                       ? 
_refine.pdbx_overall_ESU_R_Free                  ? 
_refine.pdbx_solvent_vdw_probe_radii             1.1000 
_refine.pdbx_solvent_ion_probe_radii             ? 
_refine.pdbx_solvent_shrinkage_radii             0.7000 
_refine.pdbx_real_space_R                        ? 
_refine.pdbx_density_correlation                 ? 
_refine.pdbx_pd_number_of_powder_patterns        ? 
_refine.pdbx_pd_number_of_points                 ? 
_refine.pdbx_pd_meas_number_of_points            ? 
_refine.pdbx_pd_proc_ls_prof_R_factor            ? 
_refine.pdbx_pd_proc_ls_prof_wR_factor           ? 
_refine.pdbx_pd_Marquardt_correlation_coeff      ? 
_refine.pdbx_pd_Fsqrd_R_factor                   ? 
_refine.pdbx_pd_ls_matrix_band_width             ? 
_refine.pdbx_overall_phase_error                 29.1000 
_refine.pdbx_overall_SU_R_free_Cruickshank_DPI   ? 
_refine.pdbx_overall_SU_R_free_Blow_DPI          ? 
_refine.pdbx_overall_SU_R_Blow_DPI               ? 
_refine.pdbx_TLS_residual_ADP_flag               ? 
_refine.pdbx_diffrn_id                           1 
_refine.overall_SU_B                             ? 
_refine.overall_SU_ML                            0.2300 
_refine.overall_SU_R_Cruickshank_DPI             ? 
_refine.overall_SU_R_free                        ? 
_refine.overall_FOM_free_R_set                   ? 
_refine.overall_FOM_work_R_set                   ? 
# 
_refine_hist.cycle_id                         final 
_refine_hist.pdbx_refine_id                   'X-RAY DIFFRACTION' 
_refine_hist.d_res_high                       1.8020 
_refine_hist.d_res_low                        31.9760 
_refine_hist.pdbx_number_atoms_ligand         48 
_refine_hist.number_atoms_solvent             102 
_refine_hist.number_atoms_total               1611 
_refine_hist.pdbx_number_residues_total       182 
_refine_hist.pdbx_B_iso_mean_ligand           26.41 
_refine_hist.pdbx_B_iso_mean_solvent          31.76 
_refine_hist.pdbx_number_atoms_protein        1461 
_refine_hist.pdbx_number_atoms_nucleic_acid   0 
# 
loop_
_refine_ls_restr.pdbx_refine_id 
_refine_ls_restr.criterion 
_refine_ls_restr.dev_ideal 
_refine_ls_restr.dev_ideal_target 
_refine_ls_restr.number 
_refine_ls_restr.rejects 
_refine_ls_restr.type 
_refine_ls_restr.weight 
_refine_ls_restr.pdbx_restraint_function 
'X-RAY DIFFRACTION' ? 0.010  ? 1605 ? f_bond_d           ? ? 
'X-RAY DIFFRACTION' ? 1.331  ? 2185 ? f_angle_d          ? ? 
'X-RAY DIFFRACTION' ? 0.059  ? 237  ? f_chiral_restr     ? ? 
'X-RAY DIFFRACTION' ? 0.006  ? 283  ? f_plane_restr      ? ? 
'X-RAY DIFFRACTION' ? 18.998 ? 616  ? f_dihedral_angle_d ? ? 
# 
loop_
_refine_ls_shell.pdbx_refine_id 
_refine_ls_shell.d_res_high 
_refine_ls_shell.d_res_low 
_refine_ls_shell.number_reflns_all 
_refine_ls_shell.number_reflns_obs 
_refine_ls_shell.number_reflns_R_free 
_refine_ls_shell.number_reflns_R_work 
_refine_ls_shell.percent_reflns_obs 
_refine_ls_shell.percent_reflns_R_free 
_refine_ls_shell.R_factor_all 
_refine_ls_shell.R_factor_obs 
_refine_ls_shell.R_factor_R_free 
_refine_ls_shell.R_factor_R_free_error 
_refine_ls_shell.R_factor_R_work 
_refine_ls_shell.redundancy_reflns_all 
_refine_ls_shell.redundancy_reflns_obs 
_refine_ls_shell.wR_factor_all 
_refine_ls_shell.wR_factor_obs 
_refine_ls_shell.wR_factor_R_free 
_refine_ls_shell.wR_factor_R_work 
_refine_ls_shell.pdbx_total_number_of_bins_used 
_refine_ls_shell.pdbx_phase_error 
'X-RAY DIFFRACTION' 1.8015 1.9144  2837 . 153 2684 99.0000  . . . 0.3104 . 0.2381 . . . . . . 6 . 
'X-RAY DIFFRACTION' 1.9144 2.0621  2855 . 132 2723 100.0000 . . . 0.2650 . 0.2331 . . . . . . 6 . 
'X-RAY DIFFRACTION' 2.0621 2.2696  2884 . 154 2730 100.0000 . . . 0.3117 . 0.2200 . . . . . . 6 . 
'X-RAY DIFFRACTION' 2.2696 2.5979  2901 . 134 2767 100.0000 . . . 0.2920 . 0.2235 . . . . . . 6 . 
'X-RAY DIFFRACTION' 2.5979 3.2726  2915 . 147 2768 100.0000 . . . 0.2930 . 0.2260 . . . . . . 6 . 
'X-RAY DIFFRACTION' 3.2726 31.9807 2968 . 158 2810 99.0000  . . . 0.2018 . 0.1984 . . . . . . 6 . 
# 
_struct.entry_id                     4U9Z 
_struct.title                        'Structure of the alpha-tubulin acetyltransferase alpha-TAT1/Mec-17 in complex with CoA' 
_struct.pdbx_model_details           ? 
_struct.pdbx_formula_weight          ? 
_struct.pdbx_formula_weight_method   ? 
_struct.pdbx_model_type_details      ? 
_struct.pdbx_CASP_flag               ? 
# 
_struct_keywords.entry_id        4U9Z 
_struct_keywords.text            'GNAT superfamily fold, TRANSFERASE' 
_struct_keywords.pdbx_keywords   TRANSFERASE 
# 
loop_
_struct_asym.id 
_struct_asym.pdbx_blank_PDB_chainid_flag 
_struct_asym.pdbx_modified 
_struct_asym.entity_id 
_struct_asym.details 
A N N 1 ? 
B N N 2 ? 
C N N 3 ? 
# 
loop_
_struct_conf.conf_type_id 
_struct_conf.id 
_struct_conf.pdbx_PDB_helix_id 
_struct_conf.beg_label_comp_id 
_struct_conf.beg_label_asym_id 
_struct_conf.beg_label_seq_id 
_struct_conf.pdbx_beg_PDB_ins_code 
_struct_conf.end_label_comp_id 
_struct_conf.end_label_asym_id 
_struct_conf.end_label_seq_id 
_struct_conf.pdbx_end_PDB_ins_code 
_struct_conf.beg_auth_comp_id 
_struct_conf.beg_auth_asym_id 
_struct_conf.beg_auth_seq_id 
_struct_conf.end_auth_comp_id 
_struct_conf.end_auth_asym_id 
_struct_conf.end_auth_seq_id 
_struct_conf.pdbx_PDB_helix_class 
_struct_conf.details 
_struct_conf.pdbx_PDB_helix_length 
HELX_P HELX_P1 AA1 ASP A 10  ? PHE A 15  ? ASP A 6   PHE A 11  1 ? 6  
HELX_P HELX_P2 AA2 ALA A 39  ? GLN A 62  ? ALA A 35  GLN A 58  1 ? 24 
HELX_P HELX_P3 AA3 SER A 70  ? ARG A 78  ? SER A 66  ARG A 74  1 ? 9  
HELX_P HELX_P4 AA4 GLU A 132 ? GLN A 135 ? GLU A 128 GLN A 131 5 ? 4  
HELX_P HELX_P5 AA5 GLY A 138 ? ARG A 152 ? GLY A 134 ARG A 148 1 ? 15 
HELX_P HELX_P6 AA6 GLU A 154 ? LEU A 158 ? GLU A 150 LEU A 154 5 ? 5  
HELX_P HELX_P7 AA7 SER A 164 ? ASN A 176 ? SER A 160 ASN A 172 1 ? 13 
# 
_struct_conf_type.id          HELX_P 
_struct_conf_type.criteria    ? 
_struct_conf_type.reference   ? 
# 
loop_
_struct_sheet.id 
_struct_sheet.type 
_struct_sheet.number_strands 
_struct_sheet.details 
AA1 ? 7 ? 
AA2 ? 2 ? 
# 
loop_
_struct_sheet_order.sheet_id 
_struct_sheet_order.range_id_1 
_struct_sheet_order.range_id_2 
_struct_sheet_order.offset 
_struct_sheet_order.sense 
AA1 1 2 ? anti-parallel 
AA1 2 3 ? anti-parallel 
AA1 3 4 ? anti-parallel 
AA1 4 5 ? parallel      
AA1 5 6 ? anti-parallel 
AA1 6 7 ? anti-parallel 
AA2 1 2 ? anti-parallel 
# 
loop_
_struct_sheet_range.sheet_id 
_struct_sheet_range.id 
_struct_sheet_range.beg_label_comp_id 
_struct_sheet_range.beg_label_asym_id 
_struct_sheet_range.beg_label_seq_id 
_struct_sheet_range.pdbx_beg_PDB_ins_code 
_struct_sheet_range.end_label_comp_id 
_struct_sheet_range.end_label_asym_id 
_struct_sheet_range.end_label_seq_id 
_struct_sheet_range.pdbx_end_PDB_ins_code 
_struct_sheet_range.beg_auth_comp_id 
_struct_sheet_range.beg_auth_asym_id 
_struct_sheet_range.beg_auth_seq_id 
_struct_sheet_range.end_auth_comp_id 
_struct_sheet_range.end_auth_asym_id 
_struct_sheet_range.end_auth_seq_id 
AA1 1 ILE A 19  ? LEU A 22  ? ILE A 15  LEU A 18  
AA1 2 VAL A 80  ? LYS A 85  ? VAL A 76  LYS A 81  
AA1 3 ILE A 97  ? TYR A 105 ? ILE A 93  TYR A 101 
AA1 4 LEU A 123 ? ILE A 130 ? LEU A 119 ILE A 126 
AA1 5 ALA A 159 ? ASP A 161 ? ALA A 155 ASP A 157 
AA1 6 PHE A 187 ? PHE A 190 ? PHE A 183 PHE A 186 
AA1 7 THR A 180 ? VAL A 181 ? THR A 176 VAL A 177 
AA2 1 LEU A 108 ? LEU A 111 ? LEU A 104 LEU A 107 
AA2 2 HIS A 117 ? VAL A 120 ? HIS A 113 VAL A 116 
# 
loop_
_pdbx_struct_sheet_hbond.sheet_id 
_pdbx_struct_sheet_hbond.range_id_1 
_pdbx_struct_sheet_hbond.range_id_2 
_pdbx_struct_sheet_hbond.range_1_label_atom_id 
_pdbx_struct_sheet_hbond.range_1_label_comp_id 
_pdbx_struct_sheet_hbond.range_1_label_asym_id 
_pdbx_struct_sheet_hbond.range_1_label_seq_id 
_pdbx_struct_sheet_hbond.range_1_PDB_ins_code 
_pdbx_struct_sheet_hbond.range_1_auth_atom_id 
_pdbx_struct_sheet_hbond.range_1_auth_comp_id 
_pdbx_struct_sheet_hbond.range_1_auth_asym_id 
_pdbx_struct_sheet_hbond.range_1_auth_seq_id 
_pdbx_struct_sheet_hbond.range_2_label_atom_id 
_pdbx_struct_sheet_hbond.range_2_label_comp_id 
_pdbx_struct_sheet_hbond.range_2_label_asym_id 
_pdbx_struct_sheet_hbond.range_2_label_seq_id 
_pdbx_struct_sheet_hbond.range_2_PDB_ins_code 
_pdbx_struct_sheet_hbond.range_2_auth_atom_id 
_pdbx_struct_sheet_hbond.range_2_auth_comp_id 
_pdbx_struct_sheet_hbond.range_2_auth_asym_id 
_pdbx_struct_sheet_hbond.range_2_auth_seq_id 
AA1 1 2 N LEU A 22  ? N LEU A 18  O VAL A 81  ? O VAL A 77  
AA1 2 3 N TYR A 82  ? N TYR A 78  O ILE A 101 ? O ILE A 97  
AA1 3 4 N LYS A 102 ? N LYS A 98  O ASP A 127 ? O ASP A 123 
AA1 4 5 N ILE A 125 ? N ILE A 121 O ASP A 161 ? O ASP A 157 
AA1 5 6 N ILE A 160 ? N ILE A 156 O VAL A 188 ? O VAL A 184 
AA1 6 7 O ILE A 189 ? O ILE A 185 N VAL A 181 ? N VAL A 177 
AA2 1 2 N LEU A 108 ? N LEU A 104 O VAL A 120 ? O VAL A 116 
# 
_struct_site.id                   AC1 
_struct_site.pdbx_evidence_code   Software 
_struct_site.pdbx_auth_asym_id    A 
_struct_site.pdbx_auth_comp_id    COA 
_struct_site.pdbx_auth_seq_id     201 
_struct_site.pdbx_auth_ins_code   ? 
_struct_site.pdbx_num_residues    20 
_struct_site.details              'binding site for residue COA A 201' 
# 
loop_
_struct_site_gen.id 
_struct_site_gen.site_id 
_struct_site_gen.pdbx_num_res 
_struct_site_gen.label_comp_id 
_struct_site_gen.label_asym_id 
_struct_site_gen.label_seq_id 
_struct_site_gen.pdbx_auth_ins_code 
_struct_site_gen.auth_comp_id 
_struct_site_gen.auth_asym_id 
_struct_site_gen.auth_seq_id 
_struct_site_gen.label_atom_id 
_struct_site_gen.label_alt_id 
_struct_site_gen.symmetry 
_struct_site_gen.details 
1  AC1 20 GLN A 62  ? GLN A 58  . ? 1_555 ? 
2  AC1 20 PHE A 128 ? PHE A 124 . ? 1_555 ? 
3  AC1 20 TYR A 129 ? TYR A 125 . ? 1_555 ? 
4  AC1 20 ILE A 130 ? ILE A 126 . ? 1_555 ? 
5  AC1 20 GLN A 135 ? GLN A 131 . ? 1_555 ? 
6  AC1 20 ARG A 136 ? ARG A 132 . ? 1_555 ? 
7  AC1 20 HIS A 137 ? HIS A 133 . ? 1_555 ? 
8  AC1 20 GLY A 138 ? GLY A 134 . ? 1_555 ? 
9  AC1 20 GLY A 140 ? GLY A 136 . ? 1_555 ? 
10 AC1 20 ARG A 141 ? ARG A 137 . ? 1_555 ? 
11 AC1 20 ARG A 162 ? ARG A 158 . ? 1_555 ? 
12 AC1 20 SER A 164 ? SER A 160 . ? 1_555 ? 
13 AC1 20 LYS A 166 ? LYS A 162 . ? 1_555 ? 
14 AC1 20 LEU A 167 ? LEU A 163 . ? 1_555 ? 
15 AC1 20 LYS A 169 ? LYS A 165 . ? 1_555 ? 
16 AC1 20 PHE A 170 ? PHE A 166 . ? 1_555 ? 
17 AC1 20 LYS A 173 ? LYS A 169 . ? 1_555 ? 
18 AC1 20 HIS A 174 ? HIS A 170 . ? 1_555 ? 
19 AC1 20 HOH C .   ? HOH A 358 . ? 1_555 ? 
20 AC1 20 HOH C .   ? HOH A 397 . ? 1_555 ? 
# 
_atom_sites.entry_id                    4U9Z 
_atom_sites.fract_transf_matrix[1][1]   0.00342299 
_atom_sites.fract_transf_matrix[1][2]   -0.02145663 
_atom_sites.fract_transf_matrix[1][3]   -0.00899935 
_atom_sites.fract_transf_matrix[2][1]   0.00240509 
_atom_sites.fract_transf_matrix[2][2]   -0.01090126 
_atom_sites.fract_transf_matrix[2][3]   0.02690604 
_atom_sites.fract_transf_matrix[3][1]   -0.01482609 
_atom_sites.fract_transf_matrix[3][2]   -0.00587363 
_atom_sites.fract_transf_matrix[3][3]   -0.00105448 
_atom_sites.fract_transf_vector[1]      0.077064 
_atom_sites.fract_transf_vector[2]      0.025169 
_atom_sites.fract_transf_vector[3]      0.248339 
# 
loop_
_atom_type.symbol 
C 
N 
O 
P 
S 
# 
loop_
_atom_site.group_PDB 
_atom_site.id 
_atom_site.type_symbol 
_atom_site.label_atom_id 
_atom_site.label_alt_id 
_atom_site.label_comp_id 
_atom_site.label_asym_id 
_atom_site.label_entity_id 
_atom_site.label_seq_id 
_atom_site.pdbx_PDB_ins_code 
_atom_site.Cartn_x 
_atom_site.Cartn_y 
_atom_site.Cartn_z 
_atom_site.occupancy 
_atom_site.B_iso_or_equiv 
_atom_site.pdbx_formal_charge 
_atom_site.auth_seq_id 
_atom_site.auth_comp_id 
_atom_site.auth_asym_id 
_atom_site.auth_atom_id 
_atom_site.pdbx_PDB_model_num 
ATOM   1    N N   . SER A 1 4   ? -3.178  -12.953 -12.581 1.00 57.93 ? 0   SER A N   1 
ATOM   2    C CA  . SER A 1 4   ? -2.543  -11.716 -12.131 1.00 52.57 ? 0   SER A CA  1 
ATOM   3    C C   . SER A 1 4   ? -2.099  -10.838 -13.310 1.00 47.87 ? 0   SER A C   1 
ATOM   4    O O   . SER A 1 4   ? -2.245  -11.219 -14.472 1.00 42.02 ? 0   SER A O   1 
ATOM   5    C CB  . SER A 1 4   ? -1.351  -12.036 -11.225 1.00 44.56 ? 0   SER A CB  1 
ATOM   6    O OG  . SER A 1 4   ? -0.494  -12.979 -11.845 1.00 47.87 ? 0   SER A OG  1 
ATOM   7    N N   . MET A 1 5   ? -1.551  -9.660  -13.011 1.00 50.29 ? 1   MET A N   1 
ATOM   8    C CA  . MET A 1 5   ? -1.234  -8.701  -14.072 1.00 47.89 ? 1   MET A CA  1 
ATOM   9    C C   . MET A 1 5   ? 0.177   -8.859  -14.637 1.00 41.88 ? 1   MET A C   1 
ATOM   10   O O   . MET A 1 5   ? 1.190   -8.784  -13.924 1.00 29.14 ? 1   MET A O   1 
ATOM   11   C CB  . MET A 1 5   ? -1.447  -7.257  -13.587 1.00 47.01 ? 1   MET A CB  1 
ATOM   12   C CG  . MET A 1 5   ? -0.705  -6.874  -12.326 1.00 36.87 ? 1   MET A CG  1 
ATOM   13   N N   . GLU A 1 6   ? 0.223   -9.072  -15.945 1.00 36.96 ? 2   GLU A N   1 
ATOM   14   C CA  . GLU A 1 6   ? 1.470   -9.279  -16.661 1.00 36.48 ? 2   GLU A CA  1 
ATOM   15   C C   . GLU A 1 6   ? 1.922   -8.042  -17.427 1.00 30.93 ? 2   GLU A C   1 
ATOM   16   O O   . GLU A 1 6   ? 1.117   -7.134  -17.711 1.00 33.70 ? 2   GLU A O   1 
ATOM   17   C CB  . GLU A 1 6   ? 1.315   -10.459 -17.610 1.00 37.38 ? 2   GLU A CB  1 
ATOM   18   C CG  . GLU A 1 6   ? 0.901   -11.707 -16.877 1.00 43.76 ? 2   GLU A CG  1 
ATOM   19   C CD  . GLU A 1 6   ? 0.462   -12.813 -17.803 1.00 50.65 ? 2   GLU A CD  1 
ATOM   20   O OE1 . GLU A 1 6   ? 1.122   -13.873 -17.799 1.00 47.32 ? 2   GLU A OE1 1 
ATOM   21   O OE2 . GLU A 1 6   ? -0.541  -12.619 -18.526 1.00 53.29 ? 2   GLU A OE2 1 
ATOM   22   N N   . PHE A 1 7   ? 3.215   -8.036  -17.761 1.00 28.34 ? 3   PHE A N   1 
ATOM   23   C CA  . PHE A 1 7   ? 3.910   -6.877  -18.314 1.00 35.28 ? 3   PHE A CA  1 
ATOM   24   C C   . PHE A 1 7   ? 4.770   -7.239  -19.511 1.00 31.68 ? 3   PHE A C   1 
ATOM   25   O O   . PHE A 1 7   ? 5.291   -8.350  -19.594 1.00 28.50 ? 3   PHE A O   1 
ATOM   26   C CB  . PHE A 1 7   ? 4.788   -6.232  -17.238 1.00 28.34 ? 3   PHE A CB  1 
ATOM   27   C CG  . PHE A 1 7   ? 4.002   -5.543  -16.181 1.00 27.71 ? 3   PHE A CG  1 
ATOM   28   C CD1 . PHE A 1 7   ? 3.526   -6.244  -15.092 1.00 25.88 ? 3   PHE A CD1 1 
ATOM   29   C CD2 . PHE A 1 7   ? 3.708   -4.204  -16.296 1.00 21.18 ? 3   PHE A CD2 1 
ATOM   30   C CE1 . PHE A 1 7   ? 2.773   -5.617  -14.132 1.00 16.16 ? 3   PHE A CE1 1 
ATOM   31   C CE2 . PHE A 1 7   ? 2.957   -3.568  -15.330 1.00 20.85 ? 3   PHE A CE2 1 
ATOM   32   C CZ  . PHE A 1 7   ? 2.488   -4.283  -14.246 1.00 20.14 ? 3   PHE A CZ  1 
ATOM   33   N N   . PRO A 1 8   ? 4.955   -6.287  -20.436 1.00 27.47 ? 4   PRO A N   1 
ATOM   34   C CA  . PRO A 1 8   ? 5.818   -6.542  -21.595 1.00 35.23 ? 4   PRO A CA  1 
ATOM   35   C C   . PRO A 1 8   ? 7.293   -6.717  -21.261 1.00 31.01 ? 4   PRO A C   1 
ATOM   36   O O   . PRO A 1 8   ? 8.122   -6.462  -22.129 1.00 41.04 ? 4   PRO A O   1 
ATOM   37   C CB  . PRO A 1 8   ? 5.625   -5.291  -22.455 1.00 39.50 ? 4   PRO A CB  1 
ATOM   38   C CG  . PRO A 1 8   ? 5.218   -4.228  -21.485 1.00 36.12 ? 4   PRO A CG  1 
ATOM   39   C CD  . PRO A 1 8   ? 4.325   -4.958  -20.505 1.00 30.35 ? 4   PRO A CD  1 
ATOM   40   N N   . PHE A 1 9   ? 7.626   -7.134  -20.041 1.00 26.19 ? 5   PHE A N   1 
ATOM   41   C CA  . PHE A 1 9   ? 9.025   -7.403  -19.688 1.00 27.19 ? 5   PHE A CA  1 
ATOM   42   C C   . PHE A 1 9   ? 9.100   -8.455  -18.577 1.00 30.12 ? 5   PHE A C   1 
ATOM   43   O O   . PHE A 1 9   ? 8.071   -8.927  -18.108 1.00 28.80 ? 5   PHE A O   1 
ATOM   44   C CB  . PHE A 1 9   ? 9.733   -6.117  -19.258 1.00 31.68 ? 5   PHE A CB  1 
ATOM   45   C CG  . PHE A 1 9   ? 8.919   -5.256  -18.351 1.00 24.79 ? 5   PHE A CG  1 
ATOM   46   C CD1 . PHE A 1 9   ? 8.747   -5.597  -17.017 1.00 28.06 ? 5   PHE A CD1 1 
ATOM   47   C CD2 . PHE A 1 9   ? 8.308   -4.117  -18.826 1.00 25.54 ? 5   PHE A CD2 1 
ATOM   48   C CE1 . PHE A 1 9   ? 7.995   -4.803  -16.183 1.00 20.96 ? 5   PHE A CE1 1 
ATOM   49   C CE2 . PHE A 1 9   ? 7.555   -3.316  -17.989 1.00 26.76 ? 5   PHE A CE2 1 
ATOM   50   C CZ  . PHE A 1 9   ? 7.394   -3.662  -16.670 1.00 26.28 ? 5   PHE A CZ  1 
ATOM   51   N N   . ASP A 1 10  ? 10.311  -8.805  -18.153 1.00 28.47 ? 6   ASP A N   1 
ATOM   52   C CA  . ASP A 1 10  ? 10.478  -9.897  -17.184 1.00 21.55 ? 6   ASP A CA  1 
ATOM   53   C C   . ASP A 1 10  ? 10.439  -9.389  -15.744 1.00 29.90 ? 6   ASP A C   1 
ATOM   54   O O   . ASP A 1 10  ? 11.398  -8.816  -15.242 1.00 30.88 ? 6   ASP A O   1 
ATOM   55   C CB  . ASP A 1 10  ? 11.782  -10.650 -17.438 1.00 32.11 ? 6   ASP A CB  1 
ATOM   56   C CG  . ASP A 1 10  ? 11.973  -11.819 -16.490 1.00 44.46 ? 6   ASP A CG  1 
ATOM   57   O OD1 . ASP A 1 10  ? 11.052  -12.114 -15.686 1.00 42.33 ? 6   ASP A OD1 1 
ATOM   58   O OD2 . ASP A 1 10  ? 13.044  -12.460 -16.558 1.00 41.24 ? 6   ASP A OD2 1 
ATOM   59   N N   . VAL A 1 11  ? 9.323   -9.648  -15.084 1.00 32.51 ? 7   VAL A N   1 
ATOM   60   C CA  . VAL A 1 11  ? 9.095   -9.199  -13.725 1.00 28.14 ? 7   VAL A CA  1 
ATOM   61   C C   . VAL A 1 11  ? 9.914   -10.015 -12.712 1.00 33.64 ? 7   VAL A C   1 
ATOM   62   O O   . VAL A 1 11  ? 10.349  -9.488  -11.693 1.00 20.64 ? 7   VAL A O   1 
ATOM   63   C CB  . VAL A 1 11  ? 7.577   -9.259  -13.413 1.00 26.88 ? 7   VAL A CB  1 
ATOM   64   C CG1 . VAL A 1 11  ? 7.297   -9.004  -11.959 1.00 29.13 ? 7   VAL A CG1 1 
ATOM   65   C CG2 . VAL A 1 11  ? 6.841   -8.257  -14.301 1.00 28.69 ? 7   VAL A CG2 1 
ATOM   66   N N   . ASP A 1 12  ? 10.171  -11.287 -13.009 1.00 26.65 ? 8   ASP A N   1 
ATOM   67   C CA  . ASP A 1 12  ? 10.888  -12.130 -12.059 1.00 22.80 ? 8   ASP A CA  1 
ATOM   68   C C   . ASP A 1 12  ? 12.319  -11.679 -11.939 1.00 28.51 ? 8   ASP A C   1 
ATOM   69   O O   . ASP A 1 12  ? 12.889  -11.670 -10.849 1.00 34.76 ? 8   ASP A O   1 
ATOM   70   C CB  . ASP A 1 12  ? 10.816  -13.600 -12.476 1.00 38.04 ? 8   ASP A CB  1 
ATOM   71   C CG  . ASP A 1 12  ? 9.589   -14.293 -11.934 1.00 37.28 ? 8   ASP A CG  1 
ATOM   72   O OD1 . ASP A 1 12  ? 9.291   -14.091 -10.734 1.00 29.08 ? 8   ASP A OD1 1 
ATOM   73   O OD2 . ASP A 1 12  ? 8.924   -15.029 -12.700 1.00 32.93 ? 8   ASP A OD2 1 
ATOM   74   N N   . ALA A 1 13  ? 12.895  -11.277 -13.065 1.00 30.97 ? 9   ALA A N   1 
ATOM   75   C CA  . ALA A 1 13  ? 14.251  -10.750 -13.088 1.00 30.19 ? 9   ALA A CA  1 
ATOM   76   C C   . ALA A 1 13  ? 14.348  -9.380  -12.388 1.00 26.92 ? 9   ALA A C   1 
ATOM   77   O O   . ALA A 1 13  ? 15.286  -9.125  -11.621 1.00 25.55 ? 9   ALA A O   1 
ATOM   78   C CB  . ALA A 1 13  ? 14.733  -10.648 -14.523 1.00 22.90 ? 9   ALA A CB  1 
ATOM   79   N N   . LEU A 1 14  ? 13.379  -8.509  -12.656 1.00 27.67 ? 10  LEU A N   1 
ATOM   80   C CA  . LEU A 1 14  ? 13.333  -7.169  -12.056 1.00 22.42 ? 10  LEU A CA  1 
ATOM   81   C C   . LEU A 1 14  ? 13.228  -7.228  -10.529 1.00 24.08 ? 10  LEU A C   1 
ATOM   82   O O   . LEU A 1 14  ? 14.027  -6.628  -9.801  1.00 21.35 ? 10  LEU A O   1 
ATOM   83   C CB  . LEU A 1 14  ? 12.150  -6.394  -12.632 1.00 23.44 ? 10  LEU A CB  1 
ATOM   84   C CG  . LEU A 1 14  ? 11.878  -4.985  -12.117 1.00 17.58 ? 10  LEU A CG  1 
ATOM   85   C CD1 . LEU A 1 14  ? 12.991  -4.076  -12.562 1.00 15.62 ? 10  LEU A CD1 1 
ATOM   86   C CD2 . LEU A 1 14  ? 10.519  -4.474  -12.656 1.00 23.75 ? 10  LEU A CD2 1 
ATOM   87   N N   . PHE A 1 15  ? 12.228  -7.981  -10.078 1.00 22.07 ? 11  PHE A N   1 
ATOM   88   C CA  . PHE A 1 15  ? 11.925  -8.220  -8.665  1.00 22.32 ? 11  PHE A CA  1 
ATOM   89   C C   . PHE A 1 15  ? 12.275  -9.649  -8.213  1.00 26.61 ? 11  PHE A C   1 
ATOM   90   O O   . PHE A 1 15  ? 11.429  -10.546 -8.239  1.00 22.97 ? 11  PHE A O   1 
ATOM   91   C CB  . PHE A 1 15  ? 10.431  -7.985  -8.421  1.00 17.55 ? 11  PHE A CB  1 
ATOM   92   C CG  . PHE A 1 15  ? 9.985   -6.542  -8.554  1.00 16.57 ? 11  PHE A CG  1 
ATOM   93   C CD1 . PHE A 1 15  ? 10.889  -5.496  -8.490  1.00 23.51 ? 11  PHE A CD1 1 
ATOM   94   C CD2 . PHE A 1 15  ? 8.634   -6.246  -8.708  1.00 22.38 ? 11  PHE A CD2 1 
ATOM   95   C CE1 . PHE A 1 15  ? 10.460  -4.173  -8.615  1.00 17.98 ? 11  PHE A CE1 1 
ATOM   96   C CE2 . PHE A 1 15  ? 8.192   -4.937  -8.827  1.00 18.14 ? 11  PHE A CE2 1 
ATOM   97   C CZ  . PHE A 1 15  ? 9.109   -3.897  -8.768  1.00 19.36 ? 11  PHE A CZ  1 
ATOM   98   N N   . PRO A 1 16  ? 13.519  -9.881  -7.796  1.00 29.70 ? 12  PRO A N   1 
ATOM   99   C CA  . PRO A 1 16  ? 13.847  -11.245 -7.366  1.00 26.26 ? 12  PRO A CA  1 
ATOM   100  C C   . PRO A 1 16  ? 13.161  -11.670 -6.059  1.00 31.56 ? 12  PRO A C   1 
ATOM   101  O O   . PRO A 1 16  ? 12.938  -12.863 -5.866  1.00 23.91 ? 12  PRO A O   1 
ATOM   102  C CB  . PRO A 1 16  ? 15.368  -11.201 -7.189  1.00 27.81 ? 12  PRO A CB  1 
ATOM   103  C CG  . PRO A 1 16  ? 15.711  -9.776  -7.066  1.00 29.38 ? 12  PRO A CG  1 
ATOM   104  C CD  . PRO A 1 16  ? 14.700  -9.010  -7.845  1.00 20.48 ? 12  PRO A CD  1 
ATOM   105  N N   . GLU A 1 17  ? 12.829  -10.728 -5.184  1.00 22.15 ? 13  GLU A N   1 
ATOM   106  C CA  . GLU A 1 17  ? 12.140  -11.086 -3.943  1.00 24.51 ? 13  GLU A CA  1 
ATOM   107  C C   . GLU A 1 17  ? 10.597  -11.147 -4.097  1.00 17.61 ? 13  GLU A C   1 
ATOM   108  O O   . GLU A 1 17  ? 10.017  -10.509 -4.981  1.00 18.99 ? 13  GLU A O   1 
ATOM   109  C CB  . GLU A 1 17  ? 12.533  -10.099 -2.832  1.00 25.69 ? 13  GLU A CB  1 
ATOM   110  C CG  . GLU A 1 17  ? 14.037  -9.922  -2.633  1.00 34.61 ? 13  GLU A CG  1 
ATOM   111  C CD  . GLU A 1 17  ? 14.721  -11.145 -2.043  1.00 53.62 ? 13  GLU A CD  1 
ATOM   112  O OE1 . GLU A 1 17  ? 14.055  -12.188 -1.862  1.00 53.03 ? 13  GLU A OE1 1 
ATOM   113  O OE2 . GLU A 1 17  ? 15.938  -11.061 -1.757  1.00 65.94 ? 13  GLU A OE2 1 
ATOM   114  N N   . ARG A 1 18  ? 9.936   -11.944 -3.261  1.00 17.71 ? 14  ARG A N   1 
ATOM   115  C CA  . ARG A 1 18  ? 8.475   -12.076 -3.357  1.00 17.50 ? 14  ARG A CA  1 
ATOM   116  C C   . ARG A 1 18  ? 7.790   -10.738 -3.064  1.00 21.34 ? 14  ARG A C   1 
ATOM   117  O O   . ARG A 1 18  ? 6.808   -10.361 -3.720  1.00 20.94 ? 14  ARG A O   1 
ATOM   118  C CB  . ARG A 1 18  ? 7.970   -13.161 -2.419  1.00 21.69 ? 14  ARG A CB  1 
ATOM   119  C CG  . ARG A 1 18  ? 8.329   -14.555 -2.912  1.00 32.70 ? 14  ARG A CG  1 
ATOM   120  C CD  . ARG A 1 18  ? 7.613   -15.641 -2.137  1.00 30.84 ? 14  ARG A CD  1 
ATOM   121  N NE  . ARG A 1 18  ? 6.158   -15.490 -2.148  1.00 36.10 ? 14  ARG A NE  1 
ATOM   122  C CZ  . ARG A 1 18  ? 5.466   -14.967 -1.145  1.00 32.18 ? 14  ARG A CZ  1 
ATOM   123  N NH1 . ARG A 1 18  ? 4.152   -14.883 -1.219  1.00 26.04 ? 14  ARG A NH1 1 
ATOM   124  N NH2 . ARG A 1 18  ? 6.100   -14.541 -0.060  1.00 28.19 ? 14  ARG A NH2 1 
ATOM   125  N N   . ILE A 1 19  ? 8.337   -10.026 -2.091  1.00 16.26 ? 15  ILE A N   1 
ATOM   126  C CA  . ILE A 1 19  ? 7.869   -8.686  -1.745  1.00 15.60 ? 15  ILE A CA  1 
ATOM   127  C C   . ILE A 1 19  ? 9.011   -7.666  -1.872  1.00 13.51 ? 15  ILE A C   1 
ATOM   128  O O   . ILE A 1 19  ? 10.057  -7.808  -1.234  1.00 18.39 ? 15  ILE A O   1 
ATOM   129  C CB  . ILE A 1 19  ? 7.286   -8.663  -0.323  1.00 18.12 ? 15  ILE A CB  1 
ATOM   130  C CG1 . ILE A 1 19  ? 6.049   -9.579  -0.264  1.00 12.24 ? 15  ILE A CG1 1 
ATOM   131  C CG2 . ILE A 1 19  ? 6.923   -7.224  0.075   1.00 23.25 ? 15  ILE A CG2 1 
ATOM   132  C CD1 . ILE A 1 19  ? 5.372   -9.676  1.095   1.00 16.91 ? 15  ILE A CD1 1 
ATOM   133  N N   . THR A 1 20  ? 8.811   -6.651  -2.727  1.00 14.12 ? 16  THR A N   1 
ATOM   134  C CA  . THR A 1 20  ? 9.859   -5.674  -3.013  1.00 11.18 ? 16  THR A CA  1 
ATOM   135  C C   . THR A 1 20  ? 9.433   -4.362  -2.367  1.00 18.10 ? 16  THR A C   1 
ATOM   136  O O   . THR A 1 20  ? 8.283   -3.946  -2.492  1.00 16.58 ? 16  THR A O   1 
ATOM   137  C CB  . THR A 1 20  ? 10.063  -5.510  -4.529  1.00 18.39 ? 16  THR A CB  1 
ATOM   138  O OG1 . THR A 1 20  ? 10.462  -6.778  -5.067  1.00 16.52 ? 16  THR A OG1 1 
ATOM   139  C CG2 . THR A 1 20  ? 11.142  -4.439  -4.841  1.00 19.63 ? 16  THR A CG2 1 
ATOM   140  N N   . VAL A 1 21  ? 10.348  -3.727  -1.657  1.00 12.48 ? 17  VAL A N   1 
ATOM   141  C CA  . VAL A 1 21  ? 10.001  -2.492  -0.951  1.00 12.57 ? 17  VAL A CA  1 
ATOM   142  C C   . VAL A 1 21  ? 10.672  -1.333  -1.690  1.00 20.83 ? 17  VAL A C   1 
ATOM   143  O O   . VAL A 1 21  ? 11.871  -1.404  -1.969  1.00 16.69 ? 17  VAL A O   1 
ATOM   144  C CB  . VAL A 1 21  ? 10.433  -2.589  0.528   1.00 22.18 ? 17  VAL A CB  1 
ATOM   145  C CG1 . VAL A 1 21  ? 10.003  -1.352  1.323   1.00 18.87 ? 17  VAL A CG1 1 
ATOM   146  C CG2 . VAL A 1 21  ? 9.829   -3.852  1.151   1.00 20.31 ? 17  VAL A CG2 1 
ATOM   147  N N   . LEU A 1 22  ? 9.891   -0.316  -2.084  1.00 16.91 ? 18  LEU A N   1 
ATOM   148  C CA  . LEU A 1 22  ? 10.426  0.800   -2.881  1.00 19.74 ? 18  LEU A CA  1 
ATOM   149  C C   . LEU A 1 22  ? 10.046  2.148   -2.277  1.00 13.51 ? 18  LEU A C   1 
ATOM   150  O O   . LEU A 1 22  ? 8.965   2.284   -1.666  1.00 19.77 ? 18  LEU A O   1 
ATOM   151  C CB  . LEU A 1 22  ? 9.926   0.719   -4.321  1.00 11.49 ? 18  LEU A CB  1 
ATOM   152  C CG  . LEU A 1 22  ? 10.403  -0.560  -5.048  1.00 16.92 ? 18  LEU A CG  1 
ATOM   153  C CD1 . LEU A 1 22  ? 9.675   -0.758  -6.386  1.00 23.46 ? 18  LEU A CD1 1 
ATOM   154  C CD2 . LEU A 1 22  ? 11.874  -0.493  -5.344  1.00 14.80 ? 18  LEU A CD2 1 
ATOM   155  N N   . ASP A 1 23  ? 10.947  3.121   -2.419  1.00 19.59 ? 19  ASP A N   1 
ATOM   156  C CA  . ASP A 1 23  ? 10.687  4.487   -1.960  1.00 20.71 ? 19  ASP A CA  1 
ATOM   157  C C   . ASP A 1 23  ? 10.876  5.436   -3.121  1.00 16.08 ? 19  ASP A C   1 
ATOM   158  O O   . ASP A 1 23  ? 10.928  4.997   -4.271  1.00 13.73 ? 19  ASP A O   1 
ATOM   159  C CB  . ASP A 1 23  ? 11.601  4.850   -0.770  1.00 16.97 ? 19  ASP A CB  1 
ATOM   160  C CG  . ASP A 1 23  ? 13.099  4.812   -1.111  1.00 33.33 ? 19  ASP A CG  1 
ATOM   161  O OD1 . ASP A 1 23  ? 13.503  4.782   -2.311  1.00 15.57 ? 19  ASP A OD1 1 
ATOM   162  O OD2 . ASP A 1 23  ? 13.897  4.831   -0.138  1.00 23.18 ? 19  ASP A OD2 1 
ATOM   163  N N   . GLN A 1 24  ? 11.032  6.729   -2.837  1.00 15.15 ? 20  GLN A N   1 
ATOM   164  C CA  . GLN A 1 24  ? 11.089  7.736   -3.896  1.00 19.32 ? 20  GLN A CA  1 
ATOM   165  C C   . GLN A 1 24  ? 12.236  7.509   -4.908  1.00 23.24 ? 20  GLN A C   1 
ATOM   166  O O   . GLN A 1 24  ? 12.128  7.929   -6.059  1.00 17.51 ? 20  GLN A O   1 
ATOM   167  C CB  . GLN A 1 24  ? 11.223  9.137   -3.286  1.00 14.99 ? 20  GLN A CB  1 
ATOM   168  C CG  . GLN A 1 24  ? 12.626  9.385   -2.651  1.00 22.22 ? 20  GLN A CG  1 
ATOM   169  C CD  . GLN A 1 24  ? 12.708  10.691  -1.879  1.00 36.72 ? 20  GLN A CD  1 
ATOM   170  O OE1 . GLN A 1 24  ? 12.465  11.767  -2.426  1.00 49.33 ? 20  GLN A OE1 1 
ATOM   171  N NE2 . GLN A 1 24  ? 13.043  10.599  -0.597  1.00 31.44 ? 20  GLN A NE2 1 
ATOM   172  N N   . HIS A 1 25  ? 13.310  6.832   -4.496  1.00 14.95 ? 21  HIS A N   1 
ATOM   173  C CA  . HIS A 1 25  ? 14.466  6.665   -5.381  1.00 15.94 ? 21  HIS A CA  1 
ATOM   174  C C   . HIS A 1 25  ? 14.269  5.534   -6.381  1.00 23.74 ? 21  HIS A C   1 
ATOM   175  O O   . HIS A 1 25  ? 15.046  5.403   -7.333  1.00 24.30 ? 21  HIS A O   1 
ATOM   176  C CB  . HIS A 1 25  ? 15.759  6.393   -4.559  1.00 15.99 ? 21  HIS A CB  1 
ATOM   177  C CG  . HIS A 1 25  ? 16.015  7.423   -3.505  1.00 22.97 ? 21  HIS A CG  1 
ATOM   178  N ND1 . HIS A 1 25  ? 15.883  7.159   -2.157  1.00 33.85 ? 21  HIS A ND1 1 
ATOM   179  C CD2 . HIS A 1 25  ? 16.367  8.724   -3.601  1.00 30.81 ? 21  HIS A CD2 1 
ATOM   180  C CE1 . HIS A 1 25  ? 16.152  8.251   -1.470  1.00 46.33 ? 21  HIS A CE1 1 
ATOM   181  N NE2 . HIS A 1 25  ? 16.452  9.220   -2.325  1.00 39.71 ? 21  HIS A NE2 1 
ATOM   182  N N   . LEU A 1 26  ? 13.232  4.730   -6.150  1.00 20.07 ? 22  LEU A N   1 
ATOM   183  C CA  . LEU A 1 26  ? 12.865  3.590   -7.010  1.00 23.42 ? 22  LEU A CA  1 
ATOM   184  C C   . LEU A 1 26  ? 14.048  2.780   -7.439  1.00 18.10 ? 22  LEU A C   1 
ATOM   185  O O   . LEU A 1 26  ? 14.270  2.600   -8.635  1.00 19.29 ? 22  LEU A O   1 
ATOM   186  C CB  . LEU A 1 26  ? 12.138  4.033   -8.269  1.00 16.78 ? 22  LEU A CB  1 
ATOM   187  C CG  . LEU A 1 26  ? 10.818  4.728   -8.012  1.00 16.82 ? 22  LEU A CG  1 
ATOM   188  C CD1 . LEU A 1 26  ? 10.330  5.310   -9.342  1.00 23.48 ? 22  LEU A CD1 1 
ATOM   189  C CD2 . LEU A 1 26  ? 9.840   3.723   -7.447  1.00 20.04 ? 22  LEU A CD2 1 
ATOM   190  N N   . ARG A 1 27  ? 14.774  2.258   -6.457  1.00 26.61 ? 23  ARG A N   1 
ATOM   191  C CA  . ARG A 1 27  ? 15.990  1.525   -6.715  1.00 20.80 ? 23  ARG A CA  1 
ATOM   192  C C   . ARG A 1 27  ? 15.686  0.142   -7.288  1.00 21.64 ? 23  ARG A C   1 
ATOM   193  O O   . ARG A 1 27  ? 15.018  -0.657  -6.656  1.00 18.68 ? 23  ARG A O   1 
ATOM   194  C CB  . ARG A 1 27  ? 16.812  1.403   -5.423  1.00 24.74 ? 23  ARG A CB  1 
ATOM   195  C CG  . ARG A 1 27  ? 18.112  0.660   -5.582  1.00 36.70 ? 23  ARG A CG  1 
ATOM   196  C CD  . ARG A 1 27  ? 18.943  0.768   -4.328  1.00 42.33 ? 23  ARG A CD  1 
ATOM   197  N NE  . ARG A 1 27  ? 19.378  2.139   -4.099  1.00 46.58 ? 23  ARG A NE  1 
ATOM   198  C CZ  . ARG A 1 27  ? 18.802  2.978   -3.248  1.00 37.83 ? 23  ARG A CZ  1 
ATOM   199  N NH1 . ARG A 1 27  ? 17.756  2.587   -2.532  1.00 45.96 ? 23  ARG A NH1 1 
ATOM   200  N NH2 . ARG A 1 27  ? 19.270  4.213   -3.113  1.00 51.29 ? 23  ARG A NH2 1 
ATOM   201  N N   . PRO A 1 28  ? 16.189  -0.148  -8.497  1.00 16.98 ? 24  PRO A N   1 
ATOM   202  C CA  . PRO A 1 28  ? 16.142  -1.533  -8.960  1.00 15.25 ? 24  PRO A CA  1 
ATOM   203  C C   . PRO A 1 28  ? 16.796  -2.472  -7.956  1.00 21.67 ? 24  PRO A C   1 
ATOM   204  O O   . PRO A 1 28  ? 17.901  -2.208  -7.487  1.00 26.89 ? 24  PRO A O   1 
ATOM   205  C CB  . PRO A 1 28  ? 16.919  -1.475  -10.281 1.00 14.38 ? 24  PRO A CB  1 
ATOM   206  C CG  . PRO A 1 28  ? 16.685  -0.079  -10.772 1.00 16.09 ? 24  PRO A CG  1 
ATOM   207  C CD  . PRO A 1 28  ? 16.804  0.735   -9.503  1.00 17.87 ? 24  PRO A CD  1 
ATOM   208  N N   . PRO A 1 29  ? 16.093  -3.559  -7.587  1.00 22.59 ? 25  PRO A N   1 
ATOM   209  C CA  . PRO A 1 29  ? 16.670  -4.478  -6.606  1.00 21.88 ? 25  PRO A CA  1 
ATOM   210  C C   . PRO A 1 29  ? 17.976  -5.069  -7.088  1.00 31.94 ? 25  PRO A C   1 
ATOM   211  O O   . PRO A 1 29  ? 18.181  -5.182  -8.281  1.00 22.99 ? 25  PRO A O   1 
ATOM   212  C CB  . PRO A 1 29  ? 15.592  -5.560  -6.457  1.00 24.39 ? 25  PRO A CB  1 
ATOM   213  C CG  . PRO A 1 29  ? 14.295  -4.821  -6.745  1.00 20.61 ? 25  PRO A CG  1 
ATOM   214  C CD  . PRO A 1 29  ? 14.648  -3.804  -7.821  1.00 15.83 ? 25  PRO A CD  1 
ATOM   215  N N   . ALA A 1 30  ? 18.846  -5.411  -6.151  1.00 31.11 ? 26  ALA A N   1 
ATOM   216  C CA  . ALA A 1 30  ? 20.123  -6.058  -6.445  1.00 50.70 ? 26  ALA A CA  1 
ATOM   217  C C   . ALA A 1 30  ? 19.958  -7.286  -7.336  1.00 41.36 ? 26  ALA A C   1 
ATOM   218  O O   . ALA A 1 30  ? 19.158  -8.178  -7.041  1.00 47.89 ? 26  ALA A O   1 
ATOM   219  C CB  . ALA A 1 30  ? 20.815  -6.440  -5.152  1.00 42.79 ? 26  ALA A CB  1 
ATOM   220  N N   . ARG A 1 31  ? 20.724  -7.310  -8.424  1.00 41.77 ? 27  ARG A N   1 
ATOM   221  C CA  . ARG A 1 31  ? 20.685  -8.389  -9.410  1.00 56.52 ? 27  ARG A CA  1 
ATOM   222  C C   . ARG A 1 31  ? 20.902  -9.767  -8.787  1.00 61.23 ? 27  ARG A C   1 
ATOM   223  O O   . ARG A 1 31  ? 19.943  -10.469 -8.455  1.00 63.64 ? 27  ARG A O   1 
ATOM   224  C CB  . ARG A 1 31  ? 21.737  -8.141  -10.495 1.00 62.51 ? 27  ARG A CB  1 
ATOM   225  N N   . THR A 1 37  ? 21.953  -7.687  -17.192 1.00 43.77 ? 33  THR A N   1 
ATOM   226  C CA  . THR A 1 37  ? 20.755  -6.880  -16.954 1.00 36.70 ? 33  THR A CA  1 
ATOM   227  C C   . THR A 1 37  ? 20.649  -5.697  -17.922 1.00 33.98 ? 33  THR A C   1 
ATOM   228  O O   . THR A 1 37  ? 21.652  -5.246  -18.471 1.00 43.54 ? 33  THR A O   1 
ATOM   229  C CB  . THR A 1 37  ? 20.728  -6.346  -15.492 1.00 47.78 ? 33  THR A CB  1 
ATOM   230  O OG1 . THR A 1 37  ? 21.908  -5.574  -15.236 1.00 51.62 ? 33  THR A OG1 1 
ATOM   231  C CG2 . THR A 1 37  ? 20.676  -7.506  -14.487 1.00 53.64 ? 33  THR A CG2 1 
ATOM   232  N N   . PRO A 1 38  ? 19.423  -5.209  -18.160 1.00 28.19 ? 34  PRO A N   1 
ATOM   233  C CA  . PRO A 1 38  ? 19.201  -3.906  -18.790 1.00 23.51 ? 34  PRO A CA  1 
ATOM   234  C C   . PRO A 1 38  ? 19.849  -2.776  -17.992 1.00 20.05 ? 34  PRO A C   1 
ATOM   235  O O   . PRO A 1 38  ? 20.233  -2.999  -16.836 1.00 23.35 ? 34  PRO A O   1 
ATOM   236  C CB  . PRO A 1 38  ? 17.673  -3.764  -18.780 1.00 29.53 ? 34  PRO A CB  1 
ATOM   237  C CG  . PRO A 1 38  ? 17.182  -5.167  -18.821 1.00 21.65 ? 34  PRO A CG  1 
ATOM   238  C CD  . PRO A 1 38  ? 18.166  -5.959  -17.984 1.00 28.68 ? 34  PRO A CD  1 
ATOM   239  N N   . ALA A 1 39  ? 19.965  -1.594  -18.596 1.00 17.87 ? 35  ALA A N   1 
ATOM   240  C CA  . ALA A 1 39  ? 20.515  -0.432  -17.897 1.00 19.73 ? 35  ALA A CA  1 
ATOM   241  C C   . ALA A 1 39  ? 19.626  -0.071  -16.706 1.00 20.10 ? 35  ALA A C   1 
ATOM   242  O O   . ALA A 1 39  ? 18.408  -0.322  -16.716 1.00 21.42 ? 35  ALA A O   1 
ATOM   243  C CB  . ALA A 1 39  ? 20.644  0.759   -18.838 1.00 21.79 ? 35  ALA A CB  1 
ATOM   244  N N   . ARG A 1 40  ? 20.226  0.549   -15.700 1.00 18.70 ? 36  ARG A N   1 
ATOM   245  C CA  . ARG A 1 40  ? 19.479  0.967   -14.512 1.00 22.53 ? 36  ARG A CA  1 
ATOM   246  C C   . ARG A 1 40  ? 18.258  1.809   -14.844 1.00 26.90 ? 36  ARG A C   1 
ATOM   247  O O   . ARG A 1 40  ? 17.162  1.541   -14.332 1.00 18.23 ? 36  ARG A O   1 
ATOM   248  C CB  . ARG A 1 40  ? 20.377  1.747   -13.572 1.00 18.90 ? 36  ARG A CB  1 
ATOM   249  C CG  . ARG A 1 40  ? 19.762  1.962   -12.196 1.00 13.95 ? 36  ARG A CG  1 
ATOM   250  C CD  . ARG A 1 40  ? 20.792  2.630   -11.292 1.00 22.68 ? 36  ARG A CD  1 
ATOM   251  N NE  . ARG A 1 40  ? 20.451  2.531   -9.871  1.00 26.29 ? 36  ARG A NE  1 
ATOM   252  C CZ  . ARG A 1 40  ? 19.594  3.331   -9.252  1.00 30.71 ? 36  ARG A CZ  1 
ATOM   253  N NH1 . ARG A 1 40  ? 18.954  4.276   -9.929  1.00 30.90 ? 36  ARG A NH1 1 
ATOM   254  N NH2 . ARG A 1 40  ? 19.361  3.169   -7.952  1.00 28.79 ? 36  ARG A NH2 1 
ATOM   255  N N   . VAL A 1 41  ? 18.421  2.824   -15.695 1.00 21.71 ? 37  VAL A N   1 
ATOM   256  C CA  . VAL A 1 41  ? 17.274  3.673   -16.033 1.00 20.88 ? 37  VAL A CA  1 
ATOM   257  C C   . VAL A 1 41  ? 16.138  2.879   -16.664 1.00 17.65 ? 37  VAL A C   1 
ATOM   258  O O   . VAL A 1 41  ? 14.972  3.197   -16.443 1.00 21.44 ? 37  VAL A O   1 
ATOM   259  C CB  . VAL A 1 41  ? 17.648  4.832   -16.987 1.00 25.70 ? 37  VAL A CB  1 
ATOM   260  C CG1 . VAL A 1 41  ? 18.424  5.884   -16.224 1.00 30.35 ? 37  VAL A CG1 1 
ATOM   261  C CG2 . VAL A 1 41  ? 18.432  4.317   -18.178 1.00 30.47 ? 37  VAL A CG2 1 
ATOM   262  N N   . ASP A 1 42  ? 16.480  1.864   -17.467 1.00 15.65 ? 38  ASP A N   1 
ATOM   263  C CA  . ASP A 1 42  ? 15.470  1.000   -18.076 1.00 17.70 ? 38  ASP A CA  1 
ATOM   264  C C   . ASP A 1 42  ? 14.726  0.184   -17.029 1.00 22.58 ? 38  ASP A C   1 
ATOM   265  O O   . ASP A 1 42  ? 13.503  0.074   -17.098 1.00 17.98 ? 38  ASP A O   1 
ATOM   266  C CB  . ASP A 1 42  ? 16.105  0.087   -19.120 1.00 20.97 ? 38  ASP A CB  1 
ATOM   267  C CG  . ASP A 1 42  ? 16.518  0.851   -20.384 1.00 19.98 ? 38  ASP A CG  1 
ATOM   268  O OD1 . ASP A 1 42  ? 15.716  1.688   -20.876 1.00 27.95 ? 38  ASP A OD1 1 
ATOM   269  O OD2 . ASP A 1 42  ? 17.630  0.620   -20.876 1.00 36.09 ? 38  ASP A OD2 1 
ATOM   270  N N   . LEU A 1 43  ? 15.445  -0.347  -16.046 1.00 16.37 ? 39  LEU A N   1 
ATOM   271  C CA  . LEU A 1 43  ? 14.800  -1.058  -14.943 1.00 18.02 ? 39  LEU A CA  1 
ATOM   272  C C   . LEU A 1 43  ? 13.910  -0.106  -14.143 1.00 16.57 ? 39  LEU A C   1 
ATOM   273  O O   . LEU A 1 43  ? 12.799  -0.474  -13.753 1.00 20.85 ? 39  LEU A O   1 
ATOM   274  C CB  . LEU A 1 43  ? 15.829  -1.722  -14.023 1.00 11.16 ? 39  LEU A CB  1 
ATOM   275  C CG  . LEU A 1 43  ? 16.761  -2.770  -14.669 1.00 19.65 ? 39  LEU A CG  1 
ATOM   276  C CD1 . LEU A 1 43  ? 17.747  -3.309  -13.667 1.00 23.68 ? 39  LEU A CD1 1 
ATOM   277  C CD2 . LEU A 1 43  ? 15.940  -3.916  -15.242 1.00 23.95 ? 39  LEU A CD2 1 
ATOM   278  N N   . GLN A 1 44  ? 14.377  1.117   -13.905 1.00 17.15 ? 40  GLN A N   1 
ATOM   279  C CA  . GLN A 1 44  ? 13.532  2.075   -13.189 1.00 19.46 ? 40  GLN A CA  1 
ATOM   280  C C   . GLN A 1 44  ? 12.252  2.388   -13.972 1.00 22.40 ? 40  GLN A C   1 
ATOM   281  O O   . GLN A 1 44  ? 11.182  2.583   -13.404 1.00 23.85 ? 40  GLN A O   1 
ATOM   282  C CB  . GLN A 1 44  ? 14.299  3.354   -12.920 1.00 18.87 ? 40  GLN A CB  1 
ATOM   283  C CG  . GLN A 1 44  ? 15.453  3.197   -11.978 1.00 24.48 ? 40  GLN A CG  1 
ATOM   284  C CD  . GLN A 1 44  ? 15.978  4.536   -11.518 1.00 21.16 ? 40  GLN A CD  1 
ATOM   285  O OE1 . GLN A 1 44  ? 16.466  5.336   -12.332 1.00 19.07 ? 40  GLN A OE1 1 
ATOM   286  N NE2 . GLN A 1 44  ? 15.846  4.814   -10.208 1.00 20.83 ? 40  GLN A NE2 1 
ATOM   287  N N   . GLN A 1 45  ? 12.363  2.439   -15.291 1.00 14.59 ? 41  GLN A N   1 
ATOM   288  C CA  . GLN A 1 45  ? 11.168  2.675   -16.115 1.00 13.46 ? 41  GLN A CA  1 
ATOM   289  C C   . GLN A 1 45  ? 10.183  1.527   -16.001 1.00 23.12 ? 41  GLN A C   1 
ATOM   290  O O   . GLN A 1 45  ? 8.975   1.746   -15.998 1.00 20.65 ? 41  GLN A O   1 
ATOM   291  C CB  . GLN A 1 45  ? 11.562  2.889   -17.578 1.00 17.22 ? 41  GLN A CB  1 
ATOM   292  C CG  . GLN A 1 45  ? 10.365  3.219   -18.491 1.00 27.17 ? 41  GLN A CG  1 
ATOM   293  C CD  . GLN A 1 45  ? 9.840   4.640   -18.284 1.00 50.71 ? 41  GLN A CD  1 
ATOM   294  O OE1 . GLN A 1 45  ? 10.441  5.445   -17.566 1.00 52.07 ? 41  GLN A OE1 1 
ATOM   295  N NE2 . GLN A 1 45  ? 8.718   4.956   -18.926 1.00 57.20 ? 41  GLN A NE2 1 
ATOM   296  N N   . GLN A 1 46  ? 10.696  0.308   -15.880 1.00 20.71 ? 42  GLN A N   1 
ATOM   297  C CA  . GLN A 1 46  ? 9.859   -0.870  -15.644 1.00 25.65 ? 42  GLN A CA  1 
ATOM   298  C C   . GLN A 1 46  ? 9.104   -0.782  -14.335 1.00 18.40 ? 42  GLN A C   1 
ATOM   299  O O   . GLN A 1 46  ? 7.916   -1.063  -14.273 1.00 20.12 ? 42  GLN A O   1 
ATOM   300  C CB  . GLN A 1 46  ? 10.712  -2.134  -15.652 1.00 17.35 ? 42  GLN A CB  1 
ATOM   301  C CG  . GLN A 1 46  ? 11.398  -2.335  -17.004 1.00 27.40 ? 42  GLN A CG  1 
ATOM   302  C CD  . GLN A 1 46  ? 12.129  -3.650  -17.119 1.00 15.48 ? 42  GLN A CD  1 
ATOM   303  O OE1 . GLN A 1 46  ? 12.255  -4.416  -16.148 1.00 19.66 ? 42  GLN A OE1 1 
ATOM   304  N NE2 . GLN A 1 46  ? 12.628  -3.925  -18.317 1.00 24.61 ? 42  GLN A NE2 1 
ATOM   305  N N   . ILE A 1 47  ? 9.813   -0.373  -13.292 1.00 17.12 ? 43  ILE A N   1 
ATOM   306  C CA  . ILE A 1 47  ? 9.214   -0.208  -11.975 1.00 16.16 ? 43  ILE A CA  1 
ATOM   307  C C   . ILE A 1 47  ? 8.120   0.860   -12.008 1.00 17.71 ? 43  ILE A C   1 
ATOM   308  O O   . ILE A 1 47  ? 7.051   0.673   -11.441 1.00 20.40 ? 43  ILE A O   1 
ATOM   309  C CB  . ILE A 1 47  ? 10.284  0.192   -10.955 1.00 14.95 ? 43  ILE A CB  1 
ATOM   310  C CG1 . ILE A 1 47  ? 11.292  -0.935  -10.793 1.00 12.49 ? 43  ILE A CG1 1 
ATOM   311  C CG2 . ILE A 1 47  ? 9.650   0.534   -9.631  1.00 14.21 ? 43  ILE A CG2 1 
ATOM   312  C CD1 . ILE A 1 47  ? 12.511  -0.561  -9.931  1.00 17.01 ? 43  ILE A CD1 1 
ATOM   313  N N   . MET A 1 48  ? 8.404   1.983   -12.675 1.00 14.16 ? 44  MET A N   1 
ATOM   314  C CA  . MET A 1 48  ? 7.420   3.059   -12.840 1.00 17.43 ? 44  MET A CA  1 
ATOM   315  C C   . MET A 1 48  ? 6.160   2.574   -13.537 1.00 16.39 ? 44  MET A C   1 
ATOM   316  O O   . MET A 1 48  ? 5.051   2.942   -13.171 1.00 20.17 ? 44  MET A O   1 
ATOM   317  C CB  . MET A 1 48  ? 8.007   4.213   -13.648 1.00 15.69 ? 44  MET A CB  1 
ATOM   318  C CG  . MET A 1 48  ? 9.252   4.825   -13.016 1.00 17.64 ? 44  MET A CG  1 
ATOM   319  S SD  . MET A 1 48  ? 9.918   6.094   -14.119 1.00 26.10 ? 44  MET A SD  1 
ATOM   320  C CE  . MET A 1 48  ? 11.158  6.824   -13.049 1.00 34.15 ? 44  MET A CE  1 
ATOM   321  N N   . THR A 1 49  ? 6.361   1.788   -14.578 1.00 18.30 ? 45  THR A N   1 
ATOM   322  C CA  . THR A 1 49  ? 5.246   1.244   -15.328 1.00 20.80 ? 45  THR A CA  1 
ATOM   323  C C   . THR A 1 49  ? 4.407   0.356   -14.429 1.00 13.92 ? 45  THR A C   1 
ATOM   324  O O   . THR A 1 49  ? 3.188   0.365   -14.526 1.00 14.96 ? 45  THR A O   1 
ATOM   325  C CB  . THR A 1 49  ? 5.728   0.442   -16.549 1.00 32.31 ? 45  THR A CB  1 
ATOM   326  O OG1 . THR A 1 49  ? 6.496   1.305   -17.392 1.00 30.56 ? 45  THR A OG1 1 
ATOM   327  C CG2 . THR A 1 49  ? 4.539   -0.124  -17.335 1.00 25.50 ? 45  THR A CG2 1 
ATOM   328  N N   . ILE A 1 50  ? 5.066   -0.438  -13.582 1.00 12.84 ? 46  ILE A N   1 
ATOM   329  C CA  . ILE A 1 50  ? 4.353   -1.340  -12.684 1.00 12.47 ? 46  ILE A CA  1 
ATOM   330  C C   . ILE A 1 50  ? 3.543   -0.518  -11.666 1.00 14.18 ? 46  ILE A C   1 
ATOM   331  O O   . ILE A 1 50  ? 2.359   -0.752  -11.450 1.00 13.66 ? 46  ILE A O   1 
ATOM   332  C CB  . ILE A 1 50  ? 5.313   -2.283  -11.944 1.00 14.86 ? 46  ILE A CB  1 
ATOM   333  C CG1 . ILE A 1 50  ? 5.818   -3.378  -12.886 1.00 22.96 ? 46  ILE A CG1 1 
ATOM   334  C CG2 . ILE A 1 50  ? 4.659   -2.878  -10.695 1.00 16.45 ? 46  ILE A CG2 1 
ATOM   335  C CD1 . ILE A 1 50  ? 6.996   -4.140  -12.336 1.00 19.99 ? 46  ILE A CD1 1 
ATOM   336  N N   . ILE A 1 51  ? 4.182   0.477   -11.063 1.00 13.31 ? 47  ILE A N   1 
ATOM   337  C CA  . ILE A 1 51  ? 3.469   1.284   -10.072 1.00 12.29 ? 47  ILE A CA  1 
ATOM   338  C C   . ILE A 1 51  ? 2.336   2.065   -10.755 1.00 18.91 ? 47  ILE A C   1 
ATOM   339  O O   . ILE A 1 51  ? 1.237   2.165   -10.218 1.00 14.08 ? 47  ILE A O   1 
ATOM   340  C CB  . ILE A 1 51  ? 4.427   2.241   -9.334  1.00 17.60 ? 47  ILE A CB  1 
ATOM   341  C CG1 . ILE A 1 51  ? 5.393   1.436   -8.441  1.00 15.11 ? 47  ILE A CG1 1 
ATOM   342  C CG2 . ILE A 1 51  ? 3.632   3.232   -8.511  1.00 19.33 ? 47  ILE A CG2 1 
ATOM   343  C CD1 . ILE A 1 51  ? 6.657   2.213   -7.967  1.00 13.49 ? 47  ILE A CD1 1 
ATOM   344  N N   . ASP A 1 52  ? 2.590   2.605   -11.945 1.00 16.43 ? 48  ASP A N   1 
ATOM   345  C CA  . ASP A 1 52  ? 1.548   3.358   -12.646 1.00 16.23 ? 48  ASP A CA  1 
ATOM   346  C C   . ASP A 1 52  ? 0.318   2.462   -12.866 1.00 19.07 ? 48  ASP A C   1 
ATOM   347  O O   . ASP A 1 52  ? -0.806  2.873   -12.609 1.00 16.99 ? 48  ASP A O   1 
ATOM   348  C CB  . ASP A 1 52  ? 2.040   3.896   -14.004 1.00 20.14 ? 48  ASP A CB  1 
ATOM   349  C CG  . ASP A 1 52  ? 2.852   5.200   -13.881 1.00 22.97 ? 48  ASP A CG  1 
ATOM   350  O OD1 . ASP A 1 52  ? 2.805   5.853   -12.827 1.00 22.73 ? 48  ASP A OD1 1 
ATOM   351  O OD2 . ASP A 1 52  ? 3.541   5.571   -14.857 1.00 25.00 ? 48  ASP A OD2 1 
ATOM   352  N N   . GLU A 1 53  ? 0.561   1.241   -13.324 1.00 16.48 ? 49  GLU A N   1 
ATOM   353  C CA  . GLU A 1 53  ? -0.526  0.321   -13.616 1.00 13.90 ? 49  GLU A CA  1 
ATOM   354  C C   . GLU A 1 53  ? -1.203  -0.223  -12.386 1.00 18.89 ? 49  GLU A C   1 
ATOM   355  O O   . GLU A 1 53  ? -2.418  -0.453  -12.423 1.00 18.12 ? 49  GLU A O   1 
ATOM   356  C CB  . GLU A 1 53  ? -0.013  -0.830  -14.453 1.00 15.02 ? 49  GLU A CB  1 
ATOM   357  C CG  . GLU A 1 53  ? 0.346   -0.385  -15.865 1.00 23.08 ? 49  GLU A CG  1 
ATOM   358  C CD  . GLU A 1 53  ? -0.876  0.133   -16.627 1.00 33.31 ? 49  GLU A CD  1 
ATOM   359  O OE1 . GLU A 1 53  ? -1.977  -0.433  -16.431 1.00 36.47 ? 49  GLU A OE1 1 
ATOM   360  O OE2 . GLU A 1 53  ? -0.745  1.106   -17.405 1.00 34.00 ? 49  GLU A OE2 1 
ATOM   361  N N   . LEU A 1 54  ? -0.429  -0.472  -11.326 1.00 16.40 ? 50  LEU A N   1 
ATOM   362  C CA  . LEU A 1 54  ? -1.032  -0.880  -10.051 1.00 15.61 ? 50  LEU A CA  1 
ATOM   363  C C   . LEU A 1 54  ? -1.970  0.179   -9.543  1.00 17.74 ? 50  LEU A C   1 
ATOM   364  O O   . LEU A 1 54  ? -3.098  -0.105  -9.090  1.00 20.33 ? 50  LEU A O   1 
ATOM   365  C CB  . LEU A 1 54  ? 0.027   -1.159  -8.995  1.00 15.26 ? 50  LEU A CB  1 
ATOM   366  C CG  . LEU A 1 54  ? 0.699   -2.520  -9.099  1.00 18.37 ? 50  LEU A CG  1 
ATOM   367  C CD1 . LEU A 1 54  ? 1.814   -2.636  -8.063  1.00 22.86 ? 50  LEU A CD1 1 
ATOM   368  C CD2 . LEU A 1 54  ? -0.392  -3.557  -8.819  1.00 22.74 ? 50  LEU A CD2 1 
ATOM   369  N N   . GLY A 1 55  ? -1.500  1.409   -9.583  1.00 10.79 ? 51  GLY A N   1 
ATOM   370  C CA  . GLY A 1 55  ? -2.342  2.528   -9.172  1.00 18.56 ? 51  GLY A CA  1 
ATOM   371  C C   . GLY A 1 55  ? -3.619  2.637   -10.002 1.00 17.67 ? 51  GLY A C   1 
ATOM   372  O O   . GLY A 1 55  ? -4.706  2.903   -9.463  1.00 17.95 ? 51  GLY A O   1 
ATOM   373  N N   . LYS A 1 56  ? -3.505  2.412   -11.308 1.00 17.70 ? 52  LYS A N   1 
ATOM   374  C CA  . LYS A 1 56  ? -4.706  2.486   -12.161 1.00 21.71 ? 52  LYS A CA  1 
ATOM   375  C C   . LYS A 1 56  ? -5.736  1.428   -11.771 1.00 23.05 ? 52  LYS A C   1 
ATOM   376  O O   . LYS A 1 56  ? -6.958  1.713   -11.646 1.00 23.03 ? 52  LYS A O   1 
ATOM   377  C CB  . LYS A 1 56  ? -4.328  2.331   -13.634 1.00 22.35 ? 52  LYS A CB  1 
ATOM   378  C CG  . LYS A 1 56  ? -3.590  3.537   -14.185 1.00 34.27 ? 52  LYS A CG  1 
ATOM   379  C CD  . LYS A 1 56  ? -2.813  3.205   -15.481 1.00 42.13 ? 52  LYS A CD  1 
ATOM   380  C CE  . LYS A 1 56  ? -3.734  2.866   -16.642 1.00 52.11 ? 52  LYS A CE  1 
ATOM   381  N NZ  . LYS A 1 56  ? -2.943  2.622   -17.895 1.00 38.11 ? 52  LYS A NZ  1 
ATOM   382  N N   . ALA A 1 57  ? -5.238  0.207   -11.599 1.00 21.14 ? 53  ALA A N   1 
ATOM   383  C CA  . ALA A 1 57  ? -6.064  -0.938  -11.231 1.00 26.34 ? 53  ALA A CA  1 
ATOM   384  C C   . ALA A 1 57  ? -6.687  -0.741  -9.858  1.00 27.59 ? 53  ALA A C   1 
ATOM   385  O O   . ALA A 1 57  ? -7.862  -1.012  -9.663  1.00 25.96 ? 53  ALA A O   1 
ATOM   386  C CB  . ALA A 1 57  ? -5.241  -2.230  -11.254 1.00 21.89 ? 53  ALA A CB  1 
ATOM   387  N N   . SER A 1 58  ? -5.909  -0.298  -8.885  1.00 19.49 ? 54  SER A N   1 
ATOM   388  C CA  . SER A 1 58  ? -6.496  -0.028  -7.580  1.00 24.33 ? 54  SER A CA  1 
ATOM   389  C C   . SER A 1 58  ? -7.595  1.028   -7.738  1.00 26.92 ? 54  SER A C   1 
ATOM   390  O O   . SER A 1 58  ? -8.668  0.901   -7.153  1.00 22.96 ? 54  SER A O   1 
ATOM   391  C CB  . SER A 1 58  ? -5.442  0.445   -6.575  1.00 21.40 ? 54  SER A CB  1 
ATOM   392  O OG  . SER A 1 58  ? -6.036  0.839   -5.334  1.00 20.55 ? 54  SER A OG  1 
ATOM   393  N N   . ALA A 1 59  ? -7.321  2.061   -8.546  1.00 29.80 ? 55  ALA A N   1 
ATOM   394  C CA  . ALA A 1 59  ? -8.257  3.173   -8.738  1.00 23.13 ? 55  ALA A CA  1 
ATOM   395  C C   . ALA A 1 59  ? -9.597  2.758   -9.286  1.00 27.28 ? 55  ALA A C   1 
ATOM   396  O O   . ALA A 1 59  ? -10.618 3.316   -8.868  1.00 36.04 ? 55  ALA A O   1 
ATOM   397  C CB  . ALA A 1 59  ? -7.668  4.240   -9.666  1.00 20.37 ? 55  ALA A CB  1 
ATOM   398  N N   . LYS A 1 60  ? -9.622  1.820   -10.230 1.00 27.03 ? 56  LYS A N   1 
ATOM   399  C CA  . LYS A 1 60  ? -10.899 1.432   -10.852 1.00 20.29 ? 56  LYS A CA  1 
ATOM   400  C C   . LYS A 1 60  ? -11.732 0.666   -9.834  1.00 38.66 ? 56  LYS A C   1 
ATOM   401  O O   . LYS A 1 60  ? -12.898 0.996   -9.556  1.00 35.01 ? 56  LYS A O   1 
ATOM   402  C CB  . LYS A 1 60  ? -10.651 0.588   -12.096 1.00 34.96 ? 56  LYS A CB  1 
ATOM   403  N N   . ALA A 1 61  ? -11.101 -0.352  -9.268  1.00 32.00 ? 57  ALA A N   1 
ATOM   404  C CA  . ALA A 1 61  ? -11.674 -1.127  -8.186  1.00 27.99 ? 57  ALA A CA  1 
ATOM   405  C C   . ALA A 1 61  ? -12.293 -0.283  -7.075  1.00 20.68 ? 57  ALA A C   1 
ATOM   406  O O   . ALA A 1 61  ? -13.232 -0.741  -6.432  1.00 41.89 ? 57  ALA A O   1 
ATOM   407  C CB  . ALA A 1 61  ? -10.599 -2.071  -7.606  1.00 19.59 ? 57  ALA A CB  1 
ATOM   408  N N   . GLN A 1 62  ? -11.786 0.917   -6.812  1.00 19.98 ? 58  GLN A N   1 
ATOM   409  C CA  . GLN A 1 62  ? -12.332 1.755   -5.749  1.00 28.65 ? 58  GLN A CA  1 
ATOM   410  C C   . GLN A 1 62  ? -13.284 2.843   -6.269  1.00 38.19 ? 58  GLN A C   1 
ATOM   411  O O   . GLN A 1 62  ? -13.594 3.804   -5.546  1.00 32.38 ? 58  GLN A O   1 
ATOM   412  C CB  . GLN A 1 62  ? -11.194 2.397   -4.955  1.00 31.66 ? 58  GLN A CB  1 
ATOM   413  C CG  . GLN A 1 62  ? -10.542 1.446   -3.951  1.00 36.29 ? 58  GLN A CG  1 
ATOM   414  C CD  . GLN A 1 62  ? -9.333  2.044   -3.270  1.00 37.25 ? 58  GLN A CD  1 
ATOM   415  O OE1 . GLN A 1 62  ? -9.441  2.705   -2.236  1.00 39.79 ? 58  GLN A OE1 1 
ATOM   416  N NE2 . GLN A 1 62  ? -8.167  1.821   -3.854  1.00 21.03 ? 58  GLN A NE2 1 
ATOM   417  N N   . ASN A 1 63  ? -13.753 2.684   -7.506  1.00 37.36 ? 59  ASN A N   1 
ATOM   418  C CA  . ASN A 1 63  ? -14.520 3.739   -8.187  1.00 40.71 ? 59  ASN A CA  1 
ATOM   419  C C   . ASN A 1 63  ? -13.777 5.069   -8.118  1.00 39.88 ? 59  ASN A C   1 
ATOM   420  O O   . ASN A 1 63  ? -14.355 6.120   -7.822  1.00 46.99 ? 59  ASN A O   1 
ATOM   421  C CB  . ASN A 1 63  ? -15.927 3.902   -7.575  1.00 28.07 ? 59  ASN A CB  1 
ATOM   422  C CG  . ASN A 1 63  ? -16.781 4.911   -8.340  1.00 37.59 ? 59  ASN A CG  1 
ATOM   423  O OD1 . ASN A 1 63  ? -16.769 4.915   -9.565  1.00 46.45 ? 59  ASN A OD1 1 
ATOM   424  N ND2 . ASN A 1 63  ? -17.483 5.801   -7.617  1.00 20.63 ? 59  ASN A ND2 1 
ATOM   425  N N   . LEU A 1 64  ? -12.475 5.047   -8.340  1.00 41.56 ? 60  LEU A N   1 
ATOM   426  C CA  . LEU A 1 64  ? -11.767 6.304   -8.259  1.00 44.27 ? 60  LEU A CA  1 
ATOM   427  C C   . LEU A 1 64  ? -11.811 6.948   -9.637  1.00 34.13 ? 60  LEU A C   1 
ATOM   428  O O   . LEU A 1 64  ? -11.785 6.268   -10.680 1.00 35.23 ? 60  LEU A O   1 
ATOM   429  C CB  . LEU A 1 64  ? -10.332 6.123   -7.758  1.00 36.35 ? 60  LEU A CB  1 
ATOM   430  N N   . SER A 1 65  ? -11.943 8.262   -9.617  1.00 33.65 ? 61  SER A N   1 
ATOM   431  C CA  . SER A 1 65  ? -11.972 9.046   -10.835 1.00 40.61 ? 61  SER A CA  1 
ATOM   432  C C   . SER A 1 65  ? -10.538 9.257   -11.296 1.00 49.47 ? 61  SER A C   1 
ATOM   433  O O   . SER A 1 65  ? -10.267 9.295   -12.495 1.00 37.54 ? 61  SER A O   1 
ATOM   434  C CB  . SER A 1 65  ? -12.690 10.376  -10.600 1.00 41.13 ? 61  SER A CB  1 
ATOM   435  O OG  . SER A 1 65  ? -12.274 10.971  -9.383  1.00 34.93 ? 61  SER A OG  1 
ATOM   436  N N   . ALA A 1 66  ? -9.637  9.378   -10.319 1.00 40.46 ? 62  ALA A N   1 
ATOM   437  C CA  . ALA A 1 66  ? -8.196  9.453   -10.542 1.00 28.52 ? 62  ALA A CA  1 
ATOM   438  C C   . ALA A 1 66  ? -7.482  8.486   -9.592  1.00 41.86 ? 62  ALA A C   1 
ATOM   439  O O   . ALA A 1 66  ? -7.940  8.265   -8.463  1.00 26.32 ? 62  ALA A O   1 
ATOM   440  C CB  . ALA A 1 66  ? -7.702  10.869  -10.328 1.00 28.06 ? 62  ALA A CB  1 
ATOM   441  N N   . PRO A 1 67  ? -6.374  7.880   -10.047 1.00 33.19 ? 63  PRO A N   1 
ATOM   442  C CA  . PRO A 1 67  ? -5.617  7.043   -9.109  1.00 24.47 ? 63  PRO A CA  1 
ATOM   443  C C   . PRO A 1 67  ? -5.037  7.865   -7.964  1.00 25.38 ? 63  PRO A C   1 
ATOM   444  O O   . PRO A 1 67  ? -4.773  9.067   -8.144  1.00 25.13 ? 63  PRO A O   1 
ATOM   445  C CB  . PRO A 1 67  ? -4.497  6.443   -9.986  1.00 21.61 ? 63  PRO A CB  1 
ATOM   446  C CG  . PRO A 1 67  ? -5.029  6.551   -11.422 1.00 25.54 ? 63  PRO A CG  1 
ATOM   447  C CD  . PRO A 1 67  ? -5.812  7.845   -11.415 1.00 22.59 ? 63  PRO A CD  1 
ATOM   448  N N   . ILE A 1 68  ? -4.813  7.235   -6.803  1.00 23.11 ? 64  ILE A N   1 
ATOM   449  C CA  . ILE A 1 68  ? -4.097  7.924   -5.729  1.00 19.19 ? 64  ILE A CA  1 
ATOM   450  C C   . ILE A 1 68  ? -2.617  7.552   -5.766  1.00 13.62 ? 64  ILE A C   1 
ATOM   451  O O   . ILE A 1 68  ? -1.794  8.189   -5.128  1.00 21.03 ? 64  ILE A O   1 
ATOM   452  C CB  . ILE A 1 68  ? -4.672  7.600   -4.323  1.00 28.29 ? 64  ILE A CB  1 
ATOM   453  C CG1 . ILE A 1 68  ? -4.941  6.106   -4.180  1.00 23.27 ? 64  ILE A CG1 1 
ATOM   454  C CG2 . ILE A 1 68  ? -5.943  8.393   -4.069  1.00 39.82 ? 64  ILE A CG2 1 
ATOM   455  C CD1 . ILE A 1 68  ? -5.805  5.752   -2.942  1.00 28.26 ? 64  ILE A CD1 1 
ATOM   456  N N   . THR A 1 69  ? -2.305  6.496   -6.525  1.00 19.99 ? 65  THR A N   1 
ATOM   457  C CA  . THR A 1 69  ? -0.943  5.995   -6.671  1.00 14.80 ? 65  THR A CA  1 
ATOM   458  C C   . THR A 1 69  ? -0.462  6.060   -8.116  1.00 17.25 ? 65  THR A C   1 
ATOM   459  O O   . THR A 1 69  ? -1.106  5.554   -9.036  1.00 16.91 ? 65  THR A O   1 
ATOM   460  C CB  . THR A 1 69  ? -0.839  4.556   -6.170  1.00 21.10 ? 65  THR A CB  1 
ATOM   461  O OG1 . THR A 1 69  ? -1.229  4.539   -4.794  1.00 16.57 ? 65  THR A OG1 1 
ATOM   462  C CG2 . THR A 1 69  ? 0.576   4.003   -6.313  1.00 23.11 ? 65  THR A CG2 1 
ATOM   463  N N   . SER A 1 70  ? 0.688   6.701   -8.288  1.00 21.11 ? 66  SER A N   1 
ATOM   464  C CA  . SER A 1 70  ? 1.436   6.596   -9.523  1.00 16.55 ? 66  SER A CA  1 
ATOM   465  C C   . SER A 1 70  ? 2.895   6.736   -9.195  1.00 17.54 ? 66  SER A C   1 
ATOM   466  O O   . SER A 1 70  ? 3.262   7.204   -8.132  1.00 18.99 ? 66  SER A O   1 
ATOM   467  C CB  . SER A 1 70  ? 1.022   7.662   -10.525 1.00 17.54 ? 66  SER A CB  1 
ATOM   468  O OG  . SER A 1 70  ? 1.446   8.963   -10.125 1.00 14.54 ? 66  SER A OG  1 
ATOM   469  N N   . ALA A 1 71  ? 3.714   6.333   -10.143 1.00 16.89 ? 67  ALA A N   1 
ATOM   470  C CA  . ALA A 1 71  ? 5.142   6.420   -10.016 1.00 20.78 ? 67  ALA A CA  1 
ATOM   471  C C   . ALA A 1 71  ? 5.562   7.847   -9.659  1.00 25.93 ? 67  ALA A C   1 
ATOM   472  O O   . ALA A 1 71  ? 6.198   8.072   -8.632  1.00 20.07 ? 67  ALA A O   1 
ATOM   473  C CB  . ALA A 1 71  ? 5.796   5.958   -11.318 1.00 22.88 ? 67  ALA A CB  1 
ATOM   474  N N   . SER A 1 72  ? 5.173   8.818   -10.477 1.00 22.45 ? 68  SER A N   1 
ATOM   475  C CA  A SER A 1 72  ? 5.574   10.199  -10.234 0.50 18.67 ? 68  SER A CA  1 
ATOM   476  C CA  B SER A 1 72  ? 5.571   10.200  -10.239 0.50 18.67 ? 68  SER A CA  1 
ATOM   477  C C   . SER A 1 72  ? 5.087   10.713  -8.882  1.00 20.70 ? 68  SER A C   1 
ATOM   478  O O   . SER A 1 72  ? 5.835   11.345  -8.140  1.00 21.04 ? 68  SER A O   1 
ATOM   479  C CB  A SER A 1 72  ? 5.057   11.123  -11.339 0.50 31.62 ? 68  SER A CB  1 
ATOM   480  C CB  B SER A 1 72  ? 5.045   11.107  -11.355 0.50 31.62 ? 68  SER A CB  1 
ATOM   481  O OG  A SER A 1 72  ? 5.527   12.444  -11.124 0.50 30.16 ? 68  SER A OG  1 
ATOM   482  O OG  B SER A 1 72  ? 5.606   10.751  -12.603 0.50 40.77 ? 68  SER A OG  1 
ATOM   483  N N   . ARG A 1 73  ? 3.832   10.431  -8.558  1.00 14.39 ? 69  ARG A N   1 
ATOM   484  C CA  . ARG A 1 73  ? 3.278   10.934  -7.296  1.00 13.48 ? 69  ARG A CA  1 
ATOM   485  C C   . ARG A 1 73  ? 3.868   10.225  -6.067  1.00 22.09 ? 69  ARG A C   1 
ATOM   486  O O   . ARG A 1 73  ? 4.015   10.843  -5.015  1.00 19.01 ? 69  ARG A O   1 
ATOM   487  C CB  . ARG A 1 73  ? 1.753   10.854  -7.352  1.00 22.47 ? 69  ARG A CB  1 
ATOM   488  C CG  . ARG A 1 73  ? 1.192   12.070  -8.113  1.00 25.76 ? 69  ARG A CG  1 
ATOM   489  C CD  . ARG A 1 73  ? -0.323  12.014  -8.272  1.00 34.45 ? 69  ARG A CD  1 
ATOM   490  N NE  . ARG A 1 73  ? -0.746  10.860  -9.057  1.00 28.19 ? 69  ARG A NE  1 
ATOM   491  C CZ  . ARG A 1 73  ? -1.994  10.399  -9.100  1.00 26.63 ? 69  ARG A CZ  1 
ATOM   492  N NH1 . ARG A 1 73  ? -2.283  9.336   -9.840  1.00 30.16 ? 69  ARG A NH1 1 
ATOM   493  N NH2 . ARG A 1 73  ? -2.950  11.001  -8.402  1.00 40.30 ? 69  ARG A NH2 1 
ATOM   494  N N   . MET A 1 74  ? 4.276   8.965   -6.213  1.00 21.25 ? 70  MET A N   1 
ATOM   495  C CA  A MET A 1 74  ? 4.897   8.263   -5.096  0.50 22.56 ? 70  MET A CA  1 
ATOM   496  C CA  B MET A 1 74  ? 4.920   8.240   -5.122  0.50 22.59 ? 70  MET A CA  1 
ATOM   497  C C   . MET A 1 74  ? 6.251   8.917   -4.793  1.00 28.63 ? 70  MET A C   1 
ATOM   498  O O   . MET A 1 74  ? 6.589   9.147   -3.617  1.00 31.56 ? 70  MET A O   1 
ATOM   499  C CB  A MET A 1 74  ? 5.044   6.765   -5.406  0.50 24.72 ? 70  MET A CB  1 
ATOM   500  C CB  B MET A 1 74  ? 5.115   6.756   -5.494  0.50 25.04 ? 70  MET A CB  1 
ATOM   501  C CG  A MET A 1 74  ? 5.365   5.879   -4.205  0.50 15.58 ? 70  MET A CG  1 
ATOM   502  C CG  B MET A 1 74  ? 6.537   6.337   -5.889  0.50 24.06 ? 70  MET A CG  1 
ATOM   503  S SD  A MET A 1 74  ? 6.700   4.749   -4.631  0.50 39.21 ? 70  MET A SD  1 
ATOM   504  S SD  B MET A 1 74  ? 7.041   4.833   -5.033  0.50 40.82 ? 70  MET A SD  1 
ATOM   505  C CE  A MET A 1 74  ? 7.807   5.906   -5.452  0.50 16.80 ? 70  MET A CE  1 
ATOM   506  C CE  B MET A 1 74  ? 6.171   5.058   -3.478  0.50 28.13 ? 70  MET A CE  1 
ATOM   507  N N   . GLN A 1 75  ? 6.993   9.259   -5.852  1.00 25.85 ? 71  GLN A N   1 
ATOM   508  C CA  . GLN A 1 75  ? 8.297   9.907   -5.749  1.00 21.71 ? 71  GLN A CA  1 
ATOM   509  C C   . GLN A 1 75  ? 8.175   11.262  -5.093  1.00 24.21 ? 71  GLN A C   1 
ATOM   510  O O   . GLN A 1 75  ? 8.847   11.543  -4.113  1.00 28.16 ? 71  GLN A O   1 
ATOM   511  C CB  . GLN A 1 75  ? 8.931   10.081  -7.138  1.00 19.70 ? 71  GLN A CB  1 
ATOM   512  C CG  . GLN A 1 75  ? 9.319   8.778   -7.823  1.00 26.00 ? 71  GLN A CG  1 
ATOM   513  C CD  . GLN A 1 75  ? 10.314  9.010   -8.934  1.00 33.90 ? 71  GLN A CD  1 
ATOM   514  O OE1 . GLN A 1 75  ? 10.032  9.743   -9.877  1.00 39.57 ? 71  GLN A OE1 1 
ATOM   515  N NE2 . GLN A 1 75  ? 11.490  8.399   -8.824  1.00 32.38 ? 71  GLN A NE2 1 
ATOM   516  N N   . SER A 1 76  ? 7.292   12.095  -5.634  1.00 21.82 ? 72  SER A N   1 
ATOM   517  C CA  . SER A 1 76  ? 7.172   13.453  -5.153  1.00 20.24 ? 72  SER A CA  1 
ATOM   518  C C   . SER A 1 76  ? 6.708   13.502  -3.702  1.00 33.43 ? 72  SER A C   1 
ATOM   519  O O   . SER A 1 76  ? 7.117   14.383  -2.940  1.00 33.68 ? 72  SER A O   1 
ATOM   520  C CB  . SER A 1 76  ? 6.224   14.245  -6.051  1.00 24.40 ? 72  SER A CB  1 
ATOM   521  O OG  . SER A 1 76  ? 4.974   13.599  -6.159  1.00 35.11 ? 72  SER A OG  1 
ATOM   522  N N   . ASN A 1 77  ? 5.868   12.551  -3.310  1.00 20.03 ? 73  ASN A N   1 
ATOM   523  C CA  . ASN A 1 77  ? 5.305   12.559  -1.957  1.00 23.69 ? 73  ASN A CA  1 
ATOM   524  C C   . ASN A 1 77  ? 6.071   11.720  -0.948  1.00 30.01 ? 73  ASN A C   1 
ATOM   525  O O   . ASN A 1 77  ? 5.725   11.717  0.245   1.00 27.70 ? 73  ASN A O   1 
ATOM   526  C CB  . ASN A 1 77  ? 3.862   12.092  -1.999  1.00 27.42 ? 73  ASN A CB  1 
ATOM   527  C CG  . ASN A 1 77  ? 2.949   13.125  -2.591  1.00 31.54 ? 73  ASN A CG  1 
ATOM   528  O OD1 . ASN A 1 77  ? 2.292   13.870  -1.866  1.00 32.66 ? 73  ASN A OD1 1 
ATOM   529  N ND2 . ASN A 1 77  ? 2.917   13.196  -3.912  1.00 35.20 ? 73  ASN A ND2 1 
ATOM   530  N N   . ARG A 1 78  ? 7.108   11.029  -1.416  1.00 25.56 ? 74  ARG A N   1 
ATOM   531  C CA  . ARG A 1 78  ? 7.984   10.220  -0.556  1.00 25.80 ? 74  ARG A CA  1 
ATOM   532  C C   . ARG A 1 78  ? 7.229   9.173   0.233   1.00 24.95 ? 74  ARG A C   1 
ATOM   533  O O   . ARG A 1 78  ? 7.465   8.957   1.432   1.00 24.37 ? 74  ARG A O   1 
ATOM   534  C CB  . ARG A 1 78  ? 8.782   11.102  0.395   1.00 21.79 ? 74  ARG A CB  1 
ATOM   535  C CG  . ARG A 1 78  ? 9.687   12.054  -0.378  1.00 27.10 ? 74  ARG A CG  1 
ATOM   536  C CD  . ARG A 1 78  ? 10.455  12.952  0.546   1.00 28.59 ? 74  ARG A CD  1 
ATOM   537  N NE  . ARG A 1 78  ? 9.608   13.971  1.162   1.00 21.40 ? 74  ARG A NE  1 
ATOM   538  C CZ  . ARG A 1 78  ? 10.063  14.882  2.019   1.00 30.63 ? 74  ARG A CZ  1 
ATOM   539  N NH1 . ARG A 1 78  ? 11.344  14.871  2.371   1.00 29.90 ? 74  ARG A NH1 1 
ATOM   540  N NH2 . ARG A 1 78  ? 9.237   15.776  2.551   1.00 28.90 ? 74  ARG A NH2 1 
ATOM   541  N N   . HIS A 1 79  ? 6.326   8.516   -0.467  1.00 20.73 ? 75  HIS A N   1 
ATOM   542  C CA  . HIS A 1 79  ? 5.670   7.332   0.060   1.00 18.24 ? 75  HIS A CA  1 
ATOM   543  C C   . HIS A 1 79  ? 6.540   6.114   -0.154  1.00 17.09 ? 75  HIS A C   1 
ATOM   544  O O   . HIS A 1 79  ? 7.546   6.181   -0.877  1.00 17.14 ? 75  HIS A O   1 
ATOM   545  C CB  . HIS A 1 79  ? 4.324   7.142   -0.600  1.00 18.49 ? 75  HIS A CB  1 
ATOM   546  C CG  . HIS A 1 79  ? 3.381   8.264   -0.344  1.00 21.87 ? 75  HIS A CG  1 
ATOM   547  N ND1 . HIS A 1 79  ? 2.392   8.641   -1.230  1.00 19.42 ? 75  HIS A ND1 1 
ATOM   548  C CD2 . HIS A 1 79  ? 3.282   9.125   0.703   1.00 14.37 ? 75  HIS A CD2 1 
ATOM   549  C CE1 . HIS A 1 79  ? 1.723   9.666   -0.743  1.00 19.86 ? 75  HIS A CE1 1 
ATOM   550  N NE2 . HIS A 1 79  ? 2.249   9.976   0.437   1.00 23.98 ? 75  HIS A NE2 1 
ATOM   551  N N   . VAL A 1 80  ? 6.140   5.012   0.478   1.00 17.32 ? 76  VAL A N   1 
ATOM   552  C CA  . VAL A 1 80  ? 6.840   3.738   0.372   1.00 11.72 ? 76  VAL A CA  1 
ATOM   553  C C   . VAL A 1 80  ? 5.856   2.716   -0.092  1.00 16.12 ? 76  VAL A C   1 
ATOM   554  O O   . VAL A 1 80  ? 4.732   2.673   0.412   1.00 13.23 ? 76  VAL A O   1 
ATOM   555  C CB  . VAL A 1 80  ? 7.445   3.342   1.721   1.00 16.71 ? 76  VAL A CB  1 
ATOM   556  C CG1 . VAL A 1 80  ? 8.079   1.946   1.689   1.00 15.01 ? 76  VAL A CG1 1 
ATOM   557  C CG2 . VAL A 1 80  ? 8.459   4.385   2.126   1.00 13.95 ? 76  VAL A CG2 1 
ATOM   558  N N   A VAL A 1 81  ? 6.264   1.878   -1.037  0.50 12.94 ? 77  VAL A N   1 
ATOM   559  N N   B VAL A 1 81  ? 6.240   1.899   -1.071  0.50 12.96 ? 77  VAL A N   1 
ATOM   560  C CA  A VAL A 1 81  ? 5.357   0.875   -1.567  0.50 16.08 ? 77  VAL A CA  1 
ATOM   561  C CA  B VAL A 1 81  ? 5.344   0.872   -1.602  0.50 16.08 ? 77  VAL A CA  1 
ATOM   562  C C   A VAL A 1 81  ? 5.966   -0.519  -1.391  0.50 17.26 ? 77  VAL A C   1 
ATOM   563  C C   B VAL A 1 81  ? 5.959   -0.513  -1.396  0.50 17.26 ? 77  VAL A C   1 
ATOM   564  O O   A VAL A 1 81  ? 7.187   -0.709  -1.481  0.50 16.95 ? 77  VAL A O   1 
ATOM   565  O O   B VAL A 1 81  ? 7.181   -0.691  -1.482  0.50 16.96 ? 77  VAL A O   1 
ATOM   566  C CB  A VAL A 1 81  ? 5.011   1.156   -3.058  0.50 15.11 ? 77  VAL A CB  1 
ATOM   567  C CB  B VAL A 1 81  ? 5.024   1.096   -3.116  0.50 15.10 ? 77  VAL A CB  1 
ATOM   568  C CG1 A VAL A 1 81  ? 6.231   1.001   -3.938  0.50 10.80 ? 77  VAL A CG1 1 
ATOM   569  C CG1 B VAL A 1 81  ? 4.363   -0.122  -3.730  0.50 18.66 ? 77  VAL A CG1 1 
ATOM   570  C CG2 A VAL A 1 81  ? 3.881   0.262   -3.531  0.50 17.57 ? 77  VAL A CG2 1 
ATOM   571  C CG2 B VAL A 1 81  ? 4.112   2.277   -3.293  0.50 12.24 ? 77  VAL A CG2 1 
ATOM   572  N N   . TYR A 1 82  ? 5.099   -1.475  -1.081  1.00 14.35 ? 78  TYR A N   1 
ATOM   573  C CA  . TYR A 1 82  ? 5.487   -2.859  -0.913  1.00 14.76 ? 78  TYR A CA  1 
ATOM   574  C C   . TYR A 1 82  ? 4.770   -3.613  -2.002  1.00 16.44 ? 78  TYR A C   1 
ATOM   575  O O   . TYR A 1 82  ? 3.553   -3.634  -1.995  1.00 14.02 ? 78  TYR A O   1 
ATOM   576  C CB  . TYR A 1 82  ? 5.062   -3.402  0.462   1.00 15.17 ? 78  TYR A CB  1 
ATOM   577  C CG  . TYR A 1 82  ? 5.781   -2.780  1.642   1.00 16.15 ? 78  TYR A CG  1 
ATOM   578  C CD1 . TYR A 1 82  ? 6.677   -3.523  2.405   1.00 13.99 ? 78  TYR A CD1 1 
ATOM   579  C CD2 . TYR A 1 82  ? 5.545   -1.450  2.021   1.00 14.48 ? 78  TYR A CD2 1 
ATOM   580  C CE1 . TYR A 1 82  ? 7.352   -2.960  3.512   1.00 15.22 ? 78  TYR A CE1 1 
ATOM   581  C CE2 . TYR A 1 82  ? 6.239   -0.876  3.110   1.00 19.72 ? 78  TYR A CE2 1 
ATOM   582  C CZ  . TYR A 1 82  ? 7.130   -1.641  3.849   1.00 13.84 ? 78  TYR A CZ  1 
ATOM   583  O OH  . TYR A 1 82  ? 7.785   -1.095  4.931   1.00 17.46 ? 78  TYR A OH  1 
ATOM   584  N N   . ILE A 1 83  ? 5.502   -4.208  -2.937  1.00 18.89 ? 79  ILE A N   1 
ATOM   585  C CA  . ILE A 1 83  ? 4.873   -4.863  -4.083  1.00 16.04 ? 79  ILE A CA  1 
ATOM   586  C C   . ILE A 1 83  ? 5.063   -6.373  -4.021  1.00 15.66 ? 79  ILE A C   1 
ATOM   587  O O   . ILE A 1 83  ? 6.188   -6.862  -3.893  1.00 16.86 ? 79  ILE A O   1 
ATOM   588  C CB  . ILE A 1 83  ? 5.447   -4.366  -5.439  1.00 18.03 ? 79  ILE A CB  1 
ATOM   589  C CG1 . ILE A 1 83  ? 5.231   -2.866  -5.617  1.00 12.80 ? 79  ILE A CG1 1 
ATOM   590  C CG2 . ILE A 1 83  ? 4.735   -5.071  -6.582  1.00 15.10 ? 79  ILE A CG2 1 
ATOM   591  C CD1 . ILE A 1 83  ? 5.943   -2.269  -6.845  1.00 16.28 ? 79  ILE A CD1 1 
ATOM   592  N N   . LEU A 1 84  ? 3.962   -7.099  -4.130  1.00 12.34 ? 80  LEU A N   1 
ATOM   593  C CA  . LEU A 1 84  ? 3.985   -8.559  -4.061  1.00 16.67 ? 80  LEU A CA  1 
ATOM   594  C C   . LEU A 1 84  ? 3.919   -9.164  -5.449  1.00 16.66 ? 80  LEU A C   1 
ATOM   595  O O   . LEU A 1 84  ? 2.966   -8.900  -6.179  1.00 20.87 ? 80  LEU A O   1 
ATOM   596  C CB  . LEU A 1 84  ? 2.810   -9.059  -3.221  1.00 17.22 ? 80  LEU A CB  1 
ATOM   597  C CG  . LEU A 1 84  ? 2.556   -10.562 -3.109  1.00 23.53 ? 80  LEU A CG  1 
ATOM   598  C CD1 . LEU A 1 84  ? 3.628   -11.246 -2.279  1.00 15.47 ? 80  LEU A CD1 1 
ATOM   599  C CD2 . LEU A 1 84  ? 1.181   -10.824 -2.526  1.00 18.20 ? 80  LEU A CD2 1 
ATOM   600  N N   . LYS A 1 85  ? 4.895   -9.993  -5.804  1.00 17.30 ? 81  LYS A N   1 
ATOM   601  C CA  . LYS A 1 85  ? 4.863   -10.668 -7.093  1.00 19.00 ? 81  LYS A CA  1 
ATOM   602  C C   . LYS A 1 85  ? 4.259   -12.053 -6.953  1.00 25.38 ? 81  LYS A C   1 
ATOM   603  O O   . LYS A 1 85  ? 4.123   -12.599 -5.851  1.00 25.57 ? 81  LYS A O   1 
ATOM   604  C CB  . LYS A 1 85  ? 6.258   -10.752 -7.712  1.00 18.55 ? 81  LYS A CB  1 
ATOM   605  C CG  . LYS A 1 85  ? 7.244   -11.640 -6.968  1.00 21.24 ? 81  LYS A CG  1 
ATOM   606  C CD  . LYS A 1 85  ? 8.420   -11.882 -7.872  1.00 25.03 ? 81  LYS A CD  1 
ATOM   607  C CE  . LYS A 1 85  ? 9.373   -12.920 -7.308  1.00 24.33 ? 81  LYS A CE  1 
ATOM   608  N NZ  . LYS A 1 85  ? 10.513  -13.128 -8.268  1.00 28.86 ? 81  LYS A NZ  1 
ATOM   609  N N   . ASP A 1 86  ? 3.859   -12.586 -8.094  1.00 20.91 ? 82  ASP A N   1 
ATOM   610  C CA  . ASP A 1 86  ? 3.231   -13.889 -8.180  1.00 35.04 ? 82  ASP A CA  1 
ATOM   611  C C   . ASP A 1 86  ? 4.307   -14.965 -8.107  1.00 34.75 ? 82  ASP A C   1 
ATOM   612  O O   . ASP A 1 86  ? 5.355   -14.839 -8.742  1.00 41.84 ? 82  ASP A O   1 
ATOM   613  C CB  . ASP A 1 86  ? 2.435   -13.991 -9.485  1.00 28.50 ? 82  ASP A CB  1 
ATOM   614  C CG  . ASP A 1 86  ? 1.400   -15.113 -9.467  1.00 35.15 ? 82  ASP A CG  1 
ATOM   615  O OD1 . ASP A 1 86  ? 1.523   -16.052 -8.650  1.00 40.33 ? 82  ASP A OD1 1 
ATOM   616  O OD2 . ASP A 1 86  ? 0.466   -15.050 -10.290 1.00 40.03 ? 82  ASP A OD2 1 
ATOM   617  N N   . SER A 1 87  ? 4.047   -16.010 -7.322  1.00 42.20 ? 83  SER A N   1 
ATOM   618  C CA  . SER A 1 87  ? 4.938   -17.166 -7.235  1.00 42.17 ? 83  SER A CA  1 
ATOM   619  C C   . SER A 1 87  ? 4.491   -18.307 -8.164  1.00 35.90 ? 83  SER A C   1 
ATOM   620  O O   . SER A 1 87  ? 5.206   -19.304 -8.329  1.00 41.51 ? 83  SER A O   1 
ATOM   621  C CB  . SER A 1 87  ? 5.012   -17.681 -5.793  1.00 43.14 ? 83  SER A CB  1 
ATOM   622  O OG  . SER A 1 87  ? 5.208   -16.623 -4.874  1.00 47.73 ? 83  SER A OG  1 
ATOM   623  N N   . SER A 1 88  ? 3.314   -18.171 -8.771  1.00 34.77 ? 84  SER A N   1 
ATOM   624  C CA  . SER A 1 88  ? 2.783   -19.241 -9.623  1.00 37.64 ? 84  SER A CA  1 
ATOM   625  C C   . SER A 1 88  ? 3.583   -19.394 -10.915 1.00 42.63 ? 84  SER A C   1 
ATOM   626  O O   . SER A 1 88  ? 4.032   -18.407 -11.495 1.00 39.97 ? 84  SER A O   1 
ATOM   627  C CB  . SER A 1 88  ? 1.314   -18.988 -9.953  1.00 40.22 ? 84  SER A CB  1 
ATOM   628  O OG  . SER A 1 88  ? 1.186   -17.888 -10.839 1.00 58.86 ? 84  SER A OG  1 
ATOM   629  N N   . GLY A 1 93  ? 5.614   -17.430 -19.439 1.00 44.28 ? 89  GLY A N   1 
ATOM   630  C CA  . GLY A 1 93  ? 6.526   -17.079 -18.363 1.00 47.78 ? 89  GLY A CA  1 
ATOM   631  C C   . GLY A 1 93  ? 6.570   -15.590 -18.052 1.00 55.35 ? 89  GLY A C   1 
ATOM   632  O O   . GLY A 1 93  ? 5.558   -14.895 -18.173 1.00 50.86 ? 89  GLY A O   1 
ATOM   633  N N   . LYS A 1 94  ? 7.741   -15.128 -17.615 1.00 48.26 ? 90  LYS A N   1 
ATOM   634  C CA  . LYS A 1 94  ? 8.055   -13.707 -17.405 1.00 38.63 ? 90  LYS A CA  1 
ATOM   635  C C   . LYS A 1 94  ? 7.408   -13.048 -16.177 1.00 40.41 ? 90  LYS A C   1 
ATOM   636  O O   . LYS A 1 94  ? 7.412   -11.821 -16.064 1.00 40.59 ? 90  LYS A O   1 
ATOM   637  C CB  . LYS A 1 94  ? 7.690   -12.891 -18.656 1.00 48.26 ? 90  LYS A CB  1 
ATOM   638  N N   . GLY A 1 95  ? 6.868   -13.845 -15.260 1.00 43.44 ? 91  GLY A N   1 
ATOM   639  C CA  . GLY A 1 95  ? 6.355   -13.332 -13.996 1.00 30.48 ? 91  GLY A CA  1 
ATOM   640  C C   . GLY A 1 95  ? 5.139   -12.422 -14.093 1.00 37.80 ? 91  GLY A C   1 
ATOM   641  O O   . GLY A 1 95  ? 4.715   -12.052 -15.188 1.00 30.14 ? 91  GLY A O   1 
ATOM   642  N N   . ALA A 1 96  ? 4.558   -12.065 -12.949 1.00 27.50 ? 92  ALA A N   1 
ATOM   643  C CA  . ALA A 1 96  ? 3.451   -11.123 -12.939 1.00 22.74 ? 92  ALA A CA  1 
ATOM   644  C C   . ALA A 1 96  ? 3.336   -10.465 -11.570 1.00 27.26 ? 92  ALA A C   1 
ATOM   645  O O   . ALA A 1 96  ? 4.036   -10.857 -10.630 1.00 28.70 ? 92  ALA A O   1 
ATOM   646  C CB  . ALA A 1 96  ? 2.143   -11.831 -13.304 1.00 28.33 ? 92  ALA A CB  1 
ATOM   647  N N   . ILE A 1 97  ? 2.448   -9.483  -11.446 1.00 20.78 ? 93  ILE A N   1 
ATOM   648  C CA  . ILE A 1 97  ? 2.306   -8.777  -10.166 1.00 20.44 ? 93  ILE A CA  1 
ATOM   649  C C   . ILE A 1 97  ? 0.954   -9.063  -9.528  1.00 21.65 ? 93  ILE A C   1 
ATOM   650  O O   . ILE A 1 97  ? -0.065  -8.958  -10.190 1.00 23.97 ? 93  ILE A O   1 
ATOM   651  C CB  . ILE A 1 97  ? 2.475   -7.265  -10.341 1.00 18.65 ? 93  ILE A CB  1 
ATOM   652  C CG1 . ILE A 1 97  ? 3.874   -6.985  -10.898 1.00 21.95 ? 93  ILE A CG1 1 
ATOM   653  C CG2 . ILE A 1 97  ? 2.349   -6.559  -8.978  1.00 20.72 ? 93  ILE A CG2 1 
ATOM   654  C CD1 . ILE A 1 97  ? 4.956   -7.325  -9.914  1.00 20.39 ? 93  ILE A CD1 1 
ATOM   655  N N   . ILE A 1 98  ? 0.954   -9.426  -8.246  1.00 24.23 ? 94  ILE A N   1 
ATOM   656  C CA  . ILE A 1 98  ? -0.302  -9.675  -7.521  1.00 16.64 ? 94  ILE A CA  1 
ATOM   657  C C   . ILE A 1 98  ? -0.900  -8.391  -6.939  1.00 18.20 ? 94  ILE A C   1 
ATOM   658  O O   . ILE A 1 98  ? -2.068  -8.091  -7.154  1.00 21.50 ? 94  ILE A O   1 
ATOM   659  C CB  . ILE A 1 98  ? -0.099  -10.677 -6.373  1.00 18.18 ? 94  ILE A CB  1 
ATOM   660  C CG1 . ILE A 1 98  ? 0.359   -12.031 -6.931  1.00 24.12 ? 94  ILE A CG1 1 
ATOM   661  C CG2 . ILE A 1 98  ? -1.404  -10.828 -5.597  1.00 25.75 ? 94  ILE A CG2 1 
ATOM   662  C CD1 . ILE A 1 98  ? 0.375   -13.130 -5.899  1.00 31.88 ? 94  ILE A CD1 1 
ATOM   663  N N   . GLY A 1 99  ? -0.095  -7.599  -6.229  1.00 19.70 ? 95  GLY A N   1 
ATOM   664  C CA  . GLY A 1 99  ? -0.654  -6.383  -5.656  1.00 16.61 ? 95  GLY A CA  1 
ATOM   665  C C   . GLY A 1 99  ? 0.329   -5.552  -4.869  1.00 17.46 ? 95  GLY A C   1 
ATOM   666  O O   . GLY A 1 99  ? 1.540   -5.717  -5.028  1.00 18.00 ? 95  GLY A O   1 
ATOM   667  N N   . PHE A 1 100 ? -0.180  -4.616  -4.072  1.00 16.61 ? 96  PHE A N   1 
ATOM   668  C CA  . PHE A 1 100 ? 0.714   -3.722  -3.359  1.00 13.88 ? 96  PHE A CA  1 
ATOM   669  C C   . PHE A 1 100 ? 0.024   -3.035  -2.204  1.00 13.41 ? 96  PHE A C   1 
ATOM   670  O O   . PHE A 1 100 ? -1.209  -2.990  -2.121  1.00 13.88 ? 96  PHE A O   1 
ATOM   671  C CB  . PHE A 1 100 ? 1.276   -2.669  -4.314  1.00 13.26 ? 96  PHE A CB  1 
ATOM   672  C CG  . PHE A 1 100 ? 0.327   -1.527  -4.584  1.00 16.75 ? 96  PHE A CG  1 
ATOM   673  C CD1 . PHE A 1 100 ? -0.756  -1.689  -5.427  1.00 13.27 ? 96  PHE A CD1 1 
ATOM   674  C CD2 . PHE A 1 100 ? 0.539   -0.282  -4.012  1.00 21.26 ? 96  PHE A CD2 1 
ATOM   675  C CE1 . PHE A 1 100 ? -1.610  -0.646  -5.689  1.00 19.67 ? 96  PHE A CE1 1 
ATOM   676  C CE2 . PHE A 1 100 ? -0.310  0.758   -4.260  1.00 23.46 ? 96  PHE A CE2 1 
ATOM   677  C CZ  . PHE A 1 100 ? -1.396  0.574   -5.096  1.00 20.89 ? 96  PHE A CZ  1 
ATOM   678  N N   . ILE A 1 101 ? 0.836   -2.463  -1.327  1.00 12.06 ? 97  ILE A N   1 
ATOM   679  C CA  . ILE A 1 101 ? 0.313   -1.563  -0.331  1.00 13.09 ? 97  ILE A CA  1 
ATOM   680  C C   . ILE A 1 101 ? 1.232   -0.360  -0.313  1.00 12.69 ? 97  ILE A C   1 
ATOM   681  O O   . ILE A 1 101 ? 2.454   -0.517  -0.473  1.00 14.77 ? 97  ILE A O   1 
ATOM   682  C CB  . ILE A 1 101 ? 0.214   -2.254  1.069   1.00 13.67 ? 97  ILE A CB  1 
ATOM   683  C CG1 . ILE A 1 101 ? -0.442  -1.329  2.097   1.00 16.20 ? 97  ILE A CG1 1 
ATOM   684  C CG2 . ILE A 1 101 ? 1.589   -2.774  1.517   1.00 15.74 ? 97  ILE A CG2 1 
ATOM   685  C CD1 . ILE A 1 101 ? -1.310  -2.085  3.103   1.00 18.85 ? 97  ILE A CD1 1 
ATOM   686  N N   . LYS A 1 102 ? 0.650   0.834   -0.164  1.00 16.72 ? 98  LYS A N   1 
ATOM   687  C CA  . LYS A 1 102 ? 1.401   2.091   -0.151  1.00 16.62 ? 98  LYS A CA  1 
ATOM   688  C C   . LYS A 1 102 ? 1.152   2.729   1.185   1.00 11.72 ? 98  LYS A C   1 
ATOM   689  O O   . LYS A 1 102 ? -0.007  2.790   1.617   1.00 10.80 ? 98  LYS A O   1 
ATOM   690  C CB  . LYS A 1 102 ? 0.956   3.055   -1.272  1.00 12.93 ? 98  LYS A CB  1 
ATOM   691  C CG  . LYS A 1 102 ? 1.836   4.299   -1.370  1.00 15.06 ? 98  LYS A CG  1 
ATOM   692  C CD  . LYS A 1 102 ? 1.338   5.289   -2.415  1.00 20.27 ? 98  LYS A CD  1 
ATOM   693  C CE  . LYS A 1 102 ? 0.093   6.021   -1.934  1.00 22.47 ? 98  LYS A CE  1 
ATOM   694  N NZ  . LYS A 1 102 ? -0.435  6.934   -2.990  1.00 23.21 ? 98  LYS A NZ  1 
ATOM   695  N N   . VAL A 1 103 ? 2.239   3.123   1.856   1.00 10.37 ? 99  VAL A N   1 
ATOM   696  C CA  . VAL A 1 103 ? 2.192   3.738   3.203   1.00 12.49 ? 99  VAL A CA  1 
ATOM   697  C C   . VAL A 1 103 ? 2.975   5.022   3.272   1.00 12.68 ? 99  VAL A C   1 
ATOM   698  O O   . VAL A 1 103 ? 3.873   5.226   2.467   1.00 17.84 ? 99  VAL A O   1 
ATOM   699  C CB  . VAL A 1 103 ? 2.758   2.800   4.288   1.00 11.66 ? 99  VAL A CB  1 
ATOM   700  C CG1 . VAL A 1 103 ? 2.003   1.438   4.229   1.00 12.14 ? 99  VAL A CG1 1 
ATOM   701  C CG2 . VAL A 1 103 ? 4.245   2.584   4.063   1.00 14.55 ? 99  VAL A CG2 1 
ATOM   702  N N   . GLY A 1 104 ? 2.623   5.879   4.230   1.00 13.91 ? 100 GLY A N   1 
ATOM   703  C CA  . GLY A 1 104 ? 3.380   7.087   4.514   1.00 14.85 ? 100 GLY A CA  1 
ATOM   704  C C   . GLY A 1 104 ? 2.891   7.769   5.777   1.00 13.51 ? 100 GLY A C   1 
ATOM   705  O O   . GLY A 1 104 ? 1.720   7.632   6.150   1.00 14.06 ? 100 GLY A O   1 
ATOM   706  N N   . TYR A 1 105 ? 3.775   8.499   6.453   1.00 17.59 ? 101 TYR A N   1 
ATOM   707  C CA  . TYR A 1 105 ? 3.363   9.315   7.593   1.00 18.01 ? 101 TYR A CA  1 
ATOM   708  C C   . TYR A 1 105 ? 2.684   10.586  7.099   1.00 14.74 ? 101 TYR A C   1 
ATOM   709  O O   . TYR A 1 105 ? 3.164   11.240  6.165   1.00 22.55 ? 101 TYR A O   1 
ATOM   710  C CB  . TYR A 1 105 ? 4.564   9.672   8.477   1.00 13.93 ? 101 TYR A CB  1 
ATOM   711  C CG  . TYR A 1 105 ? 5.097   8.477   9.267   1.00 13.41 ? 101 TYR A CG  1 
ATOM   712  C CD1 . TYR A 1 105 ? 5.856   7.493   8.650   1.00 15.22 ? 101 TYR A CD1 1 
ATOM   713  C CD2 . TYR A 1 105 ? 4.777   8.309   10.596  1.00 13.31 ? 101 TYR A CD2 1 
ATOM   714  C CE1 . TYR A 1 105 ? 6.308   6.399   9.359   1.00 16.61 ? 101 TYR A CE1 1 
ATOM   715  C CE2 . TYR A 1 105 ? 5.212   7.197   11.304  1.00 21.68 ? 101 TYR A CE2 1 
ATOM   716  C CZ  . TYR A 1 105 ? 6.002   6.260   10.672  1.00 22.09 ? 101 TYR A CZ  1 
ATOM   717  O OH  . TYR A 1 105 ? 6.462   5.149   11.347  1.00 21.23 ? 101 TYR A OH  1 
ATOM   718  N N   . LYS A 1 106 ? 1.567   10.936  7.726   1.00 16.86 ? 102 LYS A N   1 
ATOM   719  C CA  . LYS A 1 106 ? 0.911   12.203  7.423   1.00 22.13 ? 102 LYS A CA  1 
ATOM   720  C C   . LYS A 1 106 ? 0.587   12.947  8.706   1.00 19.35 ? 102 LYS A C   1 
ATOM   721  O O   . LYS A 1 106 ? 0.143   12.342  9.684   1.00 16.05 ? 102 LYS A O   1 
ATOM   722  C CB  . LYS A 1 106 ? -0.377  11.981  6.618   1.00 23.15 ? 102 LYS A CB  1 
ATOM   723  C CG  . LYS A 1 106 ? -0.180  11.288  5.279   1.00 23.46 ? 102 LYS A CG  1 
ATOM   724  C CD  . LYS A 1 106 ? -1.464  11.319  4.475   1.00 35.97 ? 102 LYS A CD  1 
ATOM   725  C CE  . LYS A 1 106 ? -1.780  12.728  4.039   1.00 46.73 ? 102 LYS A CE  1 
ATOM   726  N NZ  . LYS A 1 106 ? -0.811  13.168  2.989   1.00 39.85 ? 102 LYS A NZ  1 
ATOM   727  N N   A LYS A 1 107 ? 0.822   14.257  8.721   0.50 16.95 ? 103 LYS A N   1 
ATOM   728  N N   B LYS A 1 107 ? 0.827   14.255  8.712   0.50 16.95 ? 103 LYS A N   1 
ATOM   729  C CA  A LYS A 1 107 ? 0.330   15.067  9.829   0.50 19.79 ? 103 LYS A CA  1 
ATOM   730  C CA  B LYS A 1 107 ? 0.317   15.086  9.792   0.50 19.78 ? 103 LYS A CA  1 
ATOM   731  C C   A LYS A 1 107 ? -1.174  15.247  9.660   0.50 20.26 ? 103 LYS A C   1 
ATOM   732  C C   B LYS A 1 107 ? -1.191  15.220  9.637   0.50 20.25 ? 103 LYS A C   1 
ATOM   733  O O   A LYS A 1 107 ? -1.646  15.750  8.632   0.50 19.32 ? 103 LYS A O   1 
ATOM   734  O O   B LYS A 1 107 ? -1.683  15.671  8.594   0.50 19.31 ? 103 LYS A O   1 
ATOM   735  C CB  A LYS A 1 107 ? 1.044   16.415  9.901   0.50 21.02 ? 103 LYS A CB  1 
ATOM   736  C CB  B LYS A 1 107 ? 0.985   16.457  9.800   0.50 21.06 ? 103 LYS A CB  1 
ATOM   737  C CG  A LYS A 1 107 ? 2.547   16.290  10.123  0.50 26.44 ? 103 LYS A CG  1 
ATOM   738  C CG  B LYS A 1 107 ? 2.380   16.452  10.406  0.50 26.28 ? 103 LYS A CG  1 
ATOM   739  C CD  A LYS A 1 107 ? 3.250   17.647  10.215  0.50 31.58 ? 103 LYS A CD  1 
ATOM   740  C CD  B LYS A 1 107 ? 3.089   17.795  10.218  0.50 31.36 ? 103 LYS A CD  1 
ATOM   741  C CE  A LYS A 1 107 ? 4.760   17.471  10.376  0.50 26.60 ? 103 LYS A CE  1 
ATOM   742  C CE  B LYS A 1 107 ? 3.991   18.107  11.403  0.50 26.20 ? 103 LYS A CE  1 
ATOM   743  N NZ  A LYS A 1 107 ? 5.138   16.759  11.641  0.50 27.74 ? 103 LYS A NZ  1 
ATOM   744  N NZ  B LYS A 1 107 ? 4.948   16.988  11.709  0.50 28.69 ? 103 LYS A NZ  1 
ATOM   745  N N   . LEU A 1 108 ? -1.914  14.806  10.672  1.00 20.04 ? 104 LEU A N   1 
ATOM   746  C CA  . LEU A 1 108 ? -3.374  14.844  10.661  1.00 15.39 ? 104 LEU A CA  1 
ATOM   747  C C   . LEU A 1 108 ? -3.911  15.565  11.870  1.00 19.86 ? 104 LEU A C   1 
ATOM   748  O O   . LEU A 1 108 ? -3.238  15.643  12.898  1.00 21.17 ? 104 LEU A O   1 
ATOM   749  C CB  . LEU A 1 108 ? -3.954  13.423  10.646  1.00 18.45 ? 104 LEU A CB  1 
ATOM   750  C CG  . LEU A 1 108 ? -3.543  12.492  9.519   1.00 16.20 ? 104 LEU A CG  1 
ATOM   751  C CD1 . LEU A 1 108 ? -4.210  11.114  9.689   1.00 18.62 ? 104 LEU A CD1 1 
ATOM   752  C CD2 . LEU A 1 108 ? -3.896  13.140  8.189   1.00 23.28 ? 104 LEU A CD2 1 
ATOM   753  N N   . PHE A 1 109 ? -5.126  16.104  11.739  1.00 19.34 ? 105 PHE A N   1 
ATOM   754  C CA  . PHE A 1 109 ? -5.932  16.441  12.901  1.00 23.97 ? 105 PHE A CA  1 
ATOM   755  C C   . PHE A 1 109 ? -6.883  15.266  13.074  1.00 25.37 ? 105 PHE A C   1 
ATOM   756  O O   . PHE A 1 109 ? -7.590  14.917  12.138  1.00 23.53 ? 105 PHE A O   1 
ATOM   757  C CB  . PHE A 1 109 ? -6.724  17.732  12.715  1.00 20.51 ? 105 PHE A CB  1 
ATOM   758  C CG  . PHE A 1 109 ? -5.882  18.970  12.677  1.00 21.35 ? 105 PHE A CG  1 
ATOM   759  C CD1 . PHE A 1 109 ? -5.086  19.324  13.758  1.00 46.43 ? 105 PHE A CD1 1 
ATOM   760  C CD2 . PHE A 1 109 ? -5.924  19.807  11.577  1.00 27.29 ? 105 PHE A CD2 1 
ATOM   761  C CE1 . PHE A 1 109 ? -4.319  20.491  13.725  1.00 36.93 ? 105 PHE A CE1 1 
ATOM   762  C CE2 . PHE A 1 109 ? -5.172  20.973  11.545  1.00 34.49 ? 105 PHE A CE2 1 
ATOM   763  C CZ  . PHE A 1 109 ? -4.365  21.306  12.616  1.00 35.41 ? 105 PHE A CZ  1 
ATOM   764  N N   . VAL A 1 110 ? -6.889  14.634  14.238  1.00 23.48 ? 106 VAL A N   1 
ATOM   765  C CA  . VAL A 1 110 ? -7.819  13.526  14.445  1.00 31.15 ? 106 VAL A CA  1 
ATOM   766  C C   . VAL A 1 110 ? -8.626  13.704  15.721  1.00 33.00 ? 106 VAL A C   1 
ATOM   767  O O   . VAL A 1 110 ? -8.126  14.235  16.723  1.00 37.65 ? 106 VAL A O   1 
ATOM   768  C CB  . VAL A 1 110 ? -7.092  12.171  14.493  1.00 29.51 ? 106 VAL A CB  1 
ATOM   769  C CG1 . VAL A 1 110 ? -6.234  12.009  13.257  1.00 25.74 ? 106 VAL A CG1 1 
ATOM   770  C CG2 . VAL A 1 110 ? -6.239  12.057  15.752  1.00 32.20 ? 106 VAL A CG2 1 
ATOM   771  N N   . LEU A 1 111 ? -9.879  13.269  15.675  1.00 23.14 ? 107 LEU A N   1 
ATOM   772  C CA  . LEU A 1 111 ? -10.745 13.331  16.854  1.00 25.55 ? 107 LEU A CA  1 
ATOM   773  C C   . LEU A 1 111 ? -10.499 12.159  17.772  1.00 23.16 ? 107 LEU A C   1 
ATOM   774  O O   . LEU A 1 111 ? -10.294 11.049  17.305  1.00 21.79 ? 107 LEU A O   1 
ATOM   775  C CB  . LEU A 1 111 ? -12.222 13.356  16.456  1.00 19.69 ? 107 LEU A CB  1 
ATOM   776  C CG  . LEU A 1 111 ? -12.664 14.566  15.620  1.00 24.60 ? 107 LEU A CG  1 
ATOM   777  C CD1 . LEU A 1 111 ? -13.976 14.328  14.911  1.00 32.60 ? 107 LEU A CD1 1 
ATOM   778  C CD2 . LEU A 1 111 ? -12.754 15.805  16.508  1.00 32.73 ? 107 LEU A CD2 1 
ATOM   779  N N   . ASP A 1 112 ? -10.532 12.396  19.081  1.00 18.29 ? 108 ASP A N   1 
ATOM   780  C CA  . ASP A 1 112 ? -10.533 11.285  20.024  1.00 24.55 ? 108 ASP A CA  1 
ATOM   781  C C   . ASP A 1 112 ? -11.971 10.954  20.396  1.00 36.05 ? 108 ASP A C   1 
ATOM   782  O O   . ASP A 1 112 ? -12.904 11.527  19.819  1.00 24.35 ? 108 ASP A O   1 
ATOM   783  C CB  . ASP A 1 112 ? -9.688  11.600  21.264  1.00 22.35 ? 108 ASP A CB  1 
ATOM   784  C CG  . ASP A 1 112 ? -10.036 12.932  21.888  1.00 26.31 ? 108 ASP A CG  1 
ATOM   785  O OD1 . ASP A 1 112 ? -11.194 13.389  21.738  1.00 30.23 ? 108 ASP A OD1 1 
ATOM   786  O OD2 . ASP A 1 112 ? -9.127  13.525  22.526  1.00 27.55 ? 108 ASP A OD2 1 
ATOM   787  N N   . ASP A 1 113 ? -12.165 10.035  21.338  1.00 33.03 ? 109 ASP A N   1 
ATOM   788  C CA  . ASP A 1 113 ? -13.520 9.684   21.757  1.00 38.73 ? 109 ASP A CA  1 
ATOM   789  C C   . ASP A 1 113 ? -14.264 10.876  22.379  1.00 38.95 ? 109 ASP A C   1 
ATOM   790  O O   . ASP A 1 113 ? -15.493 10.886  22.436  1.00 42.22 ? 109 ASP A O   1 
ATOM   791  C CB  . ASP A 1 113 ? -13.477 8.522   22.742  1.00 45.51 ? 109 ASP A CB  1 
ATOM   792  C CG  . ASP A 1 113 ? -12.459 8.734   23.849  1.00 42.78 ? 109 ASP A CG  1 
ATOM   793  O OD1 . ASP A 1 113 ? -11.951 9.867   23.994  1.00 51.99 ? 109 ASP A OD1 1 
ATOM   794  O OD2 . ASP A 1 113 ? -12.169 7.763   24.584  1.00 55.28 ? 109 ASP A OD2 1 
ATOM   795  N N   . ARG A 1 114 ? -13.518 11.883  22.834  1.00 32.13 ? 110 ARG A N   1 
ATOM   796  C CA  . ARG A 1 114 ? -14.111 13.057  23.468  1.00 36.57 ? 110 ARG A CA  1 
ATOM   797  C C   . ARG A 1 114 ? -14.450 14.140  22.460  1.00 39.73 ? 110 ARG A C   1 
ATOM   798  O O   . ARG A 1 114 ? -14.748 15.272  22.844  1.00 37.22 ? 110 ARG A O   1 
ATOM   799  C CB  . ARG A 1 114 ? -13.166 13.636  24.517  1.00 43.55 ? 110 ARG A CB  1 
ATOM   800  C CG  . ARG A 1 114 ? -13.455 13.208  25.942  1.00 54.26 ? 110 ARG A CG  1 
ATOM   801  C CD  . ARG A 1 114 ? -12.445 13.831  26.916  1.00 58.68 ? 110 ARG A CD  1 
ATOM   802  N NE  . ARG A 1 114 ? -12.788 15.201  27.307  1.00 56.90 ? 110 ARG A NE  1 
ATOM   803  C CZ  . ARG A 1 114 ? -12.159 16.296  26.883  1.00 47.37 ? 110 ARG A CZ  1 
ATOM   804  N NH1 . ARG A 1 114 ? -11.138 16.211  26.039  1.00 45.50 ? 110 ARG A NH1 1 
ATOM   805  N NH2 . ARG A 1 114 ? -12.558 17.485  27.305  1.00 41.09 ? 110 ARG A NH2 1 
ATOM   806  N N   . GLU A 1 115 ? -14.372 13.796  21.177  1.00 37.07 ? 111 GLU A N   1 
ATOM   807  C CA  . GLU A 1 115 ? -14.592 14.754  20.090  1.00 30.00 ? 111 GLU A CA  1 
ATOM   808  C C   . GLU A 1 115 ? -13.576 15.901  20.120  1.00 32.03 ? 111 GLU A C   1 
ATOM   809  O O   . GLU A 1 115 ? -13.818 16.971  19.553  1.00 32.17 ? 111 GLU A O   1 
ATOM   810  C CB  . GLU A 1 115 ? -16.020 15.320  20.136  1.00 31.55 ? 111 GLU A CB  1 
ATOM   811  C CG  . GLU A 1 115 ? -17.100 14.348  19.665  1.00 51.18 ? 111 GLU A CG  1 
ATOM   812  C CD  . GLU A 1 115 ? -18.316 15.057  19.100  1.00 56.66 ? 111 GLU A CD  1 
ATOM   813  O OE1 . GLU A 1 115 ? -18.785 16.028  19.731  1.00 77.01 ? 111 GLU A OE1 1 
ATOM   814  O OE2 . GLU A 1 115 ? -18.793 14.653  18.017  1.00 59.22 ? 111 GLU A OE2 1 
ATOM   815  N N   . ALA A 1 116 ? -12.441 15.674  20.777  1.00 29.88 ? 112 ALA A N   1 
ATOM   816  C CA  . ALA A 1 116 ? -11.359 16.660  20.835  1.00 36.23 ? 112 ALA A CA  1 
ATOM   817  C C   . ALA A 1 116 ? -10.394 16.479  19.667  1.00 35.74 ? 112 ALA A C   1 
ATOM   818  O O   . ALA A 1 116 ? -10.044 15.347  19.325  1.00 34.47 ? 112 ALA A O   1 
ATOM   819  C CB  . ALA A 1 116 ? -10.605 16.548  22.163  1.00 37.37 ? 112 ALA A CB  1 
ATOM   820  N N   . HIS A 1 117 ? -9.951  17.583  19.064  1.00 29.92 ? 113 HIS A N   1 
ATOM   821  C CA  . HIS A 1 117 ? -8.997  17.501  17.958  1.00 35.91 ? 113 HIS A CA  1 
ATOM   822  C C   . HIS A 1 117 ? -7.601  17.251  18.511  1.00 31.03 ? 113 HIS A C   1 
ATOM   823  O O   . HIS A 1 117 ? -7.235  17.787  19.556  1.00 32.28 ? 113 HIS A O   1 
ATOM   824  C CB  . HIS A 1 117 ? -9.020  18.771  17.100  1.00 33.04 ? 113 HIS A CB  1 
ATOM   825  C CG  . HIS A 1 117 ? -10.141 18.806  16.109  1.00 29.36 ? 113 HIS A CG  1 
ATOM   826  N ND1 . HIS A 1 117 ? -9.982  18.437  14.785  1.00 33.95 ? 113 HIS A ND1 1 
ATOM   827  C CD2 . HIS A 1 117 ? -11.446 19.136  16.248  1.00 33.92 ? 113 HIS A CD2 1 
ATOM   828  C CE1 . HIS A 1 117 ? -11.135 18.555  14.157  1.00 36.21 ? 113 HIS A CE1 1 
ATOM   829  N NE2 . HIS A 1 117 ? -12.044 18.983  15.018  1.00 37.67 ? 113 HIS A NE2 1 
ATOM   830  N N   . ASN A 1 118 ? -6.846  16.410  17.817  1.00 24.30 ? 114 ASN A N   1 
ATOM   831  C CA  . ASN A 1 118 ? -5.497  16.058  18.225  1.00 30.23 ? 114 ASN A CA  1 
ATOM   832  C C   . ASN A 1 118 ? -4.539  16.165  17.050  1.00 24.71 ? 114 ASN A C   1 
ATOM   833  O O   . ASN A 1 118 ? -4.851  15.733  15.946  1.00 30.25 ? 114 ASN A O   1 
ATOM   834  C CB  . ASN A 1 118 ? -5.446  14.637  18.784  1.00 22.40 ? 114 ASN A CB  1 
ATOM   835  C CG  . ASN A 1 118 ? -6.191  14.498  20.104  1.00 30.88 ? 114 ASN A CG  1 
ATOM   836  O OD1 . ASN A 1 118 ? -5.632  14.722  21.171  1.00 27.38 ? 114 ASN A OD1 1 
ATOM   837  N ND2 . ASN A 1 118 ? -7.439  14.110  20.032  1.00 25.63 ? 114 ASN A ND2 1 
ATOM   838  N N   . GLU A 1 119 ? -3.373  16.743  17.278  1.00 30.90 ? 115 GLU A N   1 
ATOM   839  C CA  . GLU A 1 119 ? -2.362  16.762  16.236  1.00 26.57 ? 115 GLU A CA  1 
ATOM   840  C C   . GLU A 1 119 ? -1.491  15.531  16.398  1.00 23.52 ? 115 GLU A C   1 
ATOM   841  O O   . GLU A 1 119 ? -0.810  15.350  17.424  1.00 23.64 ? 115 GLU A O   1 
ATOM   842  C CB  . GLU A 1 119 ? -1.521  18.042  16.292  1.00 29.59 ? 115 GLU A CB  1 
ATOM   843  C CG  . GLU A 1 119 ? -2.366  19.292  16.229  1.00 43.43 ? 115 GLU A CG  1 
ATOM   844  C CD  . GLU A 1 119 ? -1.543  20.554  16.277  1.00 47.34 ? 115 GLU A CD  1 
ATOM   845  O OE1 . GLU A 1 119 ? -1.503  21.268  15.254  1.00 50.53 ? 115 GLU A OE1 1 
ATOM   846  O OE2 . GLU A 1 119 ? -0.944  20.821  17.340  1.00 62.05 ? 115 GLU A OE2 1 
ATOM   847  N N   . VAL A 1 120 ? -1.544  14.678  15.382  1.00 26.31 ? 116 VAL A N   1 
ATOM   848  C CA  . VAL A 1 120 ? -0.796  13.431  15.349  1.00 21.59 ? 116 VAL A CA  1 
ATOM   849  C C   . VAL A 1 120 ? -0.122  13.260  13.994  1.00 17.13 ? 116 VAL A C   1 
ATOM   850  O O   . VAL A 1 120 ? -0.465  13.941  13.028  1.00 18.52 ? 116 VAL A O   1 
ATOM   851  C CB  . VAL A 1 120 ? -1.704  12.218  15.611  1.00 19.75 ? 116 VAL A CB  1 
ATOM   852  C CG1 . VAL A 1 120 ? -2.130  12.189  17.067  1.00 29.44 ? 116 VAL A CG1 1 
ATOM   853  C CG2 . VAL A 1 120 ? -2.923  12.273  14.681  1.00 20.68 ? 116 VAL A CG2 1 
ATOM   854  N N   . GLU A 1 121 ? 0.866   12.370  13.919  1.00 16.80 ? 117 GLU A N   1 
ATOM   855  C CA  . GLU A 1 121 ? 1.499   12.065  12.626  1.00 14.69 ? 117 GLU A CA  1 
ATOM   856  C C   . GLU A 1 121 ? 1.733   10.560  12.529  1.00 16.07 ? 117 GLU A C   1 
ATOM   857  O O   . GLU A 1 121 ? 2.878   10.078  12.683  1.00 16.31 ? 117 GLU A O   1 
ATOM   858  C CB  . GLU A 1 121 ? 2.813   12.829  12.450  1.00 20.84 ? 117 GLU A CB  1 
ATOM   859  C CG  . GLU A 1 121 ? 3.456   12.628  11.075  1.00 18.48 ? 117 GLU A CG  1 
ATOM   860  C CD  . GLU A 1 121 ? 4.759   13.386  10.916  1.00 25.93 ? 117 GLU A CD  1 
ATOM   861  O OE1 . GLU A 1 121 ? 5.275   13.860  11.941  1.00 27.51 ? 117 GLU A OE1 1 
ATOM   862  O OE2 . GLU A 1 121 ? 5.257   13.519  9.769   1.00 21.16 ? 117 GLU A OE2 1 
ATOM   863  N N   . PRO A 1 122 ? 0.649   9.790   12.330  1.00 15.64 ? 118 PRO A N   1 
ATOM   864  C CA  . PRO A 1 122 ? 0.798   8.328   12.300  1.00 19.45 ? 118 PRO A CA  1 
ATOM   865  C C   . PRO A 1 122 ? 1.207   7.783   10.936  1.00 18.09 ? 118 PRO A C   1 
ATOM   866  O O   . PRO A 1 122 ? 1.123   8.497   9.950   1.00 14.24 ? 118 PRO A O   1 
ATOM   867  C CB  . PRO A 1 122 ? -0.603  7.844   12.645  1.00 17.29 ? 118 PRO A CB  1 
ATOM   868  C CG  . PRO A 1 122 ? -1.468  8.861   11.925  1.00 20.22 ? 118 PRO A CG  1 
ATOM   869  C CD  . PRO A 1 122 ? -0.755  10.194  12.125  1.00 13.08 ? 118 PRO A CD  1 
ATOM   870  N N   . LEU A 1 123 ? 1.613   6.511   10.902  1.00 10.79 ? 119 LEU A N   1 
ATOM   871  C CA  . LEU A 1 123 ? 1.738   5.785   9.665   1.00 12.74 ? 119 LEU A CA  1 
ATOM   872  C C   . LEU A 1 123 ? 0.344   5.561   9.099   1.00 12.36 ? 119 LEU A C   1 
ATOM   873  O O   . LEU A 1 123 ? -0.600  5.142   9.824   1.00 11.63 ? 119 LEU A O   1 
ATOM   874  C CB  . LEU A 1 123 ? 2.464   4.438   9.879   1.00 12.78 ? 119 LEU A CB  1 
ATOM   875  C CG  . LEU A 1 123 ? 2.727   3.666   8.591   1.00 15.54 ? 119 LEU A CG  1 
ATOM   876  C CD1 . LEU A 1 123 ? 3.734   4.431   7.655   1.00 13.29 ? 119 LEU A CD1 1 
ATOM   877  C CD2 . LEU A 1 123 ? 3.174   2.241   8.863   1.00 17.51 ? 119 LEU A CD2 1 
ATOM   878  N N   . CYS A 1 124 ? 0.208   5.864   7.825   1.00 12.49 ? 120 CYS A N   1 
ATOM   879  C CA  . CYS A 1 124 ? -1.095  5.806   7.174   1.00 15.15 ? 120 CYS A CA  1 
ATOM   880  C C   . CYS A 1 124 ? -1.087  4.724   6.110   1.00 14.52 ? 120 CYS A C   1 
ATOM   881  O O   . CYS A 1 124 ? -0.105  4.595   5.383   1.00 17.27 ? 120 CYS A O   1 
ATOM   882  C CB  . CYS A 1 124 ? -1.449  7.149   6.548   1.00 16.58 ? 120 CYS A CB  1 
ATOM   883  S SG  . CYS A 1 124 ? -1.732  8.429   7.766   1.00 16.39 ? 120 CYS A SG  1 
ATOM   884  N N   . ILE A 1 125 ? -2.191  3.979   6.007   1.00 13.86 ? 121 ILE A N   1 
ATOM   885  C CA  . ILE A 1 125 ? -2.410  3.063   4.872   1.00 8.62  ? 121 ILE A CA  1 
ATOM   886  C C   . ILE A 1 125 ? -3.054  3.914   3.785   1.00 13.65 ? 121 ILE A C   1 
ATOM   887  O O   . ILE A 1 125 ? -4.199  4.340   3.918   1.00 13.42 ? 121 ILE A O   1 
ATOM   888  C CB  . ILE A 1 125 ? -3.290  1.854   5.271   1.00 14.18 ? 121 ILE A CB  1 
ATOM   889  C CG1 . ILE A 1 125 ? -2.670  1.128   6.490   1.00 13.33 ? 121 ILE A CG1 1 
ATOM   890  C CG2 . ILE A 1 125 ? -3.489  0.890   4.079   1.00 17.03 ? 121 ILE A CG2 1 
ATOM   891  C CD1 . ILE A 1 125 ? -1.210  0.636   6.285   1.00 13.81 ? 121 ILE A CD1 1 
ATOM   892  N N   . LEU A 1 126 ? -2.312  4.163   2.711   1.00 11.60 ? 122 LEU A N   1 
ATOM   893  C CA  . LEU A 1 126 ? -2.745  5.116   1.680   1.00 14.66 ? 122 LEU A CA  1 
ATOM   894  C C   . LEU A 1 126 ? -3.339  4.453   0.424   1.00 20.32 ? 122 LEU A C   1 
ATOM   895  O O   . LEU A 1 126 ? -4.227  5.008   -0.230  1.00 16.48 ? 122 LEU A O   1 
ATOM   896  C CB  . LEU A 1 126 ? -1.567  6.020   1.292   1.00 16.15 ? 122 LEU A CB  1 
ATOM   897  C CG  . LEU A 1 126 ? -1.015  6.833   2.461   1.00 20.52 ? 122 LEU A CG  1 
ATOM   898  C CD1 . LEU A 1 126 ? 0.250   7.535   2.054   1.00 21.72 ? 122 LEU A CD1 1 
ATOM   899  C CD2 . LEU A 1 126 ? -2.065  7.840   2.999   1.00 16.01 ? 122 LEU A CD2 1 
ATOM   900  N N   . ASP A 1 127 ? -2.893  3.242   0.106   1.00 16.05 ? 123 ASP A N   1 
ATOM   901  C CA  . ASP A 1 127 ? -3.457  2.521   -1.033  1.00 16.09 ? 123 ASP A CA  1 
ATOM   902  C C   . ASP A 1 127 ? -3.162  1.050   -0.778  1.00 17.17 ? 123 ASP A C   1 
ATOM   903  O O   . ASP A 1 127 ? -2.133  0.748   -0.186  1.00 9.50  ? 123 ASP A O   1 
ATOM   904  C CB  . ASP A 1 127 ? -2.836  3.006   -2.351  1.00 19.12 ? 123 ASP A CB  1 
ATOM   905  C CG  . ASP A 1 127 ? -3.720  2.703   -3.568  1.00 19.38 ? 123 ASP A CG  1 
ATOM   906  O OD1 . ASP A 1 127 ? -4.775  2.060   -3.389  1.00 22.05 ? 123 ASP A OD1 1 
ATOM   907  O OD2 . ASP A 1 127 ? -3.366  3.115   -4.700  1.00 16.35 ? 123 ASP A OD2 1 
ATOM   908  N N   . PHE A 1 128 ? -4.039  0.147   -1.217  1.00 12.57 ? 124 PHE A N   1 
ATOM   909  C CA  . PHE A 1 128 ? -3.913  -1.271  -0.904  1.00 14.33 ? 124 PHE A CA  1 
ATOM   910  C C   . PHE A 1 128 ? -4.715  -1.974  -1.969  1.00 19.52 ? 124 PHE A C   1 
ATOM   911  O O   . PHE A 1 128 ? -5.858  -1.597  -2.224  1.00 21.10 ? 124 PHE A O   1 
ATOM   912  C CB  . PHE A 1 128 ? -4.443  -1.561  0.532   1.00 12.56 ? 124 PHE A CB  1 
ATOM   913  C CG  . PHE A 1 128 ? -4.144  -2.968  1.079   1.00 18.04 ? 124 PHE A CG  1 
ATOM   914  C CD1 . PHE A 1 128 ? -3.252  -3.835  0.455   1.00 18.14 ? 124 PHE A CD1 1 
ATOM   915  C CD2 . PHE A 1 128 ? -4.773  -3.395  2.268   1.00 19.05 ? 124 PHE A CD2 1 
ATOM   916  C CE1 . PHE A 1 128 ? -3.003  -5.125  0.985   1.00 14.16 ? 124 PHE A CE1 1 
ATOM   917  C CE2 . PHE A 1 128 ? -4.522  -4.673  2.815   1.00 11.80 ? 124 PHE A CE2 1 
ATOM   918  C CZ  . PHE A 1 128 ? -3.653  -5.535  2.175   1.00 15.08 ? 124 PHE A CZ  1 
ATOM   919  N N   . TYR A 1 129 ? -4.136  -2.961  -2.630  1.00 18.68 ? 125 TYR A N   1 
ATOM   920  C CA  . TYR A 1 129 ? -4.831  -3.576  -3.765  1.00 18.91 ? 125 TYR A CA  1 
ATOM   921  C C   . TYR A 1 129 ? -4.227  -4.926  -4.069  1.00 17.77 ? 125 TYR A C   1 
ATOM   922  O O   . TYR A 1 129 ? -3.029  -5.099  -4.074  1.00 17.10 ? 125 TYR A O   1 
ATOM   923  C CB  . TYR A 1 129 ? -4.769  -2.652  -4.982  1.00 26.06 ? 125 TYR A CB  1 
ATOM   924  C CG  . TYR A 1 129 ? -5.170  -3.309  -6.276  1.00 17.85 ? 125 TYR A CG  1 
ATOM   925  C CD1 . TYR A 1 129 ? -6.519  -3.500  -6.585  1.00 27.16 ? 125 TYR A CD1 1 
ATOM   926  C CD2 . TYR A 1 129 ? -4.213  -3.751  -7.184  1.00 21.36 ? 125 TYR A CD2 1 
ATOM   927  C CE1 . TYR A 1 129 ? -6.902  -4.108  -7.765  1.00 28.55 ? 125 TYR A CE1 1 
ATOM   928  C CE2 . TYR A 1 129 ? -4.591  -4.367  -8.379  1.00 27.80 ? 125 TYR A CE2 1 
ATOM   929  C CZ  . TYR A 1 129 ? -5.937  -4.530  -8.666  1.00 26.93 ? 125 TYR A CZ  1 
ATOM   930  O OH  . TYR A 1 129 ? -6.332  -5.143  -9.846  1.00 30.12 ? 125 TYR A OH  1 
ATOM   931  N N   . ILE A 1 130 ? -5.091  -5.900  -4.298  1.00 22.78 ? 126 ILE A N   1 
ATOM   932  C CA  . ILE A 1 130 ? -4.683  -7.234  -4.659  1.00 21.73 ? 126 ILE A CA  1 
ATOM   933  C C   . ILE A 1 130 ? -5.488  -7.581  -5.897  1.00 26.73 ? 126 ILE A C   1 
ATOM   934  O O   . ILE A 1 130 ? -6.684  -7.325  -5.935  1.00 24.06 ? 126 ILE A O   1 
ATOM   935  C CB  . ILE A 1 130 ? -4.975  -8.264  -3.536  1.00 21.27 ? 126 ILE A CB  1 
ATOM   936  C CG1 . ILE A 1 130 ? -4.117  -7.997  -2.297  1.00 24.95 ? 126 ILE A CG1 1 
ATOM   937  C CG2 . ILE A 1 130 ? -4.824  -9.727  -4.048  1.00 16.16 ? 126 ILE A CG2 1 
ATOM   938  C CD1 . ILE A 1 130 ? -2.649  -8.298  -2.495  1.00 19.71 ? 126 ILE A CD1 1 
ATOM   939  N N   . HIS A 1 131 ? -4.847  -8.157  -6.900  1.00 27.11 ? 127 HIS A N   1 
ATOM   940  C CA  . HIS A 1 131 ? -5.538  -8.408  -8.157  1.00 33.08 ? 127 HIS A CA  1 
ATOM   941  C C   . HIS A 1 131 ? -6.815  -9.213  -7.928  1.00 22.98 ? 127 HIS A C   1 
ATOM   942  O O   . HIS A 1 131 ? -6.808  -10.187 -7.184  1.00 29.44 ? 127 HIS A O   1 
ATOM   943  C CB  . HIS A 1 131 ? -4.630  -9.135  -9.148  1.00 29.47 ? 127 HIS A CB  1 
ATOM   944  C CG  . HIS A 1 131 ? -5.154  -9.102  -10.552 1.00 34.01 ? 127 HIS A CG  1 
ATOM   945  N ND1 . HIS A 1 131 ? -5.424  -10.250 -11.271 1.00 50.95 ? 127 HIS A ND1 1 
ATOM   946  C CD2 . HIS A 1 131 ? -5.508  -8.066  -11.340 1.00 44.49 ? 127 HIS A CD2 1 
ATOM   947  C CE1 . HIS A 1 131 ? -5.894  -9.913  -12.458 1.00 48.46 ? 127 HIS A CE1 1 
ATOM   948  N NE2 . HIS A 1 131 ? -5.964  -8.599  -12.530 1.00 48.22 ? 127 HIS A NE2 1 
ATOM   949  N N   . GLU A 1 132 ? -7.895  -8.787  -8.594  1.00 35.51 ? 128 GLU A N   1 
ATOM   950  C CA  . GLU A 1 132 ? -9.230  -9.354  -8.399  1.00 28.95 ? 128 GLU A CA  1 
ATOM   951  C C   . GLU A 1 132 ? -9.272  -10.863 -8.543  1.00 32.88 ? 128 GLU A C   1 
ATOM   952  O O   . GLU A 1 132 ? -10.055 -11.542 -7.871  1.00 42.66 ? 128 GLU A O   1 
ATOM   953  C CB  . GLU A 1 132 ? -10.218 -8.734  -9.390  1.00 37.50 ? 128 GLU A CB  1 
ATOM   954  C CG  . GLU A 1 132 ? -10.715 -7.355  -8.988  1.00 31.04 ? 128 GLU A CG  1 
ATOM   955  C CD  . GLU A 1 132 ? -9.715  -6.252  -9.299  1.00 36.10 ? 128 GLU A CD  1 
ATOM   956  O OE1 . GLU A 1 132 ? -8.657  -6.567  -9.877  1.00 41.22 ? 128 GLU A OE1 1 
ATOM   957  O OE2 . GLU A 1 132 ? -9.994  -5.074  -8.966  1.00 47.21 ? 128 GLU A OE2 1 
ATOM   958  N N   . SER A 1 133 ? -8.418  -11.389 -9.414  1.00 37.12 ? 129 SER A N   1 
ATOM   959  C CA  . SER A 1 133 ? -8.452  -12.806 -9.729  1.00 44.80 ? 129 SER A CA  1 
ATOM   960  C C   . SER A 1 133 ? -7.863  -13.638 -8.606  1.00 42.15 ? 129 SER A C   1 
ATOM   961  O O   . SER A 1 133 ? -7.993  -14.865 -8.603  1.00 38.07 ? 129 SER A O   1 
ATOM   962  C CB  . SER A 1 133 ? -7.697  -13.080 -11.025 1.00 50.35 ? 129 SER A CB  1 
ATOM   963  O OG  . SER A 1 133 ? -6.329  -12.758 -10.873 1.00 45.46 ? 129 SER A OG  1 
ATOM   964  N N   . VAL A 1 134 ? -7.209  -12.989 -7.644  1.00 36.75 ? 130 VAL A N   1 
ATOM   965  C CA  . VAL A 1 134 ? -6.540  -13.758 -6.603  1.00 31.92 ? 130 VAL A CA  1 
ATOM   966  C C   . VAL A 1 134 ? -6.829  -13.222 -5.199  1.00 29.54 ? 130 VAL A C   1 
ATOM   967  O O   . VAL A 1 134 ? -6.124  -13.553 -4.248  1.00 27.79 ? 130 VAL A O   1 
ATOM   968  C CB  . VAL A 1 134 ? -5.011  -13.809 -6.840  1.00 34.72 ? 130 VAL A CB  1 
ATOM   969  C CG1 . VAL A 1 134 ? -4.676  -14.795 -7.941  1.00 33.24 ? 130 VAL A CG1 1 
ATOM   970  C CG2 . VAL A 1 134 ? -4.477  -12.430 -7.178  1.00 16.59 ? 130 VAL A CG2 1 
ATOM   971  N N   . GLN A 1 135 ? -7.876  -12.411 -5.074  1.00 29.18 ? 131 GLN A N   1 
ATOM   972  C CA  . GLN A 1 135 ? -8.318  -11.932 -3.764  1.00 29.50 ? 131 GLN A CA  1 
ATOM   973  C C   . GLN A 1 135 ? -8.860  -13.074 -2.898  1.00 34.63 ? 131 GLN A C   1 
ATOM   974  O O   . GLN A 1 135 ? -9.128  -14.173 -3.390  1.00 31.27 ? 131 GLN A O   1 
ATOM   975  C CB  . GLN A 1 135 ? -9.370  -10.834 -3.925  1.00 23.90 ? 131 GLN A CB  1 
ATOM   976  C CG  . GLN A 1 135 ? -8.798  -9.582  -4.575  1.00 17.53 ? 131 GLN A CG  1 
ATOM   977  C CD  . GLN A 1 135 ? -9.827  -8.511  -4.815  1.00 33.94 ? 131 GLN A CD  1 
ATOM   978  O OE1 . GLN A 1 135 ? -11.018 -8.727  -4.624  1.00 36.51 ? 131 GLN A OE1 1 
ATOM   979  N NE2 . GLN A 1 135 ? -9.373  -7.340  -5.230  1.00 30.94 ? 131 GLN A NE2 1 
ATOM   980  N N   . ARG A 1 136 ? -8.989  -12.799 -1.604  1.00 27.02 ? 132 ARG A N   1 
ATOM   981  C CA  . ARG A 1 136 ? -9.462  -13.767 -0.620  1.00 30.71 ? 132 ARG A CA  1 
ATOM   982  C C   . ARG A 1 136 ? -8.672  -15.075 -0.664  1.00 36.31 ? 132 ARG A C   1 
ATOM   983  O O   . ARG A 1 136 ? -9.197  -16.124 -0.312  1.00 28.37 ? 132 ARG A O   1 
ATOM   984  C CB  . ARG A 1 136 ? -10.969 -14.035 -0.817  1.00 29.65 ? 132 ARG A CB  1 
ATOM   985  C CG  . ARG A 1 136 ? -11.838 -12.805 -0.624  1.00 29.42 ? 132 ARG A CG  1 
ATOM   986  C CD  . ARG A 1 136 ? -13.340 -13.128 -0.534  1.00 20.81 ? 132 ARG A CD  1 
ATOM   987  N NE  . ARG A 1 136 ? -13.857 -13.062 0.829   1.00 22.42 ? 132 ARG A NE  1 
ATOM   988  C CZ  . ARG A 1 136 ? -15.127 -12.802 1.122   1.00 29.64 ? 132 ARG A CZ  1 
ATOM   989  N NH1 . ARG A 1 136 ? -15.993 -12.573 0.141   1.00 33.04 ? 132 ARG A NH1 1 
ATOM   990  N NH2 . ARG A 1 136 ? -15.525 -12.758 2.385   1.00 34.55 ? 132 ARG A NH2 1 
ATOM   991  N N   . HIS A 1 137 ? -7.403  -15.013 -1.079  1.00 26.58 ? 133 HIS A N   1 
ATOM   992  C CA  . HIS A 1 137 ? -6.515  -16.166 -0.956  1.00 32.93 ? 133 HIS A CA  1 
ATOM   993  C C   . HIS A 1 137 ? -5.397  -15.959 0.072   1.00 27.98 ? 133 HIS A C   1 
ATOM   994  O O   . HIS A 1 137 ? -4.508  -16.790 0.180   1.00 27.25 ? 133 HIS A O   1 
ATOM   995  C CB  . HIS A 1 137 ? -5.912  -16.519 -2.317  1.00 29.65 ? 133 HIS A CB  1 
ATOM   996  C CG  . HIS A 1 137 ? -6.882  -17.167 -3.256  1.00 38.80 ? 133 HIS A CG  1 
ATOM   997  N ND1 . HIS A 1 137 ? -7.125  -18.531 -3.264  1.00 36.60 ? 133 HIS A ND1 1 
ATOM   998  C CD2 . HIS A 1 137 ? -7.673  -16.643 -4.219  1.00 42.80 ? 133 HIS A CD2 1 
ATOM   999  C CE1 . HIS A 1 137 ? -8.026  -18.809 -4.185  1.00 43.22 ? 133 HIS A CE1 1 
ATOM   1000 N NE2 . HIS A 1 137 ? -8.375  -17.682 -4.784  1.00 42.60 ? 133 HIS A NE2 1 
ATOM   1001 N N   . GLY A 1 138 ? -5.446  -14.850 0.821   1.00 20.19 ? 134 GLY A N   1 
ATOM   1002 C CA  . GLY A 1 138 ? -4.546  -14.636 1.937   1.00 19.17 ? 134 GLY A CA  1 
ATOM   1003 C C   . GLY A 1 138 ? -3.337  -13.799 1.544   1.00 20.70 ? 134 GLY A C   1 
ATOM   1004 O O   . GLY A 1 138 ? -2.428  -13.570 2.359   1.00 19.67 ? 134 GLY A O   1 
ATOM   1005 N N   . HIS A 1 139 ? -3.330  -13.345 0.288   1.00 16.15 ? 135 HIS A N   1 
ATOM   1006 C CA  . HIS A 1 139 ? -2.222  -12.527 -0.214  1.00 23.43 ? 135 HIS A CA  1 
ATOM   1007 C C   . HIS A 1 139 ? -2.183  -11.158 0.489   1.00 19.76 ? 135 HIS A C   1 
ATOM   1008 O O   . HIS A 1 139 ? -1.117  -10.698 0.885   1.00 17.94 ? 135 HIS A O   1 
ATOM   1009 C CB  . HIS A 1 139 ? -2.332  -12.317 -1.725  1.00 25.25 ? 135 HIS A CB  1 
ATOM   1010 C CG  . HIS A 1 139 ? -2.092  -13.552 -2.536  1.00 33.29 ? 135 HIS A CG  1 
ATOM   1011 N ND1 . HIS A 1 139 ? -1.033  -14.408 -2.308  1.00 30.46 ? 135 HIS A ND1 1 
ATOM   1012 C CD2 . HIS A 1 139 ? -2.756  -14.061 -3.608  1.00 23.06 ? 135 HIS A CD2 1 
ATOM   1013 C CE1 . HIS A 1 139 ? -1.069  -15.396 -3.183  1.00 40.01 ? 135 HIS A CE1 1 
ATOM   1014 N NE2 . HIS A 1 139 ? -2.096  -15.204 -3.986  1.00 24.69 ? 135 HIS A NE2 1 
ATOM   1015 N N   . GLY A 1 140 ? -3.347  -10.508 0.615   1.00 16.18 ? 136 GLY A N   1 
ATOM   1016 C CA  . GLY A 1 140 ? -3.419  -9.225  1.313   1.00 16.97 ? 136 GLY A CA  1 
ATOM   1017 C C   . GLY A 1 140 ? -2.854  -9.310  2.721   1.00 17.73 ? 136 GLY A C   1 
ATOM   1018 O O   . GLY A 1 140 ? -2.141  -8.419  3.171   1.00 13.40 ? 136 GLY A O   1 
ATOM   1019 N N   . ARG A 1 141 ? -3.189  -10.378 3.442   1.00 16.36 ? 137 ARG A N   1 
ATOM   1020 C CA  . ARG A 1 141 ? -2.667  -10.546 4.795   1.00 22.21 ? 137 ARG A CA  1 
ATOM   1021 C C   . ARG A 1 141 ? -1.149  -10.662 4.798   1.00 18.23 ? 137 ARG A C   1 
ATOM   1022 O O   . ARG A 1 141 ? -0.475  -10.037 5.615   1.00 17.03 ? 137 ARG A O   1 
ATOM   1023 C CB  . ARG A 1 141 ? -3.266  -11.781 5.471   1.00 14.17 ? 137 ARG A CB  1 
ATOM   1024 C CG  . ARG A 1 141 ? -2.816  -11.945 6.912   1.00 24.86 ? 137 ARG A CG  1 
ATOM   1025 C CD  . ARG A 1 141 ? -2.677  -13.430 7.294   1.00 38.22 ? 137 ARG A CD  1 
ATOM   1026 N NE  . ARG A 1 141 ? -1.302  -13.909 7.125   1.00 42.82 ? 137 ARG A NE  1 
ATOM   1027 C CZ  . ARG A 1 141 ? -0.857  -14.557 6.051   1.00 45.56 ? 137 ARG A CZ  1 
ATOM   1028 N NH1 . ARG A 1 141 ? -1.680  -14.824 5.040   1.00 52.67 ? 137 ARG A NH1 1 
ATOM   1029 N NH2 . ARG A 1 141 ? 0.410   -14.944 5.989   1.00 40.01 ? 137 ARG A NH2 1 
ATOM   1030 N N   . GLU A 1 142 ? -0.610  -11.493 3.908   1.00 19.40 ? 138 GLU A N   1 
ATOM   1031 C CA  . GLU A 1 142 ? 0.830   -11.714 3.875   1.00 24.72 ? 138 GLU A CA  1 
ATOM   1032 C C   . GLU A 1 142 ? 1.591   -10.401 3.636   1.00 20.31 ? 138 GLU A C   1 
ATOM   1033 O O   . GLU A 1 142 ? 2.600   -10.103 4.305   1.00 17.04 ? 138 GLU A O   1 
ATOM   1034 C CB  . GLU A 1 142 ? 1.203   -12.741 2.788   1.00 25.47 ? 138 GLU A CB  1 
ATOM   1035 C CG  . GLU A 1 142 ? 2.643   -13.226 2.970   1.00 28.57 ? 138 GLU A CG  1 
ATOM   1036 C CD  . GLU A 1 142 ? 3.262   -13.832 1.713   1.00 31.05 ? 138 GLU A CD  1 
ATOM   1037 O OE1 . GLU A 1 142 ? 4.505   -14.022 1.694   1.00 35.15 ? 138 GLU A OE1 1 
ATOM   1038 O OE2 . GLU A 1 142 ? 2.524   -14.104 0.743   1.00 34.77 ? 138 GLU A OE2 1 
ATOM   1039 N N   . LEU A 1 143 ? 1.071   -9.623  2.692   1.00 18.42 ? 139 LEU A N   1 
ATOM   1040 C CA  . LEU A 1 143 ? 1.623   -8.319  2.350   1.00 15.33 ? 139 LEU A CA  1 
ATOM   1041 C C   . LEU A 1 143 ? 1.501   -7.313  3.505   1.00 17.39 ? 139 LEU A C   1 
ATOM   1042 O O   . LEU A 1 143 ? 2.490   -6.688  3.887   1.00 12.42 ? 139 LEU A O   1 
ATOM   1043 C CB  . LEU A 1 143 ? 0.919   -7.799  1.100   1.00 15.53 ? 139 LEU A CB  1 
ATOM   1044 C CG  . LEU A 1 143 ? 1.488   -6.567  0.450   1.00 17.59 ? 139 LEU A CG  1 
ATOM   1045 C CD1 . LEU A 1 143 ? 3.021   -6.720  0.318   1.00 18.51 ? 139 LEU A CD1 1 
ATOM   1046 C CD2 . LEU A 1 143 ? 0.822   -6.383  -0.912  1.00 18.00 ? 139 LEU A CD2 1 
ATOM   1047 N N   . PHE A 1 144 ? 0.297   -7.171  4.068   1.00 12.38 ? 140 PHE A N   1 
ATOM   1048 C CA  . PHE A 1 144 ? 0.068   -6.298  5.240   1.00 14.19 ? 140 PHE A CA  1 
ATOM   1049 C C   . PHE A 1 144 ? 0.989   -6.665  6.420   1.00 13.71 ? 140 PHE A C   1 
ATOM   1050 O O   . PHE A 1 144 ? 1.614   -5.791  7.026   1.00 15.53 ? 140 PHE A O   1 
ATOM   1051 C CB  . PHE A 1 144 ? -1.410  -6.369  5.674   1.00 11.32 ? 140 PHE A CB  1 
ATOM   1052 C CG  . PHE A 1 144 ? -1.887  -5.156  6.402   1.00 10.28 ? 140 PHE A CG  1 
ATOM   1053 C CD1 . PHE A 1 144 ? -1.749  -5.049  7.778   1.00 14.22 ? 140 PHE A CD1 1 
ATOM   1054 C CD2 . PHE A 1 144 ? -2.436  -4.102  5.701   1.00 13.85 ? 140 PHE A CD2 1 
ATOM   1055 C CE1 . PHE A 1 144 ? -2.172  -3.905  8.439   1.00 15.95 ? 140 PHE A CE1 1 
ATOM   1056 C CE2 . PHE A 1 144 ? -2.876  -2.963  6.357   1.00 17.74 ? 140 PHE A CE2 1 
ATOM   1057 C CZ  . PHE A 1 144 ? -2.737  -2.861  7.722   1.00 11.53 ? 140 PHE A CZ  1 
ATOM   1058 N N   . GLN A 1 145 ? 1.101   -7.952  6.721   1.00 17.77 ? 141 GLN A N   1 
ATOM   1059 C CA  . GLN A 1 145 ? 1.984   -8.411  7.812   1.00 17.91 ? 141 GLN A CA  1 
ATOM   1060 C C   . GLN A 1 145 ? 3.452   -8.058  7.576   1.00 16.01 ? 141 GLN A C   1 
ATOM   1061 O O   . GLN A 1 145 ? 4.166   -7.625  8.489   1.00 17.79 ? 141 GLN A O   1 
ATOM   1062 C CB  . GLN A 1 145 ? 1.858   -9.926  7.992   1.00 23.43 ? 141 GLN A CB  1 
ATOM   1063 C CG  . GLN A 1 145 ? 2.499   -10.453 9.287   1.00 28.97 ? 141 GLN A CG  1 
ATOM   1064 C CD  . GLN A 1 145 ? 1.529   -10.494 10.462  1.00 30.73 ? 141 GLN A CD  1 
ATOM   1065 O OE1 . GLN A 1 145 ? 0.852   -9.512  10.765  1.00 25.05 ? 141 GLN A OE1 1 
ATOM   1066 N NE2 . GLN A 1 145 ? 1.449   -11.647 11.122  1.00 32.53 ? 141 GLN A NE2 1 
ATOM   1067 N N   . TYR A 1 146 ? 3.901   -8.270  6.341   1.00 17.17 ? 142 TYR A N   1 
ATOM   1068 C CA  . TYR A 1 146 ? 5.260   -7.901  5.951   1.00 16.92 ? 142 TYR A CA  1 
ATOM   1069 C C   . TYR A 1 146 ? 5.522   -6.416  6.177   1.00 16.59 ? 142 TYR A C   1 
ATOM   1070 O O   . TYR A 1 146 ? 6.547   -6.028  6.747   1.00 12.65 ? 142 TYR A O   1 
ATOM   1071 C CB  . TYR A 1 146 ? 5.509   -8.263  4.480   1.00 12.81 ? 142 TYR A CB  1 
ATOM   1072 C CG  . TYR A 1 146 ? 6.963   -8.164  4.095   1.00 19.22 ? 142 TYR A CG  1 
ATOM   1073 C CD1 . TYR A 1 146 ? 7.815   -9.253  4.249   1.00 18.55 ? 142 TYR A CD1 1 
ATOM   1074 C CD2 . TYR A 1 146 ? 7.486   -6.984  3.589   1.00 22.03 ? 142 TYR A CD2 1 
ATOM   1075 C CE1 . TYR A 1 146 ? 9.154   -9.163  3.902   1.00 26.90 ? 142 TYR A CE1 1 
ATOM   1076 C CE2 . TYR A 1 146 ? 8.823   -6.884  3.244   1.00 17.05 ? 142 TYR A CE2 1 
ATOM   1077 C CZ  . TYR A 1 146 ? 9.642   -7.981  3.391   1.00 20.15 ? 142 TYR A CZ  1 
ATOM   1078 O OH  . TYR A 1 146 ? 10.974  -7.873  3.054   1.00 23.77 ? 142 TYR A OH  1 
ATOM   1079 N N   . MET A 1 147 ? 4.590   -5.582  5.720   1.00 15.56 ? 143 MET A N   1 
ATOM   1080 C CA  . MET A 1 147 ? 4.693   -4.143  5.898   1.00 13.89 ? 143 MET A CA  1 
ATOM   1081 C C   . MET A 1 147 ? 4.751   -3.775  7.388   1.00 13.90 ? 143 MET A C   1 
ATOM   1082 O O   . MET A 1 147 ? 5.549   -2.929  7.774   1.00 14.96 ? 143 MET A O   1 
ATOM   1083 C CB  . MET A 1 147 ? 3.502   -3.461  5.182   1.00 13.79 ? 143 MET A CB  1 
ATOM   1084 C CG  . MET A 1 147 ? 3.380   -1.946  5.336   1.00 10.43 ? 143 MET A CG  1 
ATOM   1085 S SD  . MET A 1 147 ? 2.639   -1.410  6.899   1.00 15.17 ? 143 MET A SD  1 
ATOM   1086 C CE  . MET A 1 147 ? 1.079   -2.312  6.827   1.00 10.39 ? 143 MET A CE  1 
ATOM   1087 N N   . LEU A 1 148 ? 3.889   -4.386  8.210   1.00 14.81 ? 144 LEU A N   1 
ATOM   1088 C CA  . LEU A 1 148 ? 3.879   -4.071  9.644   1.00 12.91 ? 144 LEU A CA  1 
ATOM   1089 C C   . LEU A 1 148 ? 5.227   -4.345  10.274  1.00 19.17 ? 144 LEU A C   1 
ATOM   1090 O O   . LEU A 1 148 ? 5.702   -3.594  11.123  1.00 15.36 ? 144 LEU A O   1 
ATOM   1091 C CB  . LEU A 1 148 ? 2.855   -4.883  10.392  1.00 14.22 ? 144 LEU A CB  1 
ATOM   1092 C CG  . LEU A 1 148 ? 1.380   -4.585  10.137  1.00 15.00 ? 144 LEU A CG  1 
ATOM   1093 C CD1 . LEU A 1 148 ? 0.547   -5.625  10.897  1.00 19.06 ? 144 LEU A CD1 1 
ATOM   1094 C CD2 . LEU A 1 148 ? 1.080   -3.180  10.619  1.00 17.67 ? 144 LEU A CD2 1 
ATOM   1095 N N   . GLN A 1 149 ? 5.813   -5.459  9.865   1.00 21.00 ? 145 GLN A N   1 
ATOM   1096 C CA  . GLN A 1 149 ? 7.033   -5.913  10.489  1.00 19.26 ? 145 GLN A CA  1 
ATOM   1097 C C   . GLN A 1 149 ? 8.191   -5.036  10.052  1.00 15.63 ? 145 GLN A C   1 
ATOM   1098 O O   . GLN A 1 149 ? 9.053   -4.724  10.864  1.00 18.80 ? 145 GLN A O   1 
ATOM   1099 C CB  . GLN A 1 149 ? 7.272   -7.393  10.184  1.00 21.13 ? 145 GLN A CB  1 
ATOM   1100 C CG  . GLN A 1 149 ? 6.254   -8.314  10.892  1.00 38.50 ? 145 GLN A CG  1 
ATOM   1101 C CD  . GLN A 1 149 ? 6.397   -9.779  10.511  1.00 46.81 ? 145 GLN A CD  1 
ATOM   1102 O OE1 . GLN A 1 149 ? 7.378   -10.169 9.868   1.00 41.18 ? 145 GLN A OE1 1 
ATOM   1103 N NE2 . GLN A 1 149 ? 5.409   -10.602 10.899  1.00 26.72 ? 145 GLN A NE2 1 
ATOM   1104 N N   A LYS A 1 150 ? 8.191   -4.625  8.780   0.50 16.51 ? 146 LYS A N   1 
ATOM   1105 N N   B LYS A 1 150 ? 8.193   -4.609  8.792   0.50 16.51 ? 146 LYS A N   1 
ATOM   1106 C CA  A LYS A 1 150 ? 9.237   -3.750  8.232   0.50 16.18 ? 146 LYS A CA  1 
ATOM   1107 C CA  B LYS A 1 150 ? 9.273   -3.762  8.292   0.50 16.20 ? 146 LYS A CA  1 
ATOM   1108 C C   A LYS A 1 150 ? 9.149   -2.336  8.819   0.50 21.09 ? 146 LYS A C   1 
ATOM   1109 C C   B LYS A 1 150 ? 9.155   -2.324  8.820   0.50 21.11 ? 146 LYS A C   1 
ATOM   1110 O O   A LYS A 1 150 ? 10.174  -1.712  9.139   0.50 18.83 ? 146 LYS A O   1 
ATOM   1111 O O   B LYS A 1 150 ? 10.170  -1.673  9.121   0.50 18.81 ? 146 LYS A O   1 
ATOM   1112 C CB  A LYS A 1 150 ? 9.132   -3.691  6.706   0.50 16.63 ? 146 LYS A CB  1 
ATOM   1113 C CB  B LYS A 1 150 ? 9.288   -3.797  6.768   0.50 16.59 ? 146 LYS A CB  1 
ATOM   1114 C CG  A LYS A 1 150 ? 10.318  -3.023  6.002   0.50 23.38 ? 146 LYS A CG  1 
ATOM   1115 C CG  B LYS A 1 150 ? 9.611   -5.179  6.200   0.50 23.38 ? 146 LYS A CG  1 
ATOM   1116 C CD  A LYS A 1 150 ? 11.100  -4.036  5.175   0.50 30.71 ? 146 LYS A CD  1 
ATOM   1117 C CD  B LYS A 1 150 ? 10.912  -5.707  6.779   0.50 29.91 ? 146 LYS A CD  1 
ATOM   1118 C CE  A LYS A 1 150 ? 12.554  -3.613  4.978   0.50 38.27 ? 146 LYS A CE  1 
ATOM   1119 C CE  B LYS A 1 150 ? 11.285  -7.059  6.199   0.50 36.06 ? 146 LYS A CE  1 
ATOM   1120 N NZ  A LYS A 1 150 ? 12.682  -2.433  4.087   0.50 37.93 ? 146 LYS A NZ  1 
ATOM   1121 N NZ  B LYS A 1 150 ? 12.588  -7.545  6.727   0.50 41.73 ? 146 LYS A NZ  1 
ATOM   1122 N N   . GLU A 1 151 ? 7.920   -1.834  8.946   1.00 22.16 ? 147 GLU A N   1 
ATOM   1123 C CA  . GLU A 1 151 ? 7.678   -0.476  9.435   1.00 16.95 ? 147 GLU A CA  1 
ATOM   1124 C C   . GLU A 1 151 ? 7.778   -0.364  10.970  1.00 17.99 ? 147 GLU A C   1 
ATOM   1125 O O   . GLU A 1 151 ? 7.888   0.749   11.517  1.00 18.48 ? 147 GLU A O   1 
ATOM   1126 C CB  . GLU A 1 151 ? 6.305   0.034   8.935   1.00 12.64 ? 147 GLU A CB  1 
ATOM   1127 C CG  . GLU A 1 151 ? 6.226   0.218   7.401   1.00 16.86 ? 147 GLU A CG  1 
ATOM   1128 C CD  . GLU A 1 151 ? 7.074   1.363   6.840   1.00 17.38 ? 147 GLU A CD  1 
ATOM   1129 O OE1 . GLU A 1 151 ? 7.290   2.385   7.549   1.00 17.41 ? 147 GLU A OE1 1 
ATOM   1130 O OE2 . GLU A 1 151 ? 7.524   1.254   5.670   1.00 17.92 ? 147 GLU A OE2 1 
ATOM   1131 N N   A ARG A 1 152 ? 7.760   -1.514  11.646  0.50 14.94 ? 148 ARG A N   1 
ATOM   1132 N N   B ARG A 1 152 ? 7.759   -1.505  11.660  0.50 14.94 ? 148 ARG A N   1 
ATOM   1133 C CA  A ARG A 1 152 ? 7.769   -1.579  13.114  0.50 22.12 ? 148 ARG A CA  1 
ATOM   1134 C CA  B ARG A 1 152 ? 7.790   -1.533  13.132  0.50 22.16 ? 148 ARG A CA  1 
ATOM   1135 C C   A ARG A 1 152 ? 6.643   -0.745  13.728  0.50 23.32 ? 148 ARG A C   1 
ATOM   1136 C C   B ARG A 1 152 ? 6.632   -0.754  13.754  0.50 23.32 ? 148 ARG A C   1 
ATOM   1137 O O   A ARG A 1 152 ? 6.880   0.078   14.619  0.50 16.34 ? 148 ARG A O   1 
ATOM   1138 O O   B ARG A 1 152 ? 6.839   0.031   14.685  0.50 16.37 ? 148 ARG A O   1 
ATOM   1139 C CB  A ARG A 1 152 ? 9.129   -1.123  13.668  0.50 23.27 ? 148 ARG A CB  1 
ATOM   1140 C CB  B ARG A 1 152 ? 9.115   -0.967  13.662  0.50 23.16 ? 148 ARG A CB  1 
ATOM   1141 C CG  A ARG A 1 152 ? 10.132  -2.267  13.868  0.50 30.35 ? 148 ARG A CG  1 
ATOM   1142 C CG  B ARG A 1 152 ? 9.803   -1.844  14.697  0.50 35.48 ? 148 ARG A CG  1 
ATOM   1143 C CD  A ARG A 1 152 ? 10.335  -2.590  15.355  0.50 38.85 ? 148 ARG A CD  1 
ATOM   1144 C CD  B ARG A 1 152 ? 10.447  -3.065  14.048  0.50 35.49 ? 148 ARG A CD  1 
ATOM   1145 N NE  A ARG A 1 152 ? 10.866  -1.451  16.102  0.50 47.48 ? 148 ARG A NE  1 
ATOM   1146 N NE  B ARG A 1 152 ? 11.713  -3.420  14.687  0.50 48.18 ? 148 ARG A NE  1 
ATOM   1147 C CZ  A ARG A 1 152 ? 11.141  -1.468  17.404  0.50 41.32 ? 148 ARG A CZ  1 
ATOM   1148 C CZ  B ARG A 1 152 ? 12.589  -4.279  14.181  0.50 43.63 ? 148 ARG A CZ  1 
ATOM   1149 N NH1 A ARG A 1 152 ? 10.941  -2.568  18.113  0.50 43.43 ? 148 ARG A NH1 1 
ATOM   1150 N NH1 B ARG A 1 152 ? 12.341  -4.873  13.020  0.50 46.71 ? 148 ARG A NH1 1 
ATOM   1151 N NH2 A ARG A 1 152 ? 11.617  -0.382  17.999  0.50 52.88 ? 148 ARG A NH2 1 
ATOM   1152 N NH2 B ARG A 1 152 ? 13.717  -4.538  14.826  0.50 49.97 ? 148 ARG A NH2 1 
ATOM   1153 N N   . VAL A 1 153 ? 5.426   -0.976  13.234  1.00 20.65 ? 149 VAL A N   1 
ATOM   1154 C CA  . VAL A 1 153 ? 4.220   -0.273  13.685  1.00 20.78 ? 149 VAL A CA  1 
ATOM   1155 C C   . VAL A 1 153 ? 3.156   -1.305  14.037  1.00 15.83 ? 149 VAL A C   1 
ATOM   1156 O O   . VAL A 1 153 ? 3.076   -2.369  13.402  1.00 19.33 ? 149 VAL A O   1 
ATOM   1157 C CB  . VAL A 1 153 ? 3.673   0.687   12.569  1.00 13.28 ? 149 VAL A CB  1 
ATOM   1158 C CG1 . VAL A 1 153 ? 2.435   1.411   13.025  1.00 15.89 ? 149 VAL A CG1 1 
ATOM   1159 C CG2 . VAL A 1 153 ? 4.767   1.718   12.129  1.00 19.62 ? 149 VAL A CG2 1 
ATOM   1160 N N   . GLU A 1 154 ? 2.368   -1.047  15.072  1.00 15.51 ? 150 GLU A N   1 
ATOM   1161 C CA  . GLU A 1 154 ? 1.294   -1.979  15.410  1.00 13.80 ? 150 GLU A CA  1 
ATOM   1162 C C   . GLU A 1 154 ? 0.019   -1.554  14.672  1.00 13.04 ? 150 GLU A C   1 
ATOM   1163 O O   . GLU A 1 154 ? -0.221  -0.375  14.456  1.00 18.50 ? 150 GLU A O   1 
ATOM   1164 C CB  . GLU A 1 154 ? 1.089   -2.054  16.934  1.00 15.60 ? 150 GLU A CB  1 
ATOM   1165 C CG  . GLU A 1 154 ? 2.323   -2.571  17.648  1.00 20.00 ? 150 GLU A CG  1 
ATOM   1166 C CD  . GLU A 1 154 ? 2.139   -2.700  19.149  1.00 20.07 ? 150 GLU A CD  1 
ATOM   1167 O OE1 . GLU A 1 154 ? 1.134   -3.299  19.569  1.00 27.29 ? 150 GLU A OE1 1 
ATOM   1168 O OE2 . GLU A 1 154 ? 3.015   -2.199  19.887  1.00 22.37 ? 150 GLU A OE2 1 
ATOM   1169 N N   . PRO A 1 155 ? -0.797  -2.528  14.258  1.00 16.75 ? 151 PRO A N   1 
ATOM   1170 C CA  . PRO A 1 155 ? -1.989  -2.233  13.434  1.00 14.26 ? 151 PRO A CA  1 
ATOM   1171 C C   . PRO A 1 155 ? -2.893  -1.132  14.011  1.00 18.44 ? 151 PRO A C   1 
ATOM   1172 O O   . PRO A 1 155 ? -3.284  -0.258  13.262  1.00 17.75 ? 151 PRO A O   1 
ATOM   1173 C CB  . PRO A 1 155 ? -2.748  -3.560  13.424  1.00 18.53 ? 151 PRO A CB  1 
ATOM   1174 C CG  . PRO A 1 155 ? -1.767  -4.576  13.700  1.00 19.59 ? 151 PRO A CG  1 
ATOM   1175 C CD  . PRO A 1 155 ? -0.682  -3.967  14.557  1.00 15.68 ? 151 PRO A CD  1 
ATOM   1176 N N   . HIS A 1 156 ? -3.209  -1.181  15.310  1.00 13.70 ? 152 HIS A N   1 
ATOM   1177 C CA  . HIS A 1 156 ? -4.034  -0.146  15.969  1.00 13.25 ? 152 HIS A CA  1 
ATOM   1178 C C   . HIS A 1 156 ? -3.416  1.266   15.998  1.00 12.44 ? 152 HIS A C   1 
ATOM   1179 O O   . HIS A 1 156 ? -4.116  2.243   16.283  1.00 11.91 ? 152 HIS A O   1 
ATOM   1180 C CB  . HIS A 1 156 ? -4.367  -0.572  17.411  1.00 15.02 ? 152 HIS A CB  1 
ATOM   1181 C CG  . HIS A 1 156 ? -3.168  -0.619  18.316  1.00 16.29 ? 152 HIS A CG  1 
ATOM   1182 N ND1 . HIS A 1 156 ? -2.370  -1.735  18.438  1.00 18.32 ? 152 HIS A ND1 1 
ATOM   1183 C CD2 . HIS A 1 156 ? -2.633  0.316   19.134  1.00 19.36 ? 152 HIS A CD2 1 
ATOM   1184 C CE1 . HIS A 1 156 ? -1.383  -1.480  19.276  1.00 15.45 ? 152 HIS A CE1 1 
ATOM   1185 N NE2 . HIS A 1 156 ? -1.524  -0.235  19.716  1.00 26.16 ? 152 HIS A NE2 1 
ATOM   1186 N N   . GLN A 1 157 ? -2.119  1.392   15.686  1.00 18.03 ? 153 GLN A N   1 
ATOM   1187 C CA  . GLN A 1 157 ? -1.469  2.712   15.633  1.00 15.49 ? 153 GLN A CA  1 
ATOM   1188 C C   . GLN A 1 157 ? -1.616  3.392   14.267  1.00 13.90 ? 153 GLN A C   1 
ATOM   1189 O O   . GLN A 1 157 ? -1.160  4.512   14.053  1.00 15.25 ? 153 GLN A O   1 
ATOM   1190 C CB  . GLN A 1 157 ? 0.015   2.600   15.955  1.00 16.35 ? 153 GLN A CB  1 
ATOM   1191 C CG  . GLN A 1 157 ? 0.273   1.911   17.273  1.00 22.11 ? 153 GLN A CG  1 
ATOM   1192 C CD  . GLN A 1 157 ? 1.748   1.774   17.595  1.00 31.00 ? 153 GLN A CD  1 
ATOM   1193 O OE1 . GLN A 1 157 ? 2.501   1.191   16.832  1.00 22.23 ? 153 GLN A OE1 1 
ATOM   1194 N NE2 . GLN A 1 157 ? 2.159   2.298   18.741  1.00 38.64 ? 153 GLN A NE2 1 
ATOM   1195 N N   . LEU A 1 158 ? -2.231  2.683   13.347  1.00 12.15 ? 154 LEU A N   1 
ATOM   1196 C CA  . LEU A 1 158 ? -2.369  3.164   11.965  1.00 12.61 ? 154 LEU A CA  1 
ATOM   1197 C C   . LEU A 1 158 ? -3.542  4.090   11.801  1.00 17.69 ? 154 LEU A C   1 
ATOM   1198 O O   . LEU A 1 158 ? -4.529  3.979   12.533  1.00 14.79 ? 154 LEU A O   1 
ATOM   1199 C CB  . LEU A 1 158 ? -2.566  1.977   11.029  1.00 12.48 ? 154 LEU A CB  1 
ATOM   1200 C CG  . LEU A 1 158 ? -1.466  0.944   10.886  1.00 14.41 ? 154 LEU A CG  1 
ATOM   1201 C CD1 . LEU A 1 158 ? -1.984  -0.306  10.174  1.00 14.16 ? 154 LEU A CD1 1 
ATOM   1202 C CD2 . LEU A 1 158 ? -0.316  1.567   10.135  1.00 13.69 ? 154 LEU A CD2 1 
ATOM   1203 N N   . ALA A 1 159 ? -3.462  4.964   10.802  1.00 12.23 ? 155 ALA A N   1 
ATOM   1204 C CA  . ALA A 1 159 ? -4.647  5.646   10.270  1.00 18.22 ? 155 ALA A CA  1 
ATOM   1205 C C   . ALA A 1 159 ? -4.915  5.065   8.905   1.00 16.95 ? 155 ALA A C   1 
ATOM   1206 O O   . ALA A 1 159 ? -3.972  4.802   8.155   1.00 13.83 ? 155 ALA A O   1 
ATOM   1207 C CB  . ALA A 1 159 ? -4.430  7.132   10.172  1.00 14.75 ? 155 ALA A CB  1 
ATOM   1208 N N   . ILE A 1 160 ? -6.185  4.899   8.556   1.00 16.36 ? 156 ILE A N   1 
ATOM   1209 C CA  . ILE A 1 160 ? -6.505  4.279   7.279   1.00 17.37 ? 156 ILE A CA  1 
ATOM   1210 C C   . ILE A 1 160 ? -7.162  5.309   6.372   1.00 19.84 ? 156 ILE A C   1 
ATOM   1211 O O   . ILE A 1 160 ? -8.178  5.869   6.748   1.00 15.67 ? 156 ILE A O   1 
ATOM   1212 C CB  . ILE A 1 160 ? -7.462  3.071   7.460   1.00 17.91 ? 156 ILE A CB  1 
ATOM   1213 C CG1 . ILE A 1 160 ? -7.045  2.213   8.678   1.00 15.55 ? 156 ILE A CG1 1 
ATOM   1214 C CG2 . ILE A 1 160 ? -7.530  2.281   6.186   1.00 17.36 ? 156 ILE A CG2 1 
ATOM   1215 C CD1 . ILE A 1 160 ? -5.659  1.643   8.561   1.00 18.52 ? 156 ILE A CD1 1 
ATOM   1216 N N   . ASP A 1 161 ? -6.599  5.551   5.192   1.00 16.05 ? 157 ASP A N   1 
ATOM   1217 C CA  . ASP A 1 161 ? -7.198  6.528   4.282   1.00 19.15 ? 157 ASP A CA  1 
ATOM   1218 C C   . ASP A 1 161 ? -8.349  5.940   3.451   1.00 22.63 ? 157 ASP A C   1 
ATOM   1219 O O   . ASP A 1 161 ? -8.144  5.074   2.592   1.00 21.18 ? 157 ASP A O   1 
ATOM   1220 C CB  . ASP A 1 161 ? -6.136  7.103   3.341   1.00 15.23 ? 157 ASP A CB  1 
ATOM   1221 C CG  . ASP A 1 161 ? -6.576  8.399   2.721   1.00 32.00 ? 157 ASP A CG  1 
ATOM   1222 O OD1 . ASP A 1 161 ? -7.727  8.831   3.000   1.00 24.52 ? 157 ASP A OD1 1 
ATOM   1223 O OD2 . ASP A 1 161 ? -5.775  8.973   1.952   1.00 22.91 ? 157 ASP A OD2 1 
ATOM   1224 N N   A ARG A 1 162 ? -9.555  6.428   3.715   0.50 20.12 ? 158 ARG A N   1 
ATOM   1225 N N   B ARG A 1 162 ? -9.554  6.420   3.736   0.50 20.12 ? 158 ARG A N   1 
ATOM   1226 C CA  A ARG A 1 162 ? -10.758 6.036   2.970   0.50 18.85 ? 158 ARG A CA  1 
ATOM   1227 C CA  B ARG A 1 162 ? -10.770 6.041   3.009   0.50 18.87 ? 158 ARG A CA  1 
ATOM   1228 C C   A ARG A 1 162 ? -10.909 4.529   2.761   0.50 23.88 ? 158 ARG A C   1 
ATOM   1229 C C   B ARG A 1 162 ? -10.915 4.542   2.772   0.50 23.88 ? 158 ARG A C   1 
ATOM   1230 O O   A ARG A 1 162 ? -10.991 4.063   1.620   0.50 20.17 ? 158 ARG A O   1 
ATOM   1231 O O   B ARG A 1 162 ? -11.003 4.094   1.624   0.50 20.19 ? 158 ARG A O   1 
ATOM   1232 C CB  A ARG A 1 162 ? -10.782 6.736   1.606   0.50 22.51 ? 158 ARG A CB  1 
ATOM   1233 C CB  B ARG A 1 162 ? -10.822 6.782   1.672   0.50 22.51 ? 158 ARG A CB  1 
ATOM   1234 C CG  A ARG A 1 162 ? -11.069 8.230   1.690   0.50 26.17 ? 158 ARG A CG  1 
ATOM   1235 C CG  B ARG A 1 162 ? -10.846 8.288   1.859   0.50 25.26 ? 158 ARG A CG  1 
ATOM   1236 C CD  A ARG A 1 162 ? -10.738 8.925   0.376   0.50 34.26 ? 158 ARG A CD  1 
ATOM   1237 C CD  B ARG A 1 162 ? -10.344 9.020   0.636   0.50 34.25 ? 158 ARG A CD  1 
ATOM   1238 N NE  A ARG A 1 162 ? -9.294  8.994   0.163   0.50 26.77 ? 158 ARG A NE  1 
ATOM   1239 N NE  B ARG A 1 162 ? -11.401 9.300   -0.332  0.50 27.33 ? 158 ARG A NE  1 
ATOM   1240 C CZ  A ARG A 1 162 ? -8.714  9.552   -0.893  0.50 27.77 ? 158 ARG A CZ  1 
ATOM   1241 C CZ  B ARG A 1 162 ? -11.179 9.883   -1.507  0.50 36.92 ? 158 ARG A CZ  1 
ATOM   1242 N NH1 A ARG A 1 162 ? -9.452  10.101  -1.845  0.50 35.92 ? 158 ARG A NH1 1 
ATOM   1243 N NH1 B ARG A 1 162 ? -9.943  10.231  -1.842  0.50 37.31 ? 158 ARG A NH1 1 
ATOM   1244 N NH2 A ARG A 1 162 ? -7.391  9.571   -0.991  0.50 21.53 ? 158 ARG A NH2 1 
ATOM   1245 N NH2 B ARG A 1 162 ? -12.181 10.116  -2.345  0.50 35.48 ? 158 ARG A NH2 1 
ATOM   1246 N N   . PRO A 1 163 ? -10.959 3.761   3.858   1.00 16.80 ? 159 PRO A N   1 
ATOM   1247 C CA  . PRO A 1 163 ? -11.053 2.305   3.689   1.00 19.28 ? 159 PRO A CA  1 
ATOM   1248 C C   . PRO A 1 163 ? -12.333 1.869   3.036   1.00 21.88 ? 159 PRO A C   1 
ATOM   1249 O O   . PRO A 1 163 ? -13.388 2.458   3.297   1.00 19.09 ? 159 PRO A O   1 
ATOM   1250 C CB  . PRO A 1 163 ? -11.036 1.761   5.119   1.00 13.75 ? 159 PRO A CB  1 
ATOM   1251 C CG  . PRO A 1 163 ? -11.581 2.865   5.936   1.00 12.48 ? 159 PRO A CG  1 
ATOM   1252 C CD  . PRO A 1 163 ? -11.103 4.168   5.265   1.00 20.36 ? 159 PRO A CD  1 
ATOM   1253 N N   . SER A 1 164 ? -12.221 0.813   2.240   1.00 16.88 ? 160 SER A N   1 
ATOM   1254 C CA  . SER A 1 164 ? -13.361 0.075   1.733   1.00 23.90 ? 160 SER A CA  1 
ATOM   1255 C C   . SER A 1 164 ? -13.991 -0.786  2.823   1.00 20.72 ? 160 SER A C   1 
ATOM   1256 O O   . SER A 1 164 ? -13.356 -1.102  3.842   1.00 18.13 ? 160 SER A O   1 
ATOM   1257 C CB  . SER A 1 164 ? -12.929 -0.813  0.557   1.00 18.41 ? 160 SER A CB  1 
ATOM   1258 O OG  . SER A 1 164 ? -12.033 -1.838  0.985   1.00 18.58 ? 160 SER A OG  1 
ATOM   1259 N N   . GLN A 1 165 ? -15.231 -1.193  2.595   1.00 17.05 ? 161 GLN A N   1 
ATOM   1260 C CA  . GLN A 1 165 ? -15.843 -2.180  3.457   1.00 16.41 ? 161 GLN A CA  1 
ATOM   1261 C C   . GLN A 1 165 ? -15.026 -3.488  3.460   1.00 15.55 ? 161 GLN A C   1 
ATOM   1262 O O   . GLN A 1 165 ? -14.874 -4.154  4.506   1.00 13.12 ? 161 GLN A O   1 
ATOM   1263 C CB  . GLN A 1 165 ? -17.296 -2.439  3.037   1.00 22.45 ? 161 GLN A CB  1 
ATOM   1264 C CG  . GLN A 1 165 ? -18.231 -1.324  3.431   1.00 20.77 ? 161 GLN A CG  1 
ATOM   1265 C CD  . GLN A 1 165 ? -19.622 -1.411  2.770   1.00 20.91 ? 161 GLN A CD  1 
ATOM   1266 O OE1 . GLN A 1 165 ? -20.108 -2.491  2.456   1.00 21.07 ? 161 GLN A OE1 1 
ATOM   1267 N NE2 . GLN A 1 165 ? -20.240 -0.258  2.556   1.00 17.45 ? 161 GLN A NE2 1 
ATOM   1268 N N   . LYS A 1 166 ? -14.484 -3.848  2.298   1.00 15.96 ? 162 LYS A N   1 
ATOM   1269 C CA  . LYS A 1 166 ? -13.623 -5.015  2.220   1.00 18.29 ? 162 LYS A CA  1 
ATOM   1270 C C   . LYS A 1 166 ? -12.437 -4.858  3.179   1.00 16.33 ? 162 LYS A C   1 
ATOM   1271 O O   . LYS A 1 166 ? -12.105 -5.782  3.936   1.00 15.15 ? 162 LYS A O   1 
ATOM   1272 C CB  . LYS A 1 166 ? -13.121 -5.233  0.790   1.00 25.43 ? 162 LYS A CB  1 
ATOM   1273 C CG  . LYS A 1 166 ? -14.186 -5.730  -0.186  1.00 34.16 ? 162 LYS A CG  1 
ATOM   1274 C CD  . LYS A 1 166 ? -13.540 -6.089  -1.524  1.00 27.50 ? 162 LYS A CD  1 
ATOM   1275 C CE  . LYS A 1 166 ? -14.575 -6.344  -2.604  1.00 37.46 ? 162 LYS A CE  1 
ATOM   1276 N NZ  . LYS A 1 166 ? -13.923 -6.489  -3.947  1.00 37.17 ? 162 LYS A NZ  1 
ATOM   1277 N N   . LEU A 1 167 ? -11.816 -3.686  3.171   1.00 19.57 ? 163 LEU A N   1 
ATOM   1278 C CA  . LEU A 1 167 ? -10.590 -3.517  3.967   1.00 13.25 ? 163 LEU A CA  1 
ATOM   1279 C C   . LEU A 1 167 ? -10.945 -3.489  5.450   1.00 13.65 ? 163 LEU A C   1 
ATOM   1280 O O   . LEU A 1 167 ? -10.184 -3.981  6.264   1.00 17.06 ? 163 LEU A O   1 
ATOM   1281 C CB  . LEU A 1 167 ? -9.837  -2.251  3.559   1.00 15.29 ? 163 LEU A CB  1 
ATOM   1282 C CG  . LEU A 1 167 ? -8.645  -1.911  4.440   1.00 14.52 ? 163 LEU A CG  1 
ATOM   1283 C CD1 . LEU A 1 167 ? -7.664  -3.066  4.439   1.00 12.53 ? 163 LEU A CD1 1 
ATOM   1284 C CD2 . LEU A 1 167 ? -7.966  -0.646  3.941   1.00 12.78 ? 163 LEU A CD2 1 
ATOM   1285 N N   . LEU A 1 168 ? -12.099 -2.920  5.796   1.00 15.12 ? 164 LEU A N   1 
ATOM   1286 C CA  . LEU A 1 168 ? -12.548 -2.934  7.190   1.00 11.70 ? 164 LEU A CA  1 
ATOM   1287 C C   . LEU A 1 168 ? -12.803 -4.371  7.662   1.00 13.71 ? 164 LEU A C   1 
ATOM   1288 O O   . LEU A 1 168 ? -12.446 -4.706  8.800   1.00 12.64 ? 164 LEU A O   1 
ATOM   1289 C CB  . LEU A 1 168 ? -13.817 -2.080  7.387   1.00 17.04 ? 164 LEU A CB  1 
ATOM   1290 C CG  . LEU A 1 168 ? -13.631 -0.555  7.365   1.00 21.78 ? 164 LEU A CG  1 
ATOM   1291 C CD1 . LEU A 1 168 ? -14.925 0.149   7.733   1.00 16.39 ? 164 LEU A CD1 1 
ATOM   1292 C CD2 . LEU A 1 168 ? -12.513 -0.113  8.277   1.00 18.53 ? 164 LEU A CD2 1 
ATOM   1293 N N   . LYS A 1 169 ? -13.426 -5.202  6.809   1.00 14.14 ? 165 LYS A N   1 
ATOM   1294 C CA  . LYS A 1 169 ? -13.690 -6.620  7.141   1.00 16.68 ? 165 LYS A CA  1 
ATOM   1295 C C   . LYS A 1 169 ? -12.354 -7.352  7.341   1.00 16.32 ? 165 LYS A C   1 
ATOM   1296 O O   . LYS A 1 169 ? -12.174 -8.118  8.296   1.00 17.26 ? 165 LYS A O   1 
ATOM   1297 C CB  . LYS A 1 169 ? -14.522 -7.311  6.042   1.00 13.42 ? 165 LYS A CB  1 
ATOM   1298 C CG  . LYS A 1 169 ? -15.961 -6.785  5.970   1.00 22.57 ? 165 LYS A CG  1 
ATOM   1299 C CD  . LYS A 1 169 ? -16.759 -7.331  4.781   1.00 35.09 ? 165 LYS A CD  1 
ATOM   1300 C CE  . LYS A 1 169 ? -17.734 -8.444  5.178   1.00 58.31 ? 165 LYS A CE  1 
ATOM   1301 N NZ  . LYS A 1 169 ? -18.795 -8.032  6.155   1.00 56.81 ? 165 LYS A NZ  1 
ATOM   1302 N N   . PHE A 1 170 ? -11.428 -7.108  6.425   1.00 13.22 ? 166 PHE A N   1 
ATOM   1303 C CA  . PHE A 1 170 ? -10.043 -7.584  6.496   1.00 14.10 ? 166 PHE A CA  1 
ATOM   1304 C C   . PHE A 1 170 ? -9.361  -7.234  7.813   1.00 14.09 ? 166 PHE A C   1 
ATOM   1305 O O   . PHE A 1 170 ? -8.718  -8.094  8.444   1.00 14.44 ? 166 PHE A O   1 
ATOM   1306 C CB  . PHE A 1 170 ? -9.284  -6.975  5.290   1.00 10.71 ? 166 PHE A CB  1 
ATOM   1307 C CG  . PHE A 1 170 ? -7.837  -7.284  5.231   1.00 12.92 ? 166 PHE A CG  1 
ATOM   1308 C CD1 . PHE A 1 170 ? -6.935  -6.522  5.946   1.00 11.71 ? 166 PHE A CD1 1 
ATOM   1309 C CD2 . PHE A 1 170 ? -7.365  -8.252  4.358   1.00 18.70 ? 166 PHE A CD2 1 
ATOM   1310 C CE1 . PHE A 1 170 ? -5.574  -6.761  5.845   1.00 11.76 ? 166 PHE A CE1 1 
ATOM   1311 C CE2 . PHE A 1 170 ? -6.008  -8.505  4.231   1.00 19.00 ? 166 PHE A CE2 1 
ATOM   1312 C CZ  . PHE A 1 170 ? -5.108  -7.779  4.994   1.00 15.21 ? 166 PHE A CZ  1 
ATOM   1313 N N   . LEU A 1 171 ? -9.455  -5.966  8.219   1.00 13.18 ? 167 LEU A N   1 
ATOM   1314 C CA  . LEU A 1 171 ? -8.723  -5.508  9.394   1.00 16.66 ? 167 LEU A CA  1 
ATOM   1315 C C   . LEU A 1 171 ? -9.350  -6.143  10.630  1.00 21.01 ? 167 LEU A C   1 
ATOM   1316 O O   . LEU A 1 171 ? -8.659  -6.418  11.604  1.00 15.70 ? 167 LEU A O   1 
ATOM   1317 C CB  . LEU A 1 171 ? -8.713  -3.972  9.500   1.00 14.39 ? 167 LEU A CB  1 
ATOM   1318 C CG  . LEU A 1 171 ? -7.873  -3.228  8.433   1.00 13.78 ? 167 LEU A CG  1 
ATOM   1319 C CD1 . LEU A 1 171 ? -7.976  -1.687  8.533   1.00 16.92 ? 167 LEU A CD1 1 
ATOM   1320 C CD2 . LEU A 1 171 ? -6.411  -3.625  8.521   1.00 13.68 ? 167 LEU A CD2 1 
ATOM   1321 N N   . ASN A 1 172 ? -10.652 -6.417  10.566  1.00 14.32 ? 168 ASN A N   1 
ATOM   1322 C CA  . ASN A 1 172 ? -11.319 -7.071  11.690  1.00 18.21 ? 168 ASN A CA  1 
ATOM   1323 C C   . ASN A 1 172 ? -10.888 -8.510  11.763  1.00 14.75 ? 168 ASN A C   1 
ATOM   1324 O O   . ASN A 1 172 ? -10.572 -9.023  12.836  1.00 20.98 ? 168 ASN A O   1 
ATOM   1325 C CB  . ASN A 1 172 ? -12.840 -6.990  11.549  1.00 20.21 ? 168 ASN A CB  1 
ATOM   1326 C CG  . ASN A 1 172 ? -13.576 -7.292  12.859  1.00 27.46 ? 168 ASN A CG  1 
ATOM   1327 O OD1 . ASN A 1 172 ? -12.966 -7.460  13.910  1.00 27.33 ? 168 ASN A OD1 1 
ATOM   1328 N ND2 . ASN A 1 172 ? -14.896 -7.338  12.793  1.00 36.94 ? 168 ASN A ND2 1 
ATOM   1329 N N   . LYS A 1 173 ? -10.904 -9.171  10.616  1.00 18.05 ? 169 LYS A N   1 
ATOM   1330 C CA  . LYS A 1 173 ? -10.586 -10.604 10.571  1.00 18.66 ? 169 LYS A CA  1 
ATOM   1331 C C   . LYS A 1 173 ? -9.184  -10.891 11.022  1.00 19.35 ? 169 LYS A C   1 
ATOM   1332 O O   . LYS A 1 173 ? -8.949  -11.788 11.825  1.00 18.02 ? 169 LYS A O   1 
ATOM   1333 C CB  . LYS A 1 173 ? -10.750 -11.173 9.173   1.00 17.01 ? 169 LYS A CB  1 
ATOM   1334 C CG  . LYS A 1 173 ? -10.290 -12.633 9.100   1.00 20.73 ? 169 LYS A CG  1 
ATOM   1335 C CD  . LYS A 1 173 ? -10.399 -13.198 7.703   1.00 25.57 ? 169 LYS A CD  1 
ATOM   1336 C CE  . LYS A 1 173 ? -10.041 -14.689 7.684   1.00 36.12 ? 169 LYS A CE  1 
ATOM   1337 N NZ  . LYS A 1 173 ? -10.338 -15.313 6.358   1.00 31.67 ? 169 LYS A NZ  1 
ATOM   1338 N N   . HIS A 1 174 ? -8.234  -10.133 10.493  1.00 20.73 ? 170 HIS A N   1 
ATOM   1339 C CA  . HIS A 1 174 ? -6.851  -10.474 10.731  1.00 16.07 ? 170 HIS A CA  1 
ATOM   1340 C C   . HIS A 1 174 ? -6.213  -9.804  11.948  1.00 19.98 ? 170 HIS A C   1 
ATOM   1341 O O   . HIS A 1 174 ? -5.213  -10.309 12.468  1.00 33.01 ? 170 HIS A O   1 
ATOM   1342 C CB  . HIS A 1 174 ? -6.023  -10.155 9.495   1.00 14.66 ? 170 HIS A CB  1 
ATOM   1343 C CG  . HIS A 1 174 ? -6.423  -10.934 8.272   1.00 19.25 ? 170 HIS A CG  1 
ATOM   1344 N ND1 . HIS A 1 174 ? -6.366  -12.305 8.212   1.00 20.27 ? 170 HIS A ND1 1 
ATOM   1345 C CD2 . HIS A 1 174 ? -6.852  -10.515 7.056   1.00 14.99 ? 170 HIS A CD2 1 
ATOM   1346 C CE1 . HIS A 1 174 ? -6.756  -12.712 7.010   1.00 16.61 ? 170 HIS A CE1 1 
ATOM   1347 N NE2 . HIS A 1 174 ? -7.036  -11.643 6.290   1.00 21.22 ? 170 HIS A NE2 1 
ATOM   1348 N N   . TYR A 1 175 ? -6.751  -8.669  12.392  1.00 15.04 ? 171 TYR A N   1 
ATOM   1349 C CA  . TYR A 1 175 ? -6.102  -7.901  13.448  1.00 16.53 ? 171 TYR A CA  1 
ATOM   1350 C C   . TYR A 1 175 ? -7.005  -7.487  14.610  1.00 16.92 ? 171 TYR A C   1 
ATOM   1351 O O   . TYR A 1 175 ? -6.590  -6.728  15.486  1.00 20.79 ? 171 TYR A O   1 
ATOM   1352 C CB  . TYR A 1 175 ? -5.443  -6.664  12.831  1.00 24.74 ? 171 TYR A CB  1 
ATOM   1353 C CG  . TYR A 1 175 ? -4.320  -7.065  11.900  1.00 20.14 ? 171 TYR A CG  1 
ATOM   1354 C CD1 . TYR A 1 175 ? -3.106  -7.549  12.407  1.00 19.32 ? 171 TYR A CD1 1 
ATOM   1355 C CD2 . TYR A 1 175 ? -4.473  -6.994  10.521  1.00 20.42 ? 171 TYR A CD2 1 
ATOM   1356 C CE1 . TYR A 1 175 ? -2.088  -7.941  11.552  1.00 22.47 ? 171 TYR A CE1 1 
ATOM   1357 C CE2 . TYR A 1 175 ? -3.468  -7.389  9.673   1.00 21.39 ? 171 TYR A CE2 1 
ATOM   1358 C CZ  . TYR A 1 175 ? -2.281  -7.867  10.190  1.00 21.34 ? 171 TYR A CZ  1 
ATOM   1359 O OH  . TYR A 1 175 ? -1.264  -8.253  9.341   1.00 22.12 ? 171 TYR A OH  1 
ATOM   1360 N N   . ASN A 1 176 ? -8.223  -8.014  14.625  1.00 22.75 ? 172 ASN A N   1 
ATOM   1361 C CA  . ASN A 1 176 ? -9.217  -7.655  15.636  1.00 20.40 ? 172 ASN A CA  1 
ATOM   1362 C C   . ASN A 1 176 ? -9.472  -6.141  15.695  1.00 19.16 ? 172 ASN A C   1 
ATOM   1363 O O   . ASN A 1 176 ? -9.816  -5.586  16.733  1.00 22.90 ? 172 ASN A O   1 
ATOM   1364 C CB  . ASN A 1 176 ? -8.799  -8.182  17.020  1.00 26.52 ? 172 ASN A CB  1 
ATOM   1365 C CG  . ASN A 1 176 ? -9.888  -8.981  17.672  1.00 26.04 ? 172 ASN A CG  1 
ATOM   1366 O OD1 . ASN A 1 176 ? -10.699 -9.618  16.980  1.00 23.27 ? 172 ASN A OD1 1 
ATOM   1367 N ND2 . ASN A 1 176 ? -9.939  -8.940  19.003  1.00 27.99 ? 172 ASN A ND2 1 
ATOM   1368 N N   . LEU A 1 177 ? -9.311  -5.457  14.570  1.00 15.03 ? 173 LEU A N   1 
ATOM   1369 C CA  . LEU A 1 177 ? -9.516  -4.008  14.556  1.00 13.58 ? 173 LEU A CA  1 
ATOM   1370 C C   . LEU A 1 177 ? -10.960 -3.806  14.168  1.00 16.04 ? 173 LEU A C   1 
ATOM   1371 O O   . LEU A 1 177 ? -11.338 -4.099  13.031  1.00 16.83 ? 173 LEU A O   1 
ATOM   1372 C CB  . LEU A 1 177 ? -8.572  -3.302  13.545  1.00 15.23 ? 173 LEU A CB  1 
ATOM   1373 C CG  . LEU A 1 177 ? -7.080  -3.256  13.930  1.00 17.77 ? 173 LEU A CG  1 
ATOM   1374 C CD1 . LEU A 1 177 ? -6.263  -2.681  12.771  1.00 20.63 ? 173 LEU A CD1 1 
ATOM   1375 C CD2 . LEU A 1 177 ? -6.901  -2.432  15.199  1.00 12.50 ? 173 LEU A CD2 1 
ATOM   1376 N N   . GLU A 1 178 ? -11.778 -3.334  15.096  1.00 16.27 ? 174 GLU A N   1 
ATOM   1377 C CA  . GLU A 1 178 ? -13.192 -3.248  14.799  1.00 18.42 ? 174 GLU A CA  1 
ATOM   1378 C C   . GLU A 1 178 ? -13.798 -1.905  15.199  1.00 17.04 ? 174 GLU A C   1 
ATOM   1379 O O   . GLU A 1 178 ? -14.445 -1.226  14.401  1.00 20.62 ? 174 GLU A O   1 
ATOM   1380 C CB  . GLU A 1 178 ? -13.944 -4.405  15.481  1.00 14.97 ? 174 GLU A CB  1 
ATOM   1381 C CG  . GLU A 1 178 ? -15.344 -4.534  14.951  1.00 16.77 ? 174 GLU A CG  1 
ATOM   1382 C CD  . GLU A 1 178 ? -16.136 -5.498  15.764  1.00 28.58 ? 174 GLU A CD  1 
ATOM   1383 O OE1 . GLU A 1 178 ? -16.378 -5.174  16.942  1.00 25.77 ? 174 GLU A OE1 1 
ATOM   1384 O OE2 . GLU A 1 178 ? -16.473 -6.575  15.229  1.00 30.18 ? 174 GLU A OE2 1 
ATOM   1385 N N   . THR A 1 179 ? -13.614 -1.536  16.452  1.00 12.64 ? 175 THR A N   1 
ATOM   1386 C CA  . THR A 1 179 ? -14.184 -0.306  16.975  1.00 15.48 ? 175 THR A CA  1 
ATOM   1387 C C   . THR A 1 179 ? -13.449 0.921   16.469  1.00 21.72 ? 175 THR A C   1 
ATOM   1388 O O   . THR A 1 179 ? -12.249 1.056   16.672  1.00 19.19 ? 175 THR A O   1 
ATOM   1389 C CB  . THR A 1 179 ? -14.163 -0.342  18.514  1.00 21.28 ? 175 THR A CB  1 
ATOM   1390 O OG1 . THR A 1 179 ? -14.834 -1.532  18.952  1.00 23.31 ? 175 THR A OG1 1 
ATOM   1391 C CG2 . THR A 1 179 ? -14.848 0.872   19.086  1.00 20.14 ? 175 THR A CG2 1 
ATOM   1392 N N   . THR A 1 180 ? -14.174 1.815   15.813  1.00 19.20 ? 176 THR A N   1 
ATOM   1393 C CA  . THR A 1 180 ? -13.556 3.016   15.263  1.00 13.61 ? 176 THR A CA  1 
ATOM   1394 C C   . THR A 1 180 ? -13.890 4.234   16.121  1.00 25.91 ? 176 THR A C   1 
ATOM   1395 O O   . THR A 1 180 ? -14.881 4.243   16.867  1.00 23.23 ? 176 THR A O   1 
ATOM   1396 C CB  . THR A 1 180 ? -14.019 3.299   13.799  1.00 16.34 ? 176 THR A CB  1 
ATOM   1397 O OG1 . THR A 1 180 ? -15.447 3.426   13.766  1.00 25.11 ? 176 THR A OG1 1 
ATOM   1398 C CG2 . THR A 1 180 ? -13.616 2.186   12.859  1.00 26.10 ? 176 THR A CG2 1 
ATOM   1399 N N   . VAL A 1 181 ? -13.061 5.262   15.987  1.00 19.97 ? 177 VAL A N   1 
ATOM   1400 C CA  . VAL A 1 181 ? -13.275 6.571   16.614  1.00 20.20 ? 177 VAL A CA  1 
ATOM   1401 C C   . VAL A 1 181 ? -13.738 7.492   15.497  1.00 25.20 ? 177 VAL A C   1 
ATOM   1402 O O   . VAL A 1 181 ? -12.979 7.753   14.576  1.00 21.29 ? 177 VAL A O   1 
ATOM   1403 C CB  . VAL A 1 181 ? -11.975 7.113   17.279  1.00 16.57 ? 177 VAL A CB  1 
ATOM   1404 C CG1 . VAL A 1 181 ? -12.221 8.459   17.976  1.00 23.99 ? 177 VAL A CG1 1 
ATOM   1405 C CG2 . VAL A 1 181 ? -11.419 6.102   18.276  1.00 26.58 ? 177 VAL A CG2 1 
ATOM   1406 N N   . PRO A 1 182 ? -14.992 7.975   15.562  1.00 25.95 ? 178 PRO A N   1 
ATOM   1407 C CA  . PRO A 1 182 ? -15.599 8.697   14.430  1.00 23.45 ? 178 PRO A CA  1 
ATOM   1408 C C   . PRO A 1 182 ? -14.781 9.928   14.020  1.00 20.99 ? 178 PRO A C   1 
ATOM   1409 O O   . PRO A 1 182 ? -14.346 10.663  14.908  1.00 28.24 ? 178 PRO A O   1 
ATOM   1410 C CB  . PRO A 1 182 ? -16.982 9.094   14.978  1.00 23.12 ? 178 PRO A CB  1 
ATOM   1411 C CG  . PRO A 1 182 ? -17.252 8.128   16.100  1.00 24.59 ? 178 PRO A CG  1 
ATOM   1412 C CD  . PRO A 1 182 ? -15.922 7.838   16.702  1.00 26.54 ? 178 PRO A CD  1 
ATOM   1413 N N   . GLN A 1 183 ? -14.534 10.105  12.716  1.00 28.19 ? 179 GLN A N   1 
ATOM   1414 C CA  . GLN A 1 183 ? -13.711 11.215  12.211  1.00 26.73 ? 179 GLN A CA  1 
ATOM   1415 C C   . GLN A 1 183 ? -14.501 12.092  11.268  1.00 34.23 ? 179 GLN A C   1 
ATOM   1416 O O   . GLN A 1 183 ? -15.524 11.665  10.742  1.00 31.89 ? 179 GLN A O   1 
ATOM   1417 C CB  . GLN A 1 183 ? -12.475 10.694  11.466  1.00 31.46 ? 179 GLN A CB  1 
ATOM   1418 C CG  . GLN A 1 183 ? -11.559 9.840   12.297  1.00 23.98 ? 179 GLN A CG  1 
ATOM   1419 C CD  . GLN A 1 183 ? -11.062 10.580  13.509  1.00 20.18 ? 179 GLN A CD  1 
ATOM   1420 O OE1 . GLN A 1 183 ? -10.545 11.690  13.405  1.00 21.77 ? 179 GLN A OE1 1 
ATOM   1421 N NE2 . GLN A 1 183 ? -11.213 9.969   14.672  1.00 23.86 ? 179 GLN A NE2 1 
ATOM   1422 N N   . VAL A 1 184 ? -14.022 13.303  11.005  1.00 30.72 ? 180 VAL A N   1 
ATOM   1423 C CA  . VAL A 1 184 ? -14.685 14.110  9.986   1.00 46.23 ? 180 VAL A CA  1 
ATOM   1424 C C   . VAL A 1 184 ? -13.805 14.253  8.756   1.00 36.77 ? 180 VAL A C   1 
ATOM   1425 O O   . VAL A 1 184 ? -14.272 14.672  7.700   1.00 37.52 ? 180 VAL A O   1 
ATOM   1426 C CB  . VAL A 1 184 ? -15.086 15.502  10.508  1.00 37.36 ? 180 VAL A CB  1 
ATOM   1427 C CG1 . VAL A 1 184 ? -16.083 15.347  11.631  1.00 25.25 ? 180 VAL A CG1 1 
ATOM   1428 C CG2 . VAL A 1 184 ? -13.866 16.275  10.971  1.00 22.82 ? 180 VAL A CG2 1 
ATOM   1429 N N   . ASN A 1 185 ? -12.531 13.899  8.880   1.00 38.15 ? 181 ASN A N   1 
ATOM   1430 C CA  . ASN A 1 185 ? -11.739 13.775  7.684   1.00 36.39 ? 181 ASN A CA  1 
ATOM   1431 C C   . ASN A 1 185 ? -12.060 12.398  7.113   1.00 37.64 ? 181 ASN A C   1 
ATOM   1432 O O   . ASN A 1 185 ? -12.987 11.723  7.570   1.00 42.29 ? 181 ASN A O   1 
ATOM   1433 C CB  . ASN A 1 185 ? -10.228 13.999  7.937   1.00 41.59 ? 181 ASN A CB  1 
ATOM   1434 C CG  . ASN A 1 185 ? -9.635  13.093  9.029   1.00 40.47 ? 181 ASN A CG  1 
ATOM   1435 O OD1 . ASN A 1 185 ? -10.106 11.974  9.271   1.00 39.12 ? 181 ASN A OD1 1 
ATOM   1436 N ND2 . ASN A 1 185 ? -8.563  13.579  9.673   1.00 30.40 ? 181 ASN A ND2 1 
ATOM   1437 N N   . ASN A 1 186 ? -11.330 11.976  6.102   1.00 39.09 ? 182 ASN A N   1 
ATOM   1438 C CA  . ASN A 1 186 ? -11.693 10.725  5.472   1.00 33.91 ? 182 ASN A CA  1 
ATOM   1439 C C   . ASN A 1 186 ? -10.833 9.556   5.962   1.00 27.96 ? 182 ASN A C   1 
ATOM   1440 O O   . ASN A 1 186 ? -10.854 8.474   5.381   1.00 26.01 ? 182 ASN A O   1 
ATOM   1441 C CB  . ASN A 1 186 ? -11.606 10.873  3.959   1.00 35.65 ? 182 ASN A CB  1 
ATOM   1442 C CG  . ASN A 1 186 ? -12.963 11.096  3.321   1.00 42.06 ? 182 ASN A CG  1 
ATOM   1443 O OD1 . ASN A 1 186 ? -13.825 10.217  3.347   1.00 54.20 ? 182 ASN A OD1 1 
ATOM   1444 N ND2 . ASN A 1 186 ? -13.157 12.268  2.736   1.00 50.46 ? 182 ASN A ND2 1 
ATOM   1445 N N   . PHE A 1 187 ? -10.099 9.780   7.044   1.00 23.39 ? 183 PHE A N   1 
ATOM   1446 C CA  . PHE A 1 187 ? -9.358  8.695   7.666   1.00 15.57 ? 183 PHE A CA  1 
ATOM   1447 C C   . PHE A 1 187 ? -10.183 7.927   8.698   1.00 22.73 ? 183 PHE A C   1 
ATOM   1448 O O   . PHE A 1 187 ? -11.083 8.481   9.319   1.00 20.79 ? 183 PHE A O   1 
ATOM   1449 C CB  . PHE A 1 187 ? -8.103  9.240   8.305   1.00 19.73 ? 183 PHE A CB  1 
ATOM   1450 C CG  . PHE A 1 187 ? -7.049  9.630   7.312   1.00 18.31 ? 183 PHE A CG  1 
ATOM   1451 C CD1 . PHE A 1 187 ? -7.026  10.900  6.779   1.00 37.81 ? 183 PHE A CD1 1 
ATOM   1452 C CD2 . PHE A 1 187 ? -6.070  8.720   6.918   1.00 15.00 ? 183 PHE A CD2 1 
ATOM   1453 C CE1 . PHE A 1 187 ? -6.054  11.249  5.873   1.00 32.16 ? 183 PHE A CE1 1 
ATOM   1454 C CE2 . PHE A 1 187 ? -5.113  9.071   6.030   1.00 19.50 ? 183 PHE A CE2 1 
ATOM   1455 C CZ  . PHE A 1 187 ? -5.098  10.332  5.507   1.00 23.62 ? 183 PHE A CZ  1 
ATOM   1456 N N   . VAL A 1 188 ? -9.872  6.638   8.851   1.00 17.86 ? 184 VAL A N   1 
ATOM   1457 C CA  . VAL A 1 188 ? -10.441 5.815   9.924   1.00 18.03 ? 184 VAL A CA  1 
ATOM   1458 C C   . VAL A 1 188 ? -9.333  5.449   10.916  1.00 15.48 ? 184 VAL A C   1 
ATOM   1459 O O   . VAL A 1 188 ? -8.204  5.100   10.526  1.00 14.81 ? 184 VAL A O   1 
ATOM   1460 C CB  . VAL A 1 188 ? -11.105 4.530   9.375   1.00 16.79 ? 184 VAL A CB  1 
ATOM   1461 C CG1 . VAL A 1 188 ? -11.357 3.521   10.493  1.00 23.85 ? 184 VAL A CG1 1 
ATOM   1462 C CG2 . VAL A 1 188 ? -12.391 4.862   8.637   1.00 19.94 ? 184 VAL A CG2 1 
ATOM   1463 N N   . ILE A 1 189 ? -9.630  5.599   12.205  1.00 16.87 ? 185 ILE A N   1 
ATOM   1464 C CA  . ILE A 1 189 ? -8.713  5.122   13.228  1.00 15.66 ? 185 ILE A CA  1 
ATOM   1465 C C   . ILE A 1 189 ? -9.495  4.291   14.215  1.00 18.20 ? 185 ILE A C   1 
ATOM   1466 O O   . ILE A 1 189 ? -10.709 4.471   14.398  1.00 20.19 ? 185 ILE A O   1 
ATOM   1467 C CB  . ILE A 1 189 ? -7.977  6.250   14.009  1.00 19.06 ? 185 ILE A CB  1 
ATOM   1468 C CG1 . ILE A 1 189 ? -8.983  7.110   14.745  1.00 21.19 ? 185 ILE A CG1 1 
ATOM   1469 C CG2 . ILE A 1 189 ? -7.063  7.139   13.081  1.00 16.33 ? 185 ILE A CG2 1 
ATOM   1470 C CD1 . ILE A 1 189 ? -8.371  7.994   15.799  1.00 27.70 ? 185 ILE A CD1 1 
ATOM   1471 N N   . PHE A 1 190 ? -8.773  3.383   14.853  1.00 16.85 ? 186 PHE A N   1 
ATOM   1472 C CA  . PHE A 1 190 ? -9.394  2.422   15.759  1.00 21.27 ? 186 PHE A CA  1 
ATOM   1473 C C   . PHE A 1 190 ? -9.196  2.813   17.211  1.00 16.73 ? 186 PHE A C   1 
ATOM   1474 O O   . PHE A 1 190 ? -8.307  3.573   17.536  1.00 17.81 ? 186 PHE A O   1 
ATOM   1475 C CB  . PHE A 1 190 ? -8.839  1.029   15.479  1.00 17.11 ? 186 PHE A CB  1 
ATOM   1476 C CG  . PHE A 1 190 ? -9.195  0.530   14.104  1.00 13.00 ? 186 PHE A CG  1 
ATOM   1477 C CD1 . PHE A 1 190 ? -10.497 0.136   13.827  1.00 22.68 ? 186 PHE A CD1 1 
ATOM   1478 C CD2 . PHE A 1 190 ? -8.264  0.511   13.088  1.00 17.23 ? 186 PHE A CD2 1 
ATOM   1479 C CE1 . PHE A 1 190 ? -10.848 -0.303  12.573  1.00 18.81 ? 186 PHE A CE1 1 
ATOM   1480 C CE2 . PHE A 1 190 ? -8.601  0.064   11.830  1.00 18.22 ? 186 PHE A CE2 1 
ATOM   1481 C CZ  . PHE A 1 190 ? -9.902  -0.329  11.569  1.00 19.57 ? 186 PHE A CZ  1 
ATOM   1482 N N   . GLU A 1 191 ? -10.105 2.359   18.063  1.00 18.21 ? 187 GLU A N   1 
ATOM   1483 C CA  . GLU A 1 191 ? -9.856  2.364   19.487  1.00 22.42 ? 187 GLU A CA  1 
ATOM   1484 C C   . GLU A 1 191 ? -8.494  1.692   19.667  1.00 18.72 ? 187 GLU A C   1 
ATOM   1485 O O   . GLU A 1 191 ? -8.209  0.666   19.046  1.00 29.47 ? 187 GLU A O   1 
ATOM   1486 C CB  . GLU A 1 191 ? -10.965 1.622   20.231  1.00 24.83 ? 187 GLU A CB  1 
ATOM   1487 C CG  . GLU A 1 191 ? -10.729 1.418   21.707  1.00 33.70 ? 187 GLU A CG  1 
ATOM   1488 C CD  . GLU A 1 191 ? -11.862 0.637   22.346  1.00 40.24 ? 187 GLU A CD  1 
ATOM   1489 O OE1 . GLU A 1 191 ? -13.020 1.096   22.264  1.00 50.39 ? 187 GLU A OE1 1 
ATOM   1490 O OE2 . GLU A 1 191 ? -11.596 -0.446  22.910  1.00 55.52 ? 187 GLU A OE2 1 
ATOM   1491 N N   . GLY A 1 192 ? -7.648  2.269   20.504  1.00 28.17 ? 188 GLY A N   1 
ATOM   1492 C CA  . GLY A 1 192 ? -6.304  1.759   20.632  1.00 24.29 ? 188 GLY A CA  1 
ATOM   1493 C C   . GLY A 1 192 ? -5.334  2.768   20.063  1.00 27.76 ? 188 GLY A C   1 
ATOM   1494 O O   . GLY A 1 192 ? -4.214  2.893   20.544  1.00 26.28 ? 188 GLY A O   1 
ATOM   1495 N N   . PHE A 1 193 ? -5.782  3.513   19.053  1.00 15.98 ? 189 PHE A N   1 
ATOM   1496 C CA  . PHE A 1 193 ? -4.963  4.550   18.435  1.00 18.44 ? 189 PHE A CA  1 
ATOM   1497 C C   . PHE A 1 193 ? -4.392  5.546   19.428  1.00 32.27 ? 189 PHE A C   1 
ATOM   1498 O O   . PHE A 1 193 ? -3.254  6.001   19.295  1.00 25.41 ? 189 PHE A O   1 
ATOM   1499 C CB  . PHE A 1 193 ? -5.783  5.314   17.390  1.00 26.83 ? 189 PHE A CB  1 
ATOM   1500 C CG  . PHE A 1 193 ? -4.980  6.298   16.580  1.00 21.49 ? 189 PHE A CG  1 
ATOM   1501 C CD1 . PHE A 1 193 ? -4.301  5.886   15.454  1.00 17.28 ? 189 PHE A CD1 1 
ATOM   1502 C CD2 . PHE A 1 193 ? -4.950  7.648   16.919  1.00 15.35 ? 189 PHE A CD2 1 
ATOM   1503 C CE1 . PHE A 1 193 ? -3.569  6.817   14.693  1.00 13.77 ? 189 PHE A CE1 1 
ATOM   1504 C CE2 . PHE A 1 193 ? -4.233  8.572   16.166  1.00 25.19 ? 189 PHE A CE2 1 
ATOM   1505 C CZ  . PHE A 1 193 ? -3.542  8.157   15.053  1.00 20.16 ? 189 PHE A CZ  1 
ATOM   1506 N N   . PHE A 1 194 ? -5.193  5.903   20.413  1.00 30.93 ? 190 PHE A N   1 
ATOM   1507 C CA  . PHE A 1 194 ? -4.741  6.833   21.424  1.00 34.91 ? 190 PHE A CA  1 
ATOM   1508 C C   . PHE A 1 194 ? -4.197  6.032   22.612  1.00 47.59 ? 190 PHE A C   1 
ATOM   1509 O O   . PHE A 1 194 ? -3.908  6.580   23.674  1.00 53.74 ? 190 PHE A O   1 
ATOM   1510 C CB  . PHE A 1 194 ? -5.886  7.771   21.830  1.00 32.54 ? 190 PHE A CB  1 
ATOM   1511 C CG  . PHE A 1 194 ? -6.346  8.684   20.715  1.00 25.69 ? 190 PHE A CG  1 
ATOM   1512 C CD1 . PHE A 1 194 ? -5.644  9.827   20.406  1.00 32.90 ? 190 PHE A CD1 1 
ATOM   1513 C CD2 . PHE A 1 194 ? -7.473  8.388   19.987  1.00 23.14 ? 190 PHE A CD2 1 
ATOM   1514 C CE1 . PHE A 1 194 ? -6.058  10.667  19.383  1.00 37.78 ? 190 PHE A CE1 1 
ATOM   1515 C CE2 . PHE A 1 194 ? -7.884  9.209   18.972  1.00 24.37 ? 190 PHE A CE2 1 
ATOM   1516 C CZ  . PHE A 1 194 ? -7.185  10.355  18.666  1.00 24.31 ? 190 PHE A CZ  1 
HETATM 1517 N N1A . COA B 2 .   ? -16.010 -9.013  0.503   0.97 27.56 ? 201 COA A N1A 1 
HETATM 1518 C C2A . COA B 2 .   ? -15.903 -8.917  1.837   0.97 34.38 ? 201 COA A C2A 1 
HETATM 1519 N N3A . COA B 2 .   ? -14.733 -9.052  2.485   0.97 28.58 ? 201 COA A N3A 1 
HETATM 1520 C C4A . COA B 2 .   ? -13.594 -9.294  1.782   0.97 27.08 ? 201 COA A C4A 1 
HETATM 1521 C C5A . COA B 2 .   ? -13.631 -9.407  0.319   0.97 35.47 ? 201 COA A C5A 1 
HETATM 1522 C C6A . COA B 2 .   ? -14.958 -9.249  -0.309  0.97 26.30 ? 201 COA A C6A 1 
HETATM 1523 N N6A . COA B 2 .   ? -15.083 -9.324  -1.650  0.97 27.31 ? 201 COA A N6A 1 
HETATM 1524 N N7A . COA B 2 .   ? -12.372 -9.644  -0.103  0.97 35.29 ? 201 COA A N7A 1 
HETATM 1525 C C8A . COA B 2 .   ? -11.587 -9.679  1.006   0.97 22.75 ? 201 COA A C8A 1 
HETATM 1526 N N9A . COA B 2 .   ? -12.325 -9.463  2.124   0.97 25.92 ? 201 COA A N9A 1 
HETATM 1527 C C1B . COA B 2 .   ? -11.859 -9.442  3.525   0.97 20.15 ? 201 COA A C1B 1 
HETATM 1528 C C2B . COA B 2 .   ? -12.594 -10.517 4.289   0.97 21.67 ? 201 COA A C2B 1 
HETATM 1529 O O2B . COA B 2 .   ? -12.477 -10.279 5.699   0.97 22.80 ? 201 COA A O2B 1 
HETATM 1530 C C3B . COA B 2 .   ? -11.761 -11.718 3.920   0.97 26.93 ? 201 COA A C3B 1 
HETATM 1531 O O3B . COA B 2 .   ? -11.946 -12.743 4.853   0.97 27.24 ? 201 COA A O3B 1 
HETATM 1532 P P3B . COA B 2 .   ? -13.046 -13.891 4.563   0.97 33.87 ? 201 COA A P3B 1 
HETATM 1533 O O7A . COA B 2 .   ? -12.790 -14.825 5.724   0.97 34.24 ? 201 COA A O7A 1 
HETATM 1534 O O8A . COA B 2 .   ? -12.742 -14.441 3.196   0.97 26.23 ? 201 COA A O8A 1 
HETATM 1535 O O9A . COA B 2 .   ? -14.366 -13.152 4.558   0.97 35.48 ? 201 COA A O9A 1 
HETATM 1536 C C4B . COA B 2 .   ? -10.349 -11.156 3.986   0.97 21.54 ? 201 COA A C4B 1 
HETATM 1537 O O4B . COA B 2 .   ? -10.491 -9.816  3.521   0.97 20.74 ? 201 COA A O4B 1 
HETATM 1538 C C5B . COA B 2 .   ? -9.383  -11.946 3.118   0.97 19.80 ? 201 COA A C5B 1 
HETATM 1539 O O5B . COA B 2 .   ? -8.040  -11.644 3.500   0.97 20.34 ? 201 COA A O5B 1 
HETATM 1540 P P1A . COA B 2 .   ? -6.943  -11.802 2.351   0.97 22.62 ? 201 COA A P1A 1 
HETATM 1541 O O1A . COA B 2 .   ? -5.592  -11.754 2.998   0.97 24.93 ? 201 COA A O1A 1 
HETATM 1542 O O2A . COA B 2 .   ? -7.287  -12.943 1.404   0.97 21.74 ? 201 COA A O2A 1 
HETATM 1543 O O3A . COA B 2 .   ? -7.218  -10.406 1.618   0.97 17.12 ? 201 COA A O3A 1 
HETATM 1544 P P2A . COA B 2 .   ? -7.069  -10.044 0.047   0.97 23.54 ? 201 COA A P2A 1 
HETATM 1545 O O4A . COA B 2 .   ? -5.850  -10.667 -0.577  0.97 19.18 ? 201 COA A O4A 1 
HETATM 1546 O O5A . COA B 2 .   ? -8.415  -10.248 -0.616  0.97 21.84 ? 201 COA A O5A 1 
HETATM 1547 O O6A . COA B 2 .   ? -6.799  -8.459  0.192   0.97 23.96 ? 201 COA A O6A 1 
HETATM 1548 C CBP . COA B 2 .   ? -7.889  -6.330  -0.225  0.97 26.57 ? 201 COA A CBP 1 
HETATM 1549 C CCP . COA B 2 .   ? -7.836  -7.587  0.657   0.97 20.45 ? 201 COA A CCP 1 
HETATM 1550 C CDP . COA B 2 .   ? -8.844  -5.309  0.364   0.97 22.11 ? 201 COA A CDP 1 
HETATM 1551 C CEP . COA B 2 .   ? -6.499  -5.714  -0.350  0.97 21.48 ? 201 COA A CEP 1 
HETATM 1552 C CAP . COA B 2 .   ? -8.419  -6.757  -1.594  0.97 20.91 ? 201 COA A CAP 1 
HETATM 1553 O OAP . COA B 2 .   ? -9.665  -7.435  -1.401  0.97 29.13 ? 201 COA A OAP 1 
HETATM 1554 C C9P . COA B 2 .   ? -8.615  -5.625  -2.581  0.97 22.49 ? 201 COA A C9P 1 
HETATM 1555 O O9P . COA B 2 .   ? -7.730  -5.357  -3.355  0.97 18.34 ? 201 COA A O9P 1 
HETATM 1556 N N8P . COA B 2 .   ? -9.774  -4.970  -2.630  0.97 29.66 ? 201 COA A N8P 1 
HETATM 1557 C C7P . COA B 2 .   ? -10.099 -4.100  -3.755  0.97 28.00 ? 201 COA A C7P 1 
HETATM 1558 C C6P . COA B 2 .   ? -9.675  -2.656  -3.512  0.97 21.83 ? 201 COA A C6P 1 
HETATM 1559 C C5P . COA B 2 .   ? -9.868  -2.299  -2.048  0.97 34.86 ? 201 COA A C5P 1 
HETATM 1560 O O5P . COA B 2 .   ? -10.981 -2.143  -1.575  0.97 33.58 ? 201 COA A O5P 1 
HETATM 1561 N N4P . COA B 2 .   ? -8.781  -2.170  -1.290  0.97 31.88 ? 201 COA A N4P 1 
HETATM 1562 C C3P . COA B 2 .   ? -8.345  -0.870  -0.838  0.97 29.78 ? 201 COA A C3P 1 
HETATM 1563 C C2P . COA B 2 .   ? -8.835  -0.499  0.544   0.97 28.26 ? 201 COA A C2P 1 
HETATM 1564 S S1P . COA B 2 .   ? -9.378  1.215   0.437   0.97 51.83 ? 201 COA A S1P 1 
HETATM 1565 O O   . HOH C 3 .   ? 4.609   13.338  7.611   1.00 25.82 ? 301 HOH A O   1 
HETATM 1566 O O   . HOH C 3 .   ? 5.754   6.468   -15.404 1.00 28.11 ? 302 HOH A O   1 
HETATM 1567 O O   . HOH C 3 .   ? 7.874   4.065   -21.057 1.00 41.25 ? 303 HOH A O   1 
HETATM 1568 O O   . HOH C 3 .   ? -10.996 11.194  25.850  1.00 39.89 ? 304 HOH A O   1 
HETATM 1569 O O   . HOH C 3 .   ? 15.133  7.041   -13.572 1.00 33.34 ? 305 HOH A O   1 
HETATM 1570 O O   . HOH C 3 .   ? -9.275  -1.379  18.061  1.00 23.55 ? 306 HOH A O   1 
HETATM 1571 O O   . HOH C 3 .   ? 4.515   -0.114  19.742  1.00 40.80 ? 307 HOH A O   1 
HETATM 1572 O O   . HOH C 3 .   ? -16.917 -2.942  18.115  1.00 18.24 ? 308 HOH A O   1 
HETATM 1573 O O   . HOH C 3 .   ? 3.556   8.299   -13.218 1.00 22.31 ? 309 HOH A O   1 
HETATM 1574 O O   . HOH C 3 .   ? -14.215 -2.061  21.419  1.00 28.36 ? 310 HOH A O   1 
HETATM 1575 O O   . HOH C 3 .   ? 0.461   -4.737  -18.481 1.00 43.53 ? 311 HOH A O   1 
HETATM 1576 O O   . HOH C 3 .   ? -1.430  5.418   -11.637 1.00 19.52 ? 312 HOH A O   1 
HETATM 1577 O O   . HOH C 3 .   ? -17.402 3.613   16.472  1.00 34.75 ? 313 HOH A O   1 
HETATM 1578 O O   . HOH C 3 .   ? -21.499 -2.807  0.226   1.00 16.54 ? 314 HOH A O   1 
HETATM 1579 O O   . HOH C 3 .   ? -6.466  15.786  23.448  1.00 33.03 ? 315 HOH A O   1 
HETATM 1580 O O   . HOH C 3 .   ? 11.646  -13.058 -1.159  1.00 33.30 ? 316 HOH A O   1 
HETATM 1581 O O   . HOH C 3 .   ? 0.886   -5.550  18.172  1.00 21.68 ? 317 HOH A O   1 
HETATM 1582 O O   . HOH C 3 .   ? 7.676   3.122   10.101  1.00 18.33 ? 318 HOH A O   1 
HETATM 1583 O O   . HOH C 3 .   ? -21.027 -6.579  5.841   1.00 37.25 ? 319 HOH A O   1 
HETATM 1584 O O   . HOH C 3 .   ? 17.789  5.286   -7.435  1.00 31.03 ? 320 HOH A O   1 
HETATM 1585 O O   . HOH C 3 .   ? -3.466  -3.786  17.089  1.00 25.99 ? 321 HOH A O   1 
HETATM 1586 O O   . HOH C 3 .   ? -19.743 -4.751  3.920   1.00 39.93 ? 322 HOH A O   1 
HETATM 1587 O O   . HOH C 3 .   ? -8.593  14.827  24.856  1.00 44.67 ? 323 HOH A O   1 
HETATM 1588 O O   . HOH C 3 .   ? -16.842 15.448  7.224   1.00 38.88 ? 324 HOH A O   1 
HETATM 1589 O O   . HOH C 3 .   ? -8.145  3.428   -13.443 1.00 29.18 ? 325 HOH A O   1 
HETATM 1590 O O   . HOH C 3 .   ? 6.963   -19.921 -6.299  1.00 34.78 ? 326 HOH A O   1 
HETATM 1591 O O   . HOH C 3 .   ? 3.243   -14.715 -4.321  1.00 29.98 ? 327 HOH A O   1 
HETATM 1592 O O   . HOH C 3 .   ? 7.858   14.529  12.636  1.00 37.79 ? 328 HOH A O   1 
HETATM 1593 O O   . HOH C 3 .   ? -3.161  -13.392 -19.005 1.00 46.79 ? 329 HOH A O   1 
HETATM 1594 O O   . HOH C 3 .   ? -11.070 20.036  19.720  1.00 46.05 ? 330 HOH A O   1 
HETATM 1595 O O   . HOH C 3 .   ? 6.113   9.294   5.173   1.00 21.62 ? 331 HOH A O   1 
HETATM 1596 O O   . HOH C 3 .   ? -4.304  -7.490  16.885  1.00 43.27 ? 332 HOH A O   1 
HETATM 1597 O O   . HOH C 3 .   ? -11.352 13.801  11.697  1.00 25.61 ? 333 HOH A O   1 
HETATM 1598 O O   . HOH C 3 .   ? -14.477 -1.724  11.619  1.00 25.19 ? 334 HOH A O   1 
HETATM 1599 O O   . HOH C 3 .   ? -21.463 -8.994  6.063   1.00 35.14 ? 335 HOH A O   1 
HETATM 1600 O O   . HOH C 3 .   ? 21.037  3.732   -16.428 1.00 20.46 ? 336 HOH A O   1 
HETATM 1601 O O   . HOH C 3 .   ? -6.424  16.010  9.187   1.00 28.03 ? 337 HOH A O   1 
HETATM 1602 O O   . HOH C 3 .   ? 0.224   1.519   21.175  1.00 32.60 ? 338 HOH A O   1 
HETATM 1603 O O   . HOH C 3 .   ? -1.181  -5.467  -17.025 1.00 42.34 ? 339 HOH A O   1 
HETATM 1604 O O   . HOH C 3 .   ? 3.392   3.924   -17.301 1.00 30.13 ? 340 HOH A O   1 
HETATM 1605 O O   . HOH C 3 .   ? 13.706  12.479  1.639   1.00 38.55 ? 341 HOH A O   1 
HETATM 1606 O O   . HOH C 3 .   ? 3.377   14.352  -10.214 1.00 42.63 ? 342 HOH A O   1 
HETATM 1607 O O   . HOH C 3 .   ? 16.123  7.782   -9.703  1.00 31.75 ? 343 HOH A O   1 
HETATM 1608 O O   . HOH C 3 .   ? -18.420 -11.356 1.576   1.00 40.27 ? 344 HOH A O   1 
HETATM 1609 O O   . HOH C 3 .   ? 0.009   -14.655 -20.769 1.00 41.34 ? 345 HOH A O   1 
HETATM 1610 O O   . HOH C 3 .   ? -17.165 1.018   15.760  1.00 28.30 ? 346 HOH A O   1 
HETATM 1611 O O   . HOH C 3 .   ? 17.408  -12.191 -4.274  1.00 30.89 ? 347 HOH A O   1 
HETATM 1612 O O   . HOH C 3 .   ? 14.523  14.740  1.506   1.00 35.83 ? 348 HOH A O   1 
HETATM 1613 O O   . HOH C 3 .   ? 1.377   -16.595 -5.378  1.00 44.06 ? 349 HOH A O   1 
HETATM 1614 O O   . HOH C 3 .   ? -18.670 -11.188 4.242   1.00 48.15 ? 350 HOH A O   1 
HETATM 1615 O O   . HOH C 3 .   ? 10.796  4.282   5.491   1.00 31.17 ? 351 HOH A O   1 
HETATM 1616 O O   . HOH C 3 .   ? 16.886  9.492   -14.162 1.00 41.91 ? 352 HOH A O   1 
HETATM 1617 O O   . HOH C 3 .   ? 13.775  2.391   -3.776  1.00 15.82 ? 353 HOH A O   1 
HETATM 1618 O O   . HOH C 3 .   ? 8.220   -8.397  -5.639  1.00 17.45 ? 354 HOH A O   1 
HETATM 1619 O O   . HOH C 3 .   ? -12.568 6.223   12.308  1.00 17.52 ? 355 HOH A O   1 
HETATM 1620 O O   . HOH C 3 .   ? -4.161  7.973   0.029   1.00 30.53 ? 356 HOH A O   1 
HETATM 1621 O O   . HOH C 3 .   ? -12.384 -2.895  10.804  1.00 20.32 ? 357 HOH A O   1 
HETATM 1622 O O   . HOH C 3 .   ? -5.503  -13.007 -1.695  1.00 22.62 ? 358 HOH A O   1 
HETATM 1623 O O   . HOH C 3 .   ? -6.056  2.990   14.573  1.00 13.95 ? 359 HOH A O   1 
HETATM 1624 O O   . HOH C 3 .   ? 4.228   -12.061 5.554   1.00 34.03 ? 360 HOH A O   1 
HETATM 1625 O O   . HOH C 3 .   ? 13.074  -6.980  -16.250 1.00 28.60 ? 361 HOH A O   1 
HETATM 1626 O O   . HOH C 3 .   ? -4.551  4.327   -7.051  1.00 14.83 ? 362 HOH A O   1 
HETATM 1627 O O   . HOH C 3 .   ? -13.519 8.569   8.542   1.00 32.23 ? 363 HOH A O   1 
HETATM 1628 O O   . HOH C 3 .   ? 6.236   -13.200 -10.939 1.00 24.22 ? 364 HOH A O   1 
HETATM 1629 O O   . HOH C 3 .   ? 8.614   -12.445 1.884   1.00 31.00 ? 365 HOH A O   1 
HETATM 1630 O O   . HOH C 3 .   ? 6.270   -12.781 3.270   1.00 32.28 ? 366 HOH A O   1 
HETATM 1631 O O   . HOH C 3 .   ? 14.508  0.375   -2.238  1.00 29.72 ? 367 HOH A O   1 
HETATM 1632 O O   . HOH C 3 .   ? 9.976   2.176   5.156   1.00 22.86 ? 368 HOH A O   1 
HETATM 1633 O O   . HOH C 3 .   ? -14.900 7.899   10.958  1.00 27.03 ? 369 HOH A O   1 
HETATM 1634 O O   . HOH C 3 .   ? 1.895   11.015  16.276  1.00 27.45 ? 370 HOH A O   1 
HETATM 1635 O O   . HOH C 3 .   ? 15.775  -1.497  -4.091  1.00 22.09 ? 371 HOH A O   1 
HETATM 1636 O O   . HOH C 3 .   ? -2.812  17.897  19.886  1.00 32.18 ? 372 HOH A O   1 
HETATM 1637 O O   . HOH C 3 .   ? 5.312   -9.767  -17.113 1.00 34.69 ? 373 HOH A O   1 
HETATM 1638 O O   . HOH C 3 .   ? 16.919  -7.127  -12.723 1.00 26.73 ? 374 HOH A O   1 
HETATM 1639 O O   . HOH C 3 .   ? -2.418  8.718   -1.435  1.00 27.63 ? 375 HOH A O   1 
HETATM 1640 O O   . HOH C 3 .   ? -9.351  -3.283  -11.006 1.00 34.76 ? 376 HOH A O   1 
HETATM 1641 O O   . HOH C 3 .   ? 10.065  7.626   -0.455  1.00 25.40 ? 377 HOH A O   1 
HETATM 1642 O O   . HOH C 3 .   ? 10.364  8.027   2.027   1.00 31.12 ? 378 HOH A O   1 
HETATM 1643 O O   . HOH C 3 .   ? -14.716 10.897  17.648  1.00 25.15 ? 379 HOH A O   1 
HETATM 1644 O O   . HOH C 3 .   ? 12.696  -7.769  -5.470  1.00 25.49 ? 380 HOH A O   1 
HETATM 1645 O O   . HOH C 3 .   ? -0.308  6.374   16.354  1.00 26.54 ? 381 HOH A O   1 
HETATM 1646 O O   . HOH C 3 .   ? 1.818   15.469  6.207   1.00 35.61 ? 382 HOH A O   1 
HETATM 1647 O O   . HOH C 3 .   ? 3.907   10.489  3.826   1.00 25.64 ? 383 HOH A O   1 
HETATM 1648 O O   . HOH C 3 .   ? -4.830  11.335  1.944   1.00 26.42 ? 384 HOH A O   1 
HETATM 1649 O O   . HOH C 3 .   ? -1.113  4.530   18.790  1.00 41.15 ? 385 HOH A O   1 
HETATM 1650 O O   . HOH C 3 .   ? -11.275 -15.474 -4.530  1.00 32.59 ? 386 HOH A O   1 
HETATM 1651 O O   . HOH C 3 .   ? 2.774   -13.689 6.727   1.00 41.34 ? 387 HOH A O   1 
HETATM 1652 O O   . HOH C 3 .   ? -16.400 5.911   12.842  1.00 40.31 ? 388 HOH A O   1 
HETATM 1653 O O   . HOH C 3 .   ? 14.086  -6.725  -3.237  1.00 38.97 ? 389 HOH A O   1 
HETATM 1654 O O   . HOH C 3 .   ? 6.892   14.935  -0.267  1.00 35.95 ? 390 HOH A O   1 
HETATM 1655 O O   . HOH C 3 .   ? 1.896   12.075  2.345   1.00 31.42 ? 391 HOH A O   1 
HETATM 1656 O O   . HOH C 3 .   ? 4.175   -13.156 -17.848 1.00 38.66 ? 392 HOH A O   1 
HETATM 1657 O O   . HOH C 3 .   ? -1.386  11.168  -0.574  1.00 45.08 ? 393 HOH A O   1 
HETATM 1658 O O   . HOH C 3 .   ? -5.109  13.586  2.925   1.00 43.26 ? 394 HOH A O   1 
HETATM 1659 O O   . HOH C 3 .   ? -7.052  -8.139  -15.939 1.00 49.45 ? 395 HOH A O   1 
HETATM 1660 O O   . HOH C 3 .   ? -8.771  -8.106  -13.223 1.00 45.32 ? 396 HOH A O   1 
HETATM 1661 O O   . HOH C 3 .   ? -8.413  -15.180 2.622   1.00 29.16 ? 397 HOH A O   1 
HETATM 1662 O O   . HOH C 3 .   ? 12.231  -6.996  -0.259  1.00 36.57 ? 398 HOH A O   1 
HETATM 1663 O O   . HOH C 3 .   ? 13.241  1.706   0.271   1.00 35.86 ? 399 HOH A O   1 
HETATM 1664 O O   . HOH C 3 .   ? 13.885  -7.236  -18.883 1.00 38.90 ? 400 HOH A O   1 
HETATM 1665 O O   . HOH C 3 .   ? 9.940   -11.230 0.034   1.00 23.36 ? 401 HOH A O   1 
HETATM 1666 O O   . HOH C 3 .   ? 0.045   10.604  -4.043  1.00 25.85 ? 402 HOH A O   1 
# 
loop_
_pdbx_poly_seq_scheme.asym_id 
_pdbx_poly_seq_scheme.entity_id 
_pdbx_poly_seq_scheme.seq_id 
_pdbx_poly_seq_scheme.mon_id 
_pdbx_poly_seq_scheme.ndb_seq_num 
_pdbx_poly_seq_scheme.pdb_seq_num 
_pdbx_poly_seq_scheme.auth_seq_num 
_pdbx_poly_seq_scheme.pdb_mon_id 
_pdbx_poly_seq_scheme.auth_mon_id 
_pdbx_poly_seq_scheme.pdb_strand_id 
_pdbx_poly_seq_scheme.pdb_ins_code 
_pdbx_poly_seq_scheme.hetero 
A 1 1   GLY 1   -3  ?   ?   ?   A . n 
A 1 2   PRO 2   -2  ?   ?   ?   A . n 
A 1 3   GLY 3   -1  ?   ?   ?   A . n 
A 1 4   SER 4   0   0   SER SER A . n 
A 1 5   MET 5   1   1   MET MET A . n 
A 1 6   GLU 6   2   2   GLU GLU A . n 
A 1 7   PHE 7   3   3   PHE PHE A . n 
A 1 8   PRO 8   4   4   PRO PRO A . n 
A 1 9   PHE 9   5   5   PHE PHE A . n 
A 1 10  ASP 10  6   6   ASP ASP A . n 
A 1 11  VAL 11  7   7   VAL VAL A . n 
A 1 12  ASP 12  8   8   ASP ASP A . n 
A 1 13  ALA 13  9   9   ALA ALA A . n 
A 1 14  LEU 14  10  10  LEU LEU A . n 
A 1 15  PHE 15  11  11  PHE PHE A . n 
A 1 16  PRO 16  12  12  PRO PRO A . n 
A 1 17  GLU 17  13  13  GLU GLU A . n 
A 1 18  ARG 18  14  14  ARG ARG A . n 
A 1 19  ILE 19  15  15  ILE ILE A . n 
A 1 20  THR 20  16  16  THR THR A . n 
A 1 21  VAL 21  17  17  VAL VAL A . n 
A 1 22  LEU 22  18  18  LEU LEU A . n 
A 1 23  ASP 23  19  19  ASP ASP A . n 
A 1 24  GLN 24  20  20  GLN GLN A . n 
A 1 25  HIS 25  21  21  HIS HIS A . n 
A 1 26  LEU 26  22  22  LEU LEU A . n 
A 1 27  ARG 27  23  23  ARG ARG A . n 
A 1 28  PRO 28  24  24  PRO PRO A . n 
A 1 29  PRO 29  25  25  PRO PRO A . n 
A 1 30  ALA 30  26  26  ALA ALA A . n 
A 1 31  ARG 31  27  27  ARG ARG A . n 
A 1 32  ARG 32  28  ?   ?   ?   A . n 
A 1 33  PRO 33  29  ?   ?   ?   A . n 
A 1 34  GLY 34  30  ?   ?   ?   A . n 
A 1 35  THR 35  31  ?   ?   ?   A . n 
A 1 36  THR 36  32  ?   ?   ?   A . n 
A 1 37  THR 37  33  33  THR THR A . n 
A 1 38  PRO 38  34  34  PRO PRO A . n 
A 1 39  ALA 39  35  35  ALA ALA A . n 
A 1 40  ARG 40  36  36  ARG ARG A . n 
A 1 41  VAL 41  37  37  VAL VAL A . n 
A 1 42  ASP 42  38  38  ASP ASP A . n 
A 1 43  LEU 43  39  39  LEU LEU A . n 
A 1 44  GLN 44  40  40  GLN GLN A . n 
A 1 45  GLN 45  41  41  GLN GLN A . n 
A 1 46  GLN 46  42  42  GLN GLN A . n 
A 1 47  ILE 47  43  43  ILE ILE A . n 
A 1 48  MET 48  44  44  MET MET A . n 
A 1 49  THR 49  45  45  THR THR A . n 
A 1 50  ILE 50  46  46  ILE ILE A . n 
A 1 51  ILE 51  47  47  ILE ILE A . n 
A 1 52  ASP 52  48  48  ASP ASP A . n 
A 1 53  GLU 53  49  49  GLU GLU A . n 
A 1 54  LEU 54  50  50  LEU LEU A . n 
A 1 55  GLY 55  51  51  GLY GLY A . n 
A 1 56  LYS 56  52  52  LYS LYS A . n 
A 1 57  ALA 57  53  53  ALA ALA A . n 
A 1 58  SER 58  54  54  SER SER A . n 
A 1 59  ALA 59  55  55  ALA ALA A . n 
A 1 60  LYS 60  56  56  LYS LYS A . n 
A 1 61  ALA 61  57  57  ALA ALA A . n 
A 1 62  GLN 62  58  58  GLN GLN A . n 
A 1 63  ASN 63  59  59  ASN ASN A . n 
A 1 64  LEU 64  60  60  LEU LEU A . n 
A 1 65  SER 65  61  61  SER SER A . n 
A 1 66  ALA 66  62  62  ALA ALA A . n 
A 1 67  PRO 67  63  63  PRO PRO A . n 
A 1 68  ILE 68  64  64  ILE ILE A . n 
A 1 69  THR 69  65  65  THR THR A . n 
A 1 70  SER 70  66  66  SER SER A . n 
A 1 71  ALA 71  67  67  ALA ALA A . n 
A 1 72  SER 72  68  68  SER SER A . n 
A 1 73  ARG 73  69  69  ARG ARG A . n 
A 1 74  MET 74  70  70  MET MET A . n 
A 1 75  GLN 75  71  71  GLN GLN A . n 
A 1 76  SER 76  72  72  SER SER A . n 
A 1 77  ASN 77  73  73  ASN ASN A . n 
A 1 78  ARG 78  74  74  ARG ARG A . n 
A 1 79  HIS 79  75  75  HIS HIS A . n 
A 1 80  VAL 80  76  76  VAL VAL A . n 
A 1 81  VAL 81  77  77  VAL VAL A . n 
A 1 82  TYR 82  78  78  TYR TYR A . n 
A 1 83  ILE 83  79  79  ILE ILE A . n 
A 1 84  LEU 84  80  80  LEU LEU A . n 
A 1 85  LYS 85  81  81  LYS LYS A . n 
A 1 86  ASP 86  82  82  ASP ASP A . n 
A 1 87  SER 87  83  83  SER SER A . n 
A 1 88  SER 88  84  84  SER SER A . n 
A 1 89  ALA 89  85  ?   ?   ?   A . n 
A 1 90  ARG 90  86  ?   ?   ?   A . n 
A 1 91  PRO 91  87  ?   ?   ?   A . n 
A 1 92  ALA 92  88  ?   ?   ?   A . n 
A 1 93  GLY 93  89  89  GLY GLY A . n 
A 1 94  LYS 94  90  90  LYS LYS A . n 
A 1 95  GLY 95  91  91  GLY GLY A . n 
A 1 96  ALA 96  92  92  ALA ALA A . n 
A 1 97  ILE 97  93  93  ILE ILE A . n 
A 1 98  ILE 98  94  94  ILE ILE A . n 
A 1 99  GLY 99  95  95  GLY GLY A . n 
A 1 100 PHE 100 96  96  PHE PHE A . n 
A 1 101 ILE 101 97  97  ILE ILE A . n 
A 1 102 LYS 102 98  98  LYS LYS A . n 
A 1 103 VAL 103 99  99  VAL VAL A . n 
A 1 104 GLY 104 100 100 GLY GLY A . n 
A 1 105 TYR 105 101 101 TYR TYR A . n 
A 1 106 LYS 106 102 102 LYS LYS A . n 
A 1 107 LYS 107 103 103 LYS LYS A . n 
A 1 108 LEU 108 104 104 LEU LEU A . n 
A 1 109 PHE 109 105 105 PHE PHE A . n 
A 1 110 VAL 110 106 106 VAL VAL A . n 
A 1 111 LEU 111 107 107 LEU LEU A . n 
A 1 112 ASP 112 108 108 ASP ASP A . n 
A 1 113 ASP 113 109 109 ASP ASP A . n 
A 1 114 ARG 114 110 110 ARG ARG A . n 
A 1 115 GLU 115 111 111 GLU GLU A . n 
A 1 116 ALA 116 112 112 ALA ALA A . n 
A 1 117 HIS 117 113 113 HIS HIS A . n 
A 1 118 ASN 118 114 114 ASN ASN A . n 
A 1 119 GLU 119 115 115 GLU GLU A . n 
A 1 120 VAL 120 116 116 VAL VAL A . n 
A 1 121 GLU 121 117 117 GLU GLU A . n 
A 1 122 PRO 122 118 118 PRO PRO A . n 
A 1 123 LEU 123 119 119 LEU LEU A . n 
A 1 124 CYS 124 120 120 CYS CYS A . n 
A 1 125 ILE 125 121 121 ILE ILE A . n 
A 1 126 LEU 126 122 122 LEU LEU A . n 
A 1 127 ASP 127 123 123 ASP ASP A . n 
A 1 128 PHE 128 124 124 PHE PHE A . n 
A 1 129 TYR 129 125 125 TYR TYR A . n 
A 1 130 ILE 130 126 126 ILE ILE A . n 
A 1 131 HIS 131 127 127 HIS HIS A . n 
A 1 132 GLU 132 128 128 GLU GLU A . n 
A 1 133 SER 133 129 129 SER SER A . n 
A 1 134 VAL 134 130 130 VAL VAL A . n 
A 1 135 GLN 135 131 131 GLN GLN A . n 
A 1 136 ARG 136 132 132 ARG ARG A . n 
A 1 137 HIS 137 133 133 HIS HIS A . n 
A 1 138 GLY 138 134 134 GLY GLY A . n 
A 1 139 HIS 139 135 135 HIS HIS A . n 
A 1 140 GLY 140 136 136 GLY GLY A . n 
A 1 141 ARG 141 137 137 ARG ARG A . n 
A 1 142 GLU 142 138 138 GLU GLU A . n 
A 1 143 LEU 143 139 139 LEU LEU A . n 
A 1 144 PHE 144 140 140 PHE PHE A . n 
A 1 145 GLN 145 141 141 GLN GLN A . n 
A 1 146 TYR 146 142 142 TYR TYR A . n 
A 1 147 MET 147 143 143 MET MET A . n 
A 1 148 LEU 148 144 144 LEU LEU A . n 
A 1 149 GLN 149 145 145 GLN GLN A . n 
A 1 150 LYS 150 146 146 LYS LYS A . n 
A 1 151 GLU 151 147 147 GLU GLU A . n 
A 1 152 ARG 152 148 148 ARG ARG A . n 
A 1 153 VAL 153 149 149 VAL VAL A . n 
A 1 154 GLU 154 150 150 GLU GLU A . n 
A 1 155 PRO 155 151 151 PRO PRO A . n 
A 1 156 HIS 156 152 152 HIS HIS A . n 
A 1 157 GLN 157 153 153 GLN GLN A . n 
A 1 158 LEU 158 154 154 LEU LEU A . n 
A 1 159 ALA 159 155 155 ALA ALA A . n 
A 1 160 ILE 160 156 156 ILE ILE A . n 
A 1 161 ASP 161 157 157 ASP ASP A . n 
A 1 162 ARG 162 158 158 ARG ARG A . n 
A 1 163 PRO 163 159 159 PRO PRO A . n 
A 1 164 SER 164 160 160 SER SER A . n 
A 1 165 GLN 165 161 161 GLN GLN A . n 
A 1 166 LYS 166 162 162 LYS LYS A . n 
A 1 167 LEU 167 163 163 LEU LEU A . n 
A 1 168 LEU 168 164 164 LEU LEU A . n 
A 1 169 LYS 169 165 165 LYS LYS A . n 
A 1 170 PHE 170 166 166 PHE PHE A . n 
A 1 171 LEU 171 167 167 LEU LEU A . n 
A 1 172 ASN 172 168 168 ASN ASN A . n 
A 1 173 LYS 173 169 169 LYS LYS A . n 
A 1 174 HIS 174 170 170 HIS HIS A . n 
A 1 175 TYR 175 171 171 TYR TYR A . n 
A 1 176 ASN 176 172 172 ASN ASN A . n 
A 1 177 LEU 177 173 173 LEU LEU A . n 
A 1 178 GLU 178 174 174 GLU GLU A . n 
A 1 179 THR 179 175 175 THR THR A . n 
A 1 180 THR 180 176 176 THR THR A . n 
A 1 181 VAL 181 177 177 VAL VAL A . n 
A 1 182 PRO 182 178 178 PRO PRO A . n 
A 1 183 GLN 183 179 179 GLN GLN A . n 
A 1 184 VAL 184 180 180 VAL VAL A . n 
A 1 185 ASN 185 181 181 ASN ASN A . n 
A 1 186 ASN 186 182 182 ASN ASN A . n 
A 1 187 PHE 187 183 183 PHE PHE A . n 
A 1 188 VAL 188 184 184 VAL VAL A . n 
A 1 189 ILE 189 185 185 ILE ILE A . n 
A 1 190 PHE 190 186 186 PHE PHE A . n 
A 1 191 GLU 191 187 187 GLU GLU A . n 
A 1 192 GLY 192 188 188 GLY GLY A . n 
A 1 193 PHE 193 189 189 PHE PHE A . n 
A 1 194 PHE 194 190 190 PHE PHE A . n 
A 1 195 ALA 195 191 ?   ?   ?   A . n 
A 1 196 HIS 196 192 ?   ?   ?   A . n 
A 1 197 GLN 197 193 ?   ?   ?   A . n 
A 1 198 HIS 198 194 ?   ?   ?   A . n 
A 1 199 GLU 199 195 ?   ?   ?   A . n 
A 1 200 PHE 200 196 ?   ?   ?   A . n 
A 1 201 GLY 201 197 ?   ?   ?   A . n 
# 
loop_
_pdbx_nonpoly_scheme.asym_id 
_pdbx_nonpoly_scheme.entity_id 
_pdbx_nonpoly_scheme.mon_id 
_pdbx_nonpoly_scheme.ndb_seq_num 
_pdbx_nonpoly_scheme.pdb_seq_num 
_pdbx_nonpoly_scheme.auth_seq_num 
_pdbx_nonpoly_scheme.pdb_mon_id 
_pdbx_nonpoly_scheme.auth_mon_id 
_pdbx_nonpoly_scheme.pdb_strand_id 
_pdbx_nonpoly_scheme.pdb_ins_code 
B 2 COA 1   201 1   COA COA A . 
C 3 HOH 1   301 45  HOH HOH A . 
C 3 HOH 2   302 90  HOH HOH A . 
C 3 HOH 3   303 80  HOH HOH A . 
C 3 HOH 4   304 81  HOH HOH A . 
C 3 HOH 5   305 65  HOH HOH A . 
C 3 HOH 6   306 21  HOH HOH A . 
C 3 HOH 7   307 78  HOH HOH A . 
C 3 HOH 8   308 18  HOH HOH A . 
C 3 HOH 9   309 101 HOH HOH A . 
C 3 HOH 10  310 39  HOH HOH A . 
C 3 HOH 11  311 62  HOH HOH A . 
C 3 HOH 12  312 1   HOH HOH A . 
C 3 HOH 13  313 57  HOH HOH A . 
C 3 HOH 14  314 7   HOH HOH A . 
C 3 HOH 15  315 61  HOH HOH A . 
C 3 HOH 16  316 42  HOH HOH A . 
C 3 HOH 17  317 36  HOH HOH A . 
C 3 HOH 18  318 13  HOH HOH A . 
C 3 HOH 19  319 56  HOH HOH A . 
C 3 HOH 20  320 41  HOH HOH A . 
C 3 HOH 21  321 22  HOH HOH A . 
C 3 HOH 22  322 96  HOH HOH A . 
C 3 HOH 23  323 98  HOH HOH A . 
C 3 HOH 24  324 72  HOH HOH A . 
C 3 HOH 25  325 11  HOH HOH A . 
C 3 HOH 26  326 76  HOH HOH A . 
C 3 HOH 27  327 34  HOH HOH A . 
C 3 HOH 28  328 74  HOH HOH A . 
C 3 HOH 29  329 87  HOH HOH A . 
C 3 HOH 30  330 83  HOH HOH A . 
C 3 HOH 31  331 20  HOH HOH A . 
C 3 HOH 32  332 37  HOH HOH A . 
C 3 HOH 33  333 23  HOH HOH A . 
C 3 HOH 34  334 32  HOH HOH A . 
C 3 HOH 35  335 82  HOH HOH A . 
C 3 HOH 36  336 29  HOH HOH A . 
C 3 HOH 37  337 30  HOH HOH A . 
C 3 HOH 38  338 28  HOH HOH A . 
C 3 HOH 39  339 71  HOH HOH A . 
C 3 HOH 40  340 60  HOH HOH A . 
C 3 HOH 41  341 64  HOH HOH A . 
C 3 HOH 42  342 70  HOH HOH A . 
C 3 HOH 43  343 75  HOH HOH A . 
C 3 HOH 44  344 77  HOH HOH A . 
C 3 HOH 45  345 66  HOH HOH A . 
C 3 HOH 46  346 55  HOH HOH A . 
C 3 HOH 47  347 54  HOH HOH A . 
C 3 HOH 48  348 69  HOH HOH A . 
C 3 HOH 49  349 89  HOH HOH A . 
C 3 HOH 50  350 92  HOH HOH A . 
C 3 HOH 51  351 53  HOH HOH A . 
C 3 HOH 52  352 63  HOH HOH A . 
C 3 HOH 53  353 2   HOH HOH A . 
C 3 HOH 54  354 3   HOH HOH A . 
C 3 HOH 55  355 4   HOH HOH A . 
C 3 HOH 56  356 5   HOH HOH A . 
C 3 HOH 57  357 6   HOH HOH A . 
C 3 HOH 58  358 8   HOH HOH A . 
C 3 HOH 59  359 9   HOH HOH A . 
C 3 HOH 60  360 10  HOH HOH A . 
C 3 HOH 61  361 12  HOH HOH A . 
C 3 HOH 62  362 14  HOH HOH A . 
C 3 HOH 63  363 15  HOH HOH A . 
C 3 HOH 64  364 16  HOH HOH A . 
C 3 HOH 65  365 17  HOH HOH A . 
C 3 HOH 66  366 19  HOH HOH A . 
C 3 HOH 67  367 24  HOH HOH A . 
C 3 HOH 68  368 25  HOH HOH A . 
C 3 HOH 69  369 26  HOH HOH A . 
C 3 HOH 70  370 27  HOH HOH A . 
C 3 HOH 71  371 31  HOH HOH A . 
C 3 HOH 72  372 33  HOH HOH A . 
C 3 HOH 73  373 35  HOH HOH A . 
C 3 HOH 74  374 38  HOH HOH A . 
C 3 HOH 75  375 40  HOH HOH A . 
C 3 HOH 76  376 43  HOH HOH A . 
C 3 HOH 77  377 44  HOH HOH A . 
C 3 HOH 78  378 46  HOH HOH A . 
C 3 HOH 79  379 47  HOH HOH A . 
C 3 HOH 80  380 48  HOH HOH A . 
C 3 HOH 81  381 49  HOH HOH A . 
C 3 HOH 82  382 50  HOH HOH A . 
C 3 HOH 83  383 51  HOH HOH A . 
C 3 HOH 84  384 52  HOH HOH A . 
C 3 HOH 85  385 58  HOH HOH A . 
C 3 HOH 86  386 59  HOH HOH A . 
C 3 HOH 87  387 67  HOH HOH A . 
C 3 HOH 88  388 68  HOH HOH A . 
C 3 HOH 89  389 73  HOH HOH A . 
C 3 HOH 90  390 79  HOH HOH A . 
C 3 HOH 91  391 84  HOH HOH A . 
C 3 HOH 92  392 85  HOH HOH A . 
C 3 HOH 93  393 86  HOH HOH A . 
C 3 HOH 94  394 88  HOH HOH A . 
C 3 HOH 95  395 91  HOH HOH A . 
C 3 HOH 96  396 93  HOH HOH A . 
C 3 HOH 97  397 94  HOH HOH A . 
C 3 HOH 98  398 95  HOH HOH A . 
C 3 HOH 99  399 97  HOH HOH A . 
C 3 HOH 100 400 99  HOH HOH A . 
C 3 HOH 101 401 100 HOH HOH A . 
C 3 HOH 102 402 102 HOH HOH A . 
# 
_pdbx_struct_assembly.id                   1 
_pdbx_struct_assembly.details              author_and_software_defined_assembly 
_pdbx_struct_assembly.method_details       PISA 
_pdbx_struct_assembly.oligomeric_details   monomeric 
_pdbx_struct_assembly.oligomeric_count     1 
# 
_pdbx_struct_assembly_gen.assembly_id       1 
_pdbx_struct_assembly_gen.oper_expression   1 
_pdbx_struct_assembly_gen.asym_id_list      A,B,C 
# 
loop_
_pdbx_struct_assembly_prop.biol_id 
_pdbx_struct_assembly_prop.type 
_pdbx_struct_assembly_prop.value 
_pdbx_struct_assembly_prop.details 
1 'ABSA (A^2)' 1310 ? 
1 MORE         -1   ? 
1 'SSA (A^2)'  9900 ? 
# 
_pdbx_struct_oper_list.id                   1 
_pdbx_struct_oper_list.type                 'identity operation' 
_pdbx_struct_oper_list.name                 1_555 
_pdbx_struct_oper_list.symmetry_operation   x,y,z 
_pdbx_struct_oper_list.matrix[1][1]         1.0000000000 
_pdbx_struct_oper_list.matrix[1][2]         0.0000000000 
_pdbx_struct_oper_list.matrix[1][3]         0.0000000000 
_pdbx_struct_oper_list.vector[1]            0.0000000000 
_pdbx_struct_oper_list.matrix[2][1]         0.0000000000 
_pdbx_struct_oper_list.matrix[2][2]         1.0000000000 
_pdbx_struct_oper_list.matrix[2][3]         0.0000000000 
_pdbx_struct_oper_list.vector[2]            0.0000000000 
_pdbx_struct_oper_list.matrix[3][1]         0.0000000000 
_pdbx_struct_oper_list.matrix[3][2]         0.0000000000 
_pdbx_struct_oper_list.matrix[3][3]         1.0000000000 
_pdbx_struct_oper_list.vector[3]            0.0000000000 
# 
loop_
_pdbx_audit_revision_history.ordinal 
_pdbx_audit_revision_history.data_content_type 
_pdbx_audit_revision_history.major_revision 
_pdbx_audit_revision_history.minor_revision 
_pdbx_audit_revision_history.revision_date 
1 'Structure model' 1 0 2015-08-12 
2 'Structure model' 1 1 2020-01-29 
3 'Structure model' 1 2 2023-11-08 
# 
_pdbx_audit_revision_details.ordinal             1 
_pdbx_audit_revision_details.revision_ordinal    1 
_pdbx_audit_revision_details.data_content_type   'Structure model' 
_pdbx_audit_revision_details.provider            repository 
_pdbx_audit_revision_details.type                'Initial release' 
_pdbx_audit_revision_details.description         ? 
_pdbx_audit_revision_details.details             ? 
# 
loop_
_pdbx_audit_revision_group.ordinal 
_pdbx_audit_revision_group.revision_ordinal 
_pdbx_audit_revision_group.data_content_type 
_pdbx_audit_revision_group.group 
1 2 'Structure model' 'Data collection'        
2 2 'Structure model' 'Derived calculations'   
3 3 'Structure model' 'Data collection'        
4 3 'Structure model' 'Database references'    
5 3 'Structure model' 'Refinement description' 
# 
loop_
_pdbx_audit_revision_category.ordinal 
_pdbx_audit_revision_category.revision_ordinal 
_pdbx_audit_revision_category.data_content_type 
_pdbx_audit_revision_category.category 
1 2 'Structure model' diffrn_source                 
2 2 'Structure model' pdbx_struct_oper_list         
3 3 'Structure model' chem_comp_atom                
4 3 'Structure model' chem_comp_bond                
5 3 'Structure model' database_2                    
6 3 'Structure model' pdbx_initial_refinement_model 
# 
loop_
_pdbx_audit_revision_item.ordinal 
_pdbx_audit_revision_item.revision_ordinal 
_pdbx_audit_revision_item.data_content_type 
_pdbx_audit_revision_item.item 
1 2 'Structure model' '_diffrn_source.pdbx_synchrotron_site'      
2 2 'Structure model' '_pdbx_struct_oper_list.symmetry_operation' 
3 3 'Structure model' '_database_2.pdbx_DOI'                      
4 3 'Structure model' '_database_2.pdbx_database_accession'       
# 
loop_
_software.citation_id 
_software.classification 
_software.compiler_name 
_software.compiler_version 
_software.contact_author 
_software.contact_author_email 
_software.date 
_software.description 
_software.dependencies 
_software.hardware 
_software.language 
_software.location 
_software.mods 
_software.name 
_software.os 
_software.os_version 
_software.type 
_software.version 
_software.pdbx_ordinal 
? 'data processing' ? ? ? ? ? ? ? ? ? ? ? HKL-2000 ? ? ? .                         1 
? 'data scaling'    ? ? ? ? ? ? ? ? ? ? ? HKL-2000 ? ? ? .                         2 
? phasing           ? ? ? ? ? ? ? ? ? ? ? PHASER   ? ? ? 2.4.0                     3 
? 'data extraction' ? ? ? ? ? ? ? ? ? ? ? Coot     ? ? ? 0.7-pre                   4 
? refinement        ? ? ? ? ? ? ? ? ? ? ? PHENIX   ? ? ? 'phenix.refine: 1.9_1692' 5 
# 
loop_
_pdbx_validate_torsion.id 
_pdbx_validate_torsion.PDB_model_num 
_pdbx_validate_torsion.auth_comp_id 
_pdbx_validate_torsion.auth_asym_id 
_pdbx_validate_torsion.auth_seq_id 
_pdbx_validate_torsion.PDB_ins_code 
_pdbx_validate_torsion.label_alt_id 
_pdbx_validate_torsion.phi 
_pdbx_validate_torsion.psi 
1 1 PRO A 4   ? ? -66.83  25.23   
2 1 ASP A 19  ? ? -124.36 -162.75 
3 1 GLU A 174 ? ? -133.51 -54.21  
# 
loop_
_pdbx_unobs_or_zero_occ_atoms.id 
_pdbx_unobs_or_zero_occ_atoms.PDB_model_num 
_pdbx_unobs_or_zero_occ_atoms.polymer_flag 
_pdbx_unobs_or_zero_occ_atoms.occupancy_flag 
_pdbx_unobs_or_zero_occ_atoms.auth_asym_id 
_pdbx_unobs_or_zero_occ_atoms.auth_comp_id 
_pdbx_unobs_or_zero_occ_atoms.auth_seq_id 
_pdbx_unobs_or_zero_occ_atoms.PDB_ins_code 
_pdbx_unobs_or_zero_occ_atoms.auth_atom_id 
_pdbx_unobs_or_zero_occ_atoms.label_alt_id 
_pdbx_unobs_or_zero_occ_atoms.label_asym_id 
_pdbx_unobs_or_zero_occ_atoms.label_comp_id 
_pdbx_unobs_or_zero_occ_atoms.label_seq_id 
_pdbx_unobs_or_zero_occ_atoms.label_atom_id 
1  1 Y 1 A MET 1  ? SD  ? A MET 5  SD  
2  1 Y 1 A MET 1  ? CE  ? A MET 5  CE  
3  1 Y 1 A ARG 27 ? CG  ? A ARG 31 CG  
4  1 Y 1 A ARG 27 ? CD  ? A ARG 31 CD  
5  1 Y 1 A ARG 27 ? NE  ? A ARG 31 NE  
6  1 Y 1 A ARG 27 ? CZ  ? A ARG 31 CZ  
7  1 Y 1 A ARG 27 ? NH1 ? A ARG 31 NH1 
8  1 Y 1 A ARG 27 ? NH2 ? A ARG 31 NH2 
9  1 Y 1 A LYS 56 ? CG  ? A LYS 60 CG  
10 1 Y 1 A LYS 56 ? CD  ? A LYS 60 CD  
11 1 Y 1 A LYS 56 ? CE  ? A LYS 60 CE  
12 1 Y 1 A LYS 56 ? NZ  ? A LYS 60 NZ  
13 1 Y 1 A LEU 60 ? CG  ? A LEU 64 CG  
14 1 Y 1 A LEU 60 ? CD1 ? A LEU 64 CD1 
15 1 Y 1 A LEU 60 ? CD2 ? A LEU 64 CD2 
16 1 Y 1 A LYS 90 ? CG  ? A LYS 94 CG  
17 1 Y 1 A LYS 90 ? CD  ? A LYS 94 CD  
18 1 Y 1 A LYS 90 ? CE  ? A LYS 94 CE  
19 1 Y 1 A LYS 90 ? NZ  ? A LYS 94 NZ  
# 
loop_
_pdbx_unobs_or_zero_occ_residues.id 
_pdbx_unobs_or_zero_occ_residues.PDB_model_num 
_pdbx_unobs_or_zero_occ_residues.polymer_flag 
_pdbx_unobs_or_zero_occ_residues.occupancy_flag 
_pdbx_unobs_or_zero_occ_residues.auth_asym_id 
_pdbx_unobs_or_zero_occ_residues.auth_comp_id 
_pdbx_unobs_or_zero_occ_residues.auth_seq_id 
_pdbx_unobs_or_zero_occ_residues.PDB_ins_code 
_pdbx_unobs_or_zero_occ_residues.label_asym_id 
_pdbx_unobs_or_zero_occ_residues.label_comp_id 
_pdbx_unobs_or_zero_occ_residues.label_seq_id 
1  1 Y 1 A GLY -3  ? A GLY 1   
2  1 Y 1 A PRO -2  ? A PRO 2   
3  1 Y 1 A GLY -1  ? A GLY 3   
4  1 Y 1 A ARG 28  ? A ARG 32  
5  1 Y 1 A PRO 29  ? A PRO 33  
6  1 Y 1 A GLY 30  ? A GLY 34  
7  1 Y 1 A THR 31  ? A THR 35  
8  1 Y 1 A THR 32  ? A THR 36  
9  1 Y 1 A ALA 85  ? A ALA 89  
10 1 Y 1 A ARG 86  ? A ARG 90  
11 1 Y 1 A PRO 87  ? A PRO 91  
12 1 Y 1 A ALA 88  ? A ALA 92  
13 1 Y 1 A ALA 191 ? A ALA 195 
14 1 Y 1 A HIS 192 ? A HIS 196 
15 1 Y 1 A GLN 193 ? A GLN 197 
16 1 Y 1 A HIS 194 ? A HIS 198 
17 1 Y 1 A GLU 195 ? A GLU 199 
18 1 Y 1 A PHE 196 ? A PHE 200 
19 1 Y 1 A GLY 197 ? A GLY 201 
# 
loop_
_chem_comp_atom.comp_id 
_chem_comp_atom.atom_id 
_chem_comp_atom.type_symbol 
_chem_comp_atom.pdbx_aromatic_flag 
_chem_comp_atom.pdbx_stereo_config 
_chem_comp_atom.pdbx_ordinal 
ALA N    N N N 1   
ALA CA   C N S 2   
ALA C    C N N 3   
ALA O    O N N 4   
ALA CB   C N N 5   
ALA OXT  O N N 6   
ALA H    H N N 7   
ALA H2   H N N 8   
ALA HA   H N N 9   
ALA HB1  H N N 10  
ALA HB2  H N N 11  
ALA HB3  H N N 12  
ALA HXT  H N N 13  
ARG N    N N N 14  
ARG CA   C N S 15  
ARG C    C N N 16  
ARG O    O N N 17  
ARG CB   C N N 18  
ARG CG   C N N 19  
ARG CD   C N N 20  
ARG NE   N N N 21  
ARG CZ   C N N 22  
ARG NH1  N N N 23  
ARG NH2  N N N 24  
ARG OXT  O N N 25  
ARG H    H N N 26  
ARG H2   H N N 27  
ARG HA   H N N 28  
ARG HB2  H N N 29  
ARG HB3  H N N 30  
ARG HG2  H N N 31  
ARG HG3  H N N 32  
ARG HD2  H N N 33  
ARG HD3  H N N 34  
ARG HE   H N N 35  
ARG HH11 H N N 36  
ARG HH12 H N N 37  
ARG HH21 H N N 38  
ARG HH22 H N N 39  
ARG HXT  H N N 40  
ASN N    N N N 41  
ASN CA   C N S 42  
ASN C    C N N 43  
ASN O    O N N 44  
ASN CB   C N N 45  
ASN CG   C N N 46  
ASN OD1  O N N 47  
ASN ND2  N N N 48  
ASN OXT  O N N 49  
ASN H    H N N 50  
ASN H2   H N N 51  
ASN HA   H N N 52  
ASN HB2  H N N 53  
ASN HB3  H N N 54  
ASN HD21 H N N 55  
ASN HD22 H N N 56  
ASN HXT  H N N 57  
ASP N    N N N 58  
ASP CA   C N S 59  
ASP C    C N N 60  
ASP O    O N N 61  
ASP CB   C N N 62  
ASP CG   C N N 63  
ASP OD1  O N N 64  
ASP OD2  O N N 65  
ASP OXT  O N N 66  
ASP H    H N N 67  
ASP H2   H N N 68  
ASP HA   H N N 69  
ASP HB2  H N N 70  
ASP HB3  H N N 71  
ASP HD2  H N N 72  
ASP HXT  H N N 73  
COA N1A  N Y N 74  
COA C2A  C Y N 75  
COA N3A  N Y N 76  
COA C4A  C Y N 77  
COA C5A  C Y N 78  
COA C6A  C Y N 79  
COA N6A  N N N 80  
COA N7A  N Y N 81  
COA C8A  C Y N 82  
COA N9A  N Y N 83  
COA C1B  C N R 84  
COA C2B  C N R 85  
COA O2B  O N N 86  
COA C3B  C N S 87  
COA O3B  O N N 88  
COA P3B  P N N 89  
COA O7A  O N N 90  
COA O8A  O N N 91  
COA O9A  O N N 92  
COA C4B  C N R 93  
COA O4B  O N N 94  
COA C5B  C N N 95  
COA O5B  O N N 96  
COA P1A  P N S 97  
COA O1A  O N N 98  
COA O2A  O N N 99  
COA O3A  O N N 100 
COA P2A  P N S 101 
COA O4A  O N N 102 
COA O5A  O N N 103 
COA O6A  O N N 104 
COA CBP  C N N 105 
COA CCP  C N N 106 
COA CDP  C N N 107 
COA CEP  C N N 108 
COA CAP  C N R 109 
COA OAP  O N N 110 
COA C9P  C N N 111 
COA O9P  O N N 112 
COA N8P  N N N 113 
COA C7P  C N N 114 
COA C6P  C N N 115 
COA C5P  C N N 116 
COA O5P  O N N 117 
COA N4P  N N N 118 
COA C3P  C N N 119 
COA C2P  C N N 120 
COA S1P  S N N 121 
COA H2A  H N N 122 
COA H61A H N N 123 
COA H62A H N N 124 
COA H8A  H N N 125 
COA H1B  H N N 126 
COA H2B  H N N 127 
COA HO2A H N N 128 
COA H3B  H N N 129 
COA HOA8 H N N 130 
COA HOA9 H N N 131 
COA H4B  H N N 132 
COA H51A H N N 133 
COA H52A H N N 134 
COA HOA2 H N N 135 
COA HOA5 H N N 136 
COA H121 H N N 137 
COA H122 H N N 138 
COA H131 H N N 139 
COA H132 H N N 140 
COA H133 H N N 141 
COA H141 H N N 142 
COA H142 H N N 143 
COA H143 H N N 144 
COA H10  H N N 145 
COA HO1  H N N 146 
COA HN8  H N N 147 
COA H71  H N N 148 
COA H72  H N N 149 
COA H61  H N N 150 
COA H62  H N N 151 
COA HN4  H N N 152 
COA H31  H N N 153 
COA H32  H N N 154 
COA H21  H N N 155 
COA H22  H N N 156 
COA HS1  H N N 157 
CYS N    N N N 158 
CYS CA   C N R 159 
CYS C    C N N 160 
CYS O    O N N 161 
CYS CB   C N N 162 
CYS SG   S N N 163 
CYS OXT  O N N 164 
CYS H    H N N 165 
CYS H2   H N N 166 
CYS HA   H N N 167 
CYS HB2  H N N 168 
CYS HB3  H N N 169 
CYS HG   H N N 170 
CYS HXT  H N N 171 
GLN N    N N N 172 
GLN CA   C N S 173 
GLN C    C N N 174 
GLN O    O N N 175 
GLN CB   C N N 176 
GLN CG   C N N 177 
GLN CD   C N N 178 
GLN OE1  O N N 179 
GLN NE2  N N N 180 
GLN OXT  O N N 181 
GLN H    H N N 182 
GLN H2   H N N 183 
GLN HA   H N N 184 
GLN HB2  H N N 185 
GLN HB3  H N N 186 
GLN HG2  H N N 187 
GLN HG3  H N N 188 
GLN HE21 H N N 189 
GLN HE22 H N N 190 
GLN HXT  H N N 191 
GLU N    N N N 192 
GLU CA   C N S 193 
GLU C    C N N 194 
GLU O    O N N 195 
GLU CB   C N N 196 
GLU CG   C N N 197 
GLU CD   C N N 198 
GLU OE1  O N N 199 
GLU OE2  O N N 200 
GLU OXT  O N N 201 
GLU H    H N N 202 
GLU H2   H N N 203 
GLU HA   H N N 204 
GLU HB2  H N N 205 
GLU HB3  H N N 206 
GLU HG2  H N N 207 
GLU HG3  H N N 208 
GLU HE2  H N N 209 
GLU HXT  H N N 210 
GLY N    N N N 211 
GLY CA   C N N 212 
GLY C    C N N 213 
GLY O    O N N 214 
GLY OXT  O N N 215 
GLY H    H N N 216 
GLY H2   H N N 217 
GLY HA2  H N N 218 
GLY HA3  H N N 219 
GLY HXT  H N N 220 
HIS N    N N N 221 
HIS CA   C N S 222 
HIS C    C N N 223 
HIS O    O N N 224 
HIS CB   C N N 225 
HIS CG   C Y N 226 
HIS ND1  N Y N 227 
HIS CD2  C Y N 228 
HIS CE1  C Y N 229 
HIS NE2  N Y N 230 
HIS OXT  O N N 231 
HIS H    H N N 232 
HIS H2   H N N 233 
HIS HA   H N N 234 
HIS HB2  H N N 235 
HIS HB3  H N N 236 
HIS HD1  H N N 237 
HIS HD2  H N N 238 
HIS HE1  H N N 239 
HIS HE2  H N N 240 
HIS HXT  H N N 241 
HOH O    O N N 242 
HOH H1   H N N 243 
HOH H2   H N N 244 
ILE N    N N N 245 
ILE CA   C N S 246 
ILE C    C N N 247 
ILE O    O N N 248 
ILE CB   C N S 249 
ILE CG1  C N N 250 
ILE CG2  C N N 251 
ILE CD1  C N N 252 
ILE OXT  O N N 253 
ILE H    H N N 254 
ILE H2   H N N 255 
ILE HA   H N N 256 
ILE HB   H N N 257 
ILE HG12 H N N 258 
ILE HG13 H N N 259 
ILE HG21 H N N 260 
ILE HG22 H N N 261 
ILE HG23 H N N 262 
ILE HD11 H N N 263 
ILE HD12 H N N 264 
ILE HD13 H N N 265 
ILE HXT  H N N 266 
LEU N    N N N 267 
LEU CA   C N S 268 
LEU C    C N N 269 
LEU O    O N N 270 
LEU CB   C N N 271 
LEU CG   C N N 272 
LEU CD1  C N N 273 
LEU CD2  C N N 274 
LEU OXT  O N N 275 
LEU H    H N N 276 
LEU H2   H N N 277 
LEU HA   H N N 278 
LEU HB2  H N N 279 
LEU HB3  H N N 280 
LEU HG   H N N 281 
LEU HD11 H N N 282 
LEU HD12 H N N 283 
LEU HD13 H N N 284 
LEU HD21 H N N 285 
LEU HD22 H N N 286 
LEU HD23 H N N 287 
LEU HXT  H N N 288 
LYS N    N N N 289 
LYS CA   C N S 290 
LYS C    C N N 291 
LYS O    O N N 292 
LYS CB   C N N 293 
LYS CG   C N N 294 
LYS CD   C N N 295 
LYS CE   C N N 296 
LYS NZ   N N N 297 
LYS OXT  O N N 298 
LYS H    H N N 299 
LYS H2   H N N 300 
LYS HA   H N N 301 
LYS HB2  H N N 302 
LYS HB3  H N N 303 
LYS HG2  H N N 304 
LYS HG3  H N N 305 
LYS HD2  H N N 306 
LYS HD3  H N N 307 
LYS HE2  H N N 308 
LYS HE3  H N N 309 
LYS HZ1  H N N 310 
LYS HZ2  H N N 311 
LYS HZ3  H N N 312 
LYS HXT  H N N 313 
MET N    N N N 314 
MET CA   C N S 315 
MET C    C N N 316 
MET O    O N N 317 
MET CB   C N N 318 
MET CG   C N N 319 
MET SD   S N N 320 
MET CE   C N N 321 
MET OXT  O N N 322 
MET H    H N N 323 
MET H2   H N N 324 
MET HA   H N N 325 
MET HB2  H N N 326 
MET HB3  H N N 327 
MET HG2  H N N 328 
MET HG3  H N N 329 
MET HE1  H N N 330 
MET HE2  H N N 331 
MET HE3  H N N 332 
MET HXT  H N N 333 
PHE N    N N N 334 
PHE CA   C N S 335 
PHE C    C N N 336 
PHE O    O N N 337 
PHE CB   C N N 338 
PHE CG   C Y N 339 
PHE CD1  C Y N 340 
PHE CD2  C Y N 341 
PHE CE1  C Y N 342 
PHE CE2  C Y N 343 
PHE CZ   C Y N 344 
PHE OXT  O N N 345 
PHE H    H N N 346 
PHE H2   H N N 347 
PHE HA   H N N 348 
PHE HB2  H N N 349 
PHE HB3  H N N 350 
PHE HD1  H N N 351 
PHE HD2  H N N 352 
PHE HE1  H N N 353 
PHE HE2  H N N 354 
PHE HZ   H N N 355 
PHE HXT  H N N 356 
PRO N    N N N 357 
PRO CA   C N S 358 
PRO C    C N N 359 
PRO O    O N N 360 
PRO CB   C N N 361 
PRO CG   C N N 362 
PRO CD   C N N 363 
PRO OXT  O N N 364 
PRO H    H N N 365 
PRO HA   H N N 366 
PRO HB2  H N N 367 
PRO HB3  H N N 368 
PRO HG2  H N N 369 
PRO HG3  H N N 370 
PRO HD2  H N N 371 
PRO HD3  H N N 372 
PRO HXT  H N N 373 
SER N    N N N 374 
SER CA   C N S 375 
SER C    C N N 376 
SER O    O N N 377 
SER CB   C N N 378 
SER OG   O N N 379 
SER OXT  O N N 380 
SER H    H N N 381 
SER H2   H N N 382 
SER HA   H N N 383 
SER HB2  H N N 384 
SER HB3  H N N 385 
SER HG   H N N 386 
SER HXT  H N N 387 
THR N    N N N 388 
THR CA   C N S 389 
THR C    C N N 390 
THR O    O N N 391 
THR CB   C N R 392 
THR OG1  O N N 393 
THR CG2  C N N 394 
THR OXT  O N N 395 
THR H    H N N 396 
THR H2   H N N 397 
THR HA   H N N 398 
THR HB   H N N 399 
THR HG1  H N N 400 
THR HG21 H N N 401 
THR HG22 H N N 402 
THR HG23 H N N 403 
THR HXT  H N N 404 
TYR N    N N N 405 
TYR CA   C N S 406 
TYR C    C N N 407 
TYR O    O N N 408 
TYR CB   C N N 409 
TYR CG   C Y N 410 
TYR CD1  C Y N 411 
TYR CD2  C Y N 412 
TYR CE1  C Y N 413 
TYR CE2  C Y N 414 
TYR CZ   C Y N 415 
TYR OH   O N N 416 
TYR OXT  O N N 417 
TYR H    H N N 418 
TYR H2   H N N 419 
TYR HA   H N N 420 
TYR HB2  H N N 421 
TYR HB3  H N N 422 
TYR HD1  H N N 423 
TYR HD2  H N N 424 
TYR HE1  H N N 425 
TYR HE2  H N N 426 
TYR HH   H N N 427 
TYR HXT  H N N 428 
VAL N    N N N 429 
VAL CA   C N S 430 
VAL C    C N N 431 
VAL O    O N N 432 
VAL CB   C N N 433 
VAL CG1  C N N 434 
VAL CG2  C N N 435 
VAL OXT  O N N 436 
VAL H    H N N 437 
VAL H2   H N N 438 
VAL HA   H N N 439 
VAL HB   H N N 440 
VAL HG11 H N N 441 
VAL HG12 H N N 442 
VAL HG13 H N N 443 
VAL HG21 H N N 444 
VAL HG22 H N N 445 
VAL HG23 H N N 446 
VAL HXT  H N N 447 
# 
loop_
_chem_comp_bond.comp_id 
_chem_comp_bond.atom_id_1 
_chem_comp_bond.atom_id_2 
_chem_comp_bond.value_order 
_chem_comp_bond.pdbx_aromatic_flag 
_chem_comp_bond.pdbx_stereo_config 
_chem_comp_bond.pdbx_ordinal 
ALA N   CA   sing N N 1   
ALA N   H    sing N N 2   
ALA N   H2   sing N N 3   
ALA CA  C    sing N N 4   
ALA CA  CB   sing N N 5   
ALA CA  HA   sing N N 6   
ALA C   O    doub N N 7   
ALA C   OXT  sing N N 8   
ALA CB  HB1  sing N N 9   
ALA CB  HB2  sing N N 10  
ALA CB  HB3  sing N N 11  
ALA OXT HXT  sing N N 12  
ARG N   CA   sing N N 13  
ARG N   H    sing N N 14  
ARG N   H2   sing N N 15  
ARG CA  C    sing N N 16  
ARG CA  CB   sing N N 17  
ARG CA  HA   sing N N 18  
ARG C   O    doub N N 19  
ARG C   OXT  sing N N 20  
ARG CB  CG   sing N N 21  
ARG CB  HB2  sing N N 22  
ARG CB  HB3  sing N N 23  
ARG CG  CD   sing N N 24  
ARG CG  HG2  sing N N 25  
ARG CG  HG3  sing N N 26  
ARG CD  NE   sing N N 27  
ARG CD  HD2  sing N N 28  
ARG CD  HD3  sing N N 29  
ARG NE  CZ   sing N N 30  
ARG NE  HE   sing N N 31  
ARG CZ  NH1  sing N N 32  
ARG CZ  NH2  doub N N 33  
ARG NH1 HH11 sing N N 34  
ARG NH1 HH12 sing N N 35  
ARG NH2 HH21 sing N N 36  
ARG NH2 HH22 sing N N 37  
ARG OXT HXT  sing N N 38  
ASN N   CA   sing N N 39  
ASN N   H    sing N N 40  
ASN N   H2   sing N N 41  
ASN CA  C    sing N N 42  
ASN CA  CB   sing N N 43  
ASN CA  HA   sing N N 44  
ASN C   O    doub N N 45  
ASN C   OXT  sing N N 46  
ASN CB  CG   sing N N 47  
ASN CB  HB2  sing N N 48  
ASN CB  HB3  sing N N 49  
ASN CG  OD1  doub N N 50  
ASN CG  ND2  sing N N 51  
ASN ND2 HD21 sing N N 52  
ASN ND2 HD22 sing N N 53  
ASN OXT HXT  sing N N 54  
ASP N   CA   sing N N 55  
ASP N   H    sing N N 56  
ASP N   H2   sing N N 57  
ASP CA  C    sing N N 58  
ASP CA  CB   sing N N 59  
ASP CA  HA   sing N N 60  
ASP C   O    doub N N 61  
ASP C   OXT  sing N N 62  
ASP CB  CG   sing N N 63  
ASP CB  HB2  sing N N 64  
ASP CB  HB3  sing N N 65  
ASP CG  OD1  doub N N 66  
ASP CG  OD2  sing N N 67  
ASP OD2 HD2  sing N N 68  
ASP OXT HXT  sing N N 69  
COA N1A C2A  sing Y N 70  
COA N1A C6A  doub Y N 71  
COA C2A N3A  doub Y N 72  
COA C2A H2A  sing N N 73  
COA N3A C4A  sing Y N 74  
COA C4A C5A  doub Y N 75  
COA C4A N9A  sing Y N 76  
COA C5A C6A  sing Y N 77  
COA C5A N7A  sing Y N 78  
COA C6A N6A  sing N N 79  
COA N6A H61A sing N N 80  
COA N6A H62A sing N N 81  
COA N7A C8A  doub Y N 82  
COA C8A N9A  sing Y N 83  
COA C8A H8A  sing N N 84  
COA N9A C1B  sing N N 85  
COA C1B C2B  sing N N 86  
COA C1B O4B  sing N N 87  
COA C1B H1B  sing N N 88  
COA C2B O2B  sing N N 89  
COA C2B C3B  sing N N 90  
COA C2B H2B  sing N N 91  
COA O2B HO2A sing N N 92  
COA C3B O3B  sing N N 93  
COA C3B C4B  sing N N 94  
COA C3B H3B  sing N N 95  
COA O3B P3B  sing N N 96  
COA P3B O7A  doub N N 97  
COA P3B O8A  sing N N 98  
COA P3B O9A  sing N N 99  
COA O8A HOA8 sing N N 100 
COA O9A HOA9 sing N N 101 
COA C4B O4B  sing N N 102 
COA C4B C5B  sing N N 103 
COA C4B H4B  sing N N 104 
COA C5B O5B  sing N N 105 
COA C5B H51A sing N N 106 
COA C5B H52A sing N N 107 
COA O5B P1A  sing N N 108 
COA P1A O1A  doub N N 109 
COA P1A O2A  sing N N 110 
COA P1A O3A  sing N N 111 
COA O2A HOA2 sing N N 112 
COA O3A P2A  sing N N 113 
COA P2A O4A  doub N N 114 
COA P2A O5A  sing N N 115 
COA P2A O6A  sing N N 116 
COA O5A HOA5 sing N N 117 
COA O6A CCP  sing N N 118 
COA CBP CCP  sing N N 119 
COA CBP CDP  sing N N 120 
COA CBP CEP  sing N N 121 
COA CBP CAP  sing N N 122 
COA CCP H121 sing N N 123 
COA CCP H122 sing N N 124 
COA CDP H131 sing N N 125 
COA CDP H132 sing N N 126 
COA CDP H133 sing N N 127 
COA CEP H141 sing N N 128 
COA CEP H142 sing N N 129 
COA CEP H143 sing N N 130 
COA CAP OAP  sing N N 131 
COA CAP C9P  sing N N 132 
COA CAP H10  sing N N 133 
COA OAP HO1  sing N N 134 
COA C9P O9P  doub N N 135 
COA C9P N8P  sing N N 136 
COA N8P C7P  sing N N 137 
COA N8P HN8  sing N N 138 
COA C7P C6P  sing N N 139 
COA C7P H71  sing N N 140 
COA C7P H72  sing N N 141 
COA C6P C5P  sing N N 142 
COA C6P H61  sing N N 143 
COA C6P H62  sing N N 144 
COA C5P O5P  doub N N 145 
COA C5P N4P  sing N N 146 
COA N4P C3P  sing N N 147 
COA N4P HN4  sing N N 148 
COA C3P C2P  sing N N 149 
COA C3P H31  sing N N 150 
COA C3P H32  sing N N 151 
COA C2P S1P  sing N N 152 
COA C2P H21  sing N N 153 
COA C2P H22  sing N N 154 
COA S1P HS1  sing N N 155 
CYS N   CA   sing N N 156 
CYS N   H    sing N N 157 
CYS N   H2   sing N N 158 
CYS CA  C    sing N N 159 
CYS CA  CB   sing N N 160 
CYS CA  HA   sing N N 161 
CYS C   O    doub N N 162 
CYS C   OXT  sing N N 163 
CYS CB  SG   sing N N 164 
CYS CB  HB2  sing N N 165 
CYS CB  HB3  sing N N 166 
CYS SG  HG   sing N N 167 
CYS OXT HXT  sing N N 168 
GLN N   CA   sing N N 169 
GLN N   H    sing N N 170 
GLN N   H2   sing N N 171 
GLN CA  C    sing N N 172 
GLN CA  CB   sing N N 173 
GLN CA  HA   sing N N 174 
GLN C   O    doub N N 175 
GLN C   OXT  sing N N 176 
GLN CB  CG   sing N N 177 
GLN CB  HB2  sing N N 178 
GLN CB  HB3  sing N N 179 
GLN CG  CD   sing N N 180 
GLN CG  HG2  sing N N 181 
GLN CG  HG3  sing N N 182 
GLN CD  OE1  doub N N 183 
GLN CD  NE2  sing N N 184 
GLN NE2 HE21 sing N N 185 
GLN NE2 HE22 sing N N 186 
GLN OXT HXT  sing N N 187 
GLU N   CA   sing N N 188 
GLU N   H    sing N N 189 
GLU N   H2   sing N N 190 
GLU CA  C    sing N N 191 
GLU CA  CB   sing N N 192 
GLU CA  HA   sing N N 193 
GLU C   O    doub N N 194 
GLU C   OXT  sing N N 195 
GLU CB  CG   sing N N 196 
GLU CB  HB2  sing N N 197 
GLU CB  HB3  sing N N 198 
GLU CG  CD   sing N N 199 
GLU CG  HG2  sing N N 200 
GLU CG  HG3  sing N N 201 
GLU CD  OE1  doub N N 202 
GLU CD  OE2  sing N N 203 
GLU OE2 HE2  sing N N 204 
GLU OXT HXT  sing N N 205 
GLY N   CA   sing N N 206 
GLY N   H    sing N N 207 
GLY N   H2   sing N N 208 
GLY CA  C    sing N N 209 
GLY CA  HA2  sing N N 210 
GLY CA  HA3  sing N N 211 
GLY C   O    doub N N 212 
GLY C   OXT  sing N N 213 
GLY OXT HXT  sing N N 214 
HIS N   CA   sing N N 215 
HIS N   H    sing N N 216 
HIS N   H2   sing N N 217 
HIS CA  C    sing N N 218 
HIS CA  CB   sing N N 219 
HIS CA  HA   sing N N 220 
HIS C   O    doub N N 221 
HIS C   OXT  sing N N 222 
HIS CB  CG   sing N N 223 
HIS CB  HB2  sing N N 224 
HIS CB  HB3  sing N N 225 
HIS CG  ND1  sing Y N 226 
HIS CG  CD2  doub Y N 227 
HIS ND1 CE1  doub Y N 228 
HIS ND1 HD1  sing N N 229 
HIS CD2 NE2  sing Y N 230 
HIS CD2 HD2  sing N N 231 
HIS CE1 NE2  sing Y N 232 
HIS CE1 HE1  sing N N 233 
HIS NE2 HE2  sing N N 234 
HIS OXT HXT  sing N N 235 
HOH O   H1   sing N N 236 
HOH O   H2   sing N N 237 
ILE N   CA   sing N N 238 
ILE N   H    sing N N 239 
ILE N   H2   sing N N 240 
ILE CA  C    sing N N 241 
ILE CA  CB   sing N N 242 
ILE CA  HA   sing N N 243 
ILE C   O    doub N N 244 
ILE C   OXT  sing N N 245 
ILE CB  CG1  sing N N 246 
ILE CB  CG2  sing N N 247 
ILE CB  HB   sing N N 248 
ILE CG1 CD1  sing N N 249 
ILE CG1 HG12 sing N N 250 
ILE CG1 HG13 sing N N 251 
ILE CG2 HG21 sing N N 252 
ILE CG2 HG22 sing N N 253 
ILE CG2 HG23 sing N N 254 
ILE CD1 HD11 sing N N 255 
ILE CD1 HD12 sing N N 256 
ILE CD1 HD13 sing N N 257 
ILE OXT HXT  sing N N 258 
LEU N   CA   sing N N 259 
LEU N   H    sing N N 260 
LEU N   H2   sing N N 261 
LEU CA  C    sing N N 262 
LEU CA  CB   sing N N 263 
LEU CA  HA   sing N N 264 
LEU C   O    doub N N 265 
LEU C   OXT  sing N N 266 
LEU CB  CG   sing N N 267 
LEU CB  HB2  sing N N 268 
LEU CB  HB3  sing N N 269 
LEU CG  CD1  sing N N 270 
LEU CG  CD2  sing N N 271 
LEU CG  HG   sing N N 272 
LEU CD1 HD11 sing N N 273 
LEU CD1 HD12 sing N N 274 
LEU CD1 HD13 sing N N 275 
LEU CD2 HD21 sing N N 276 
LEU CD2 HD22 sing N N 277 
LEU CD2 HD23 sing N N 278 
LEU OXT HXT  sing N N 279 
LYS N   CA   sing N N 280 
LYS N   H    sing N N 281 
LYS N   H2   sing N N 282 
LYS CA  C    sing N N 283 
LYS CA  CB   sing N N 284 
LYS CA  HA   sing N N 285 
LYS C   O    doub N N 286 
LYS C   OXT  sing N N 287 
LYS CB  CG   sing N N 288 
LYS CB  HB2  sing N N 289 
LYS CB  HB3  sing N N 290 
LYS CG  CD   sing N N 291 
LYS CG  HG2  sing N N 292 
LYS CG  HG3  sing N N 293 
LYS CD  CE   sing N N 294 
LYS CD  HD2  sing N N 295 
LYS CD  HD3  sing N N 296 
LYS CE  NZ   sing N N 297 
LYS CE  HE2  sing N N 298 
LYS CE  HE3  sing N N 299 
LYS NZ  HZ1  sing N N 300 
LYS NZ  HZ2  sing N N 301 
LYS NZ  HZ3  sing N N 302 
LYS OXT HXT  sing N N 303 
MET N   CA   sing N N 304 
MET N   H    sing N N 305 
MET N   H2   sing N N 306 
MET CA  C    sing N N 307 
MET CA  CB   sing N N 308 
MET CA  HA   sing N N 309 
MET C   O    doub N N 310 
MET C   OXT  sing N N 311 
MET CB  CG   sing N N 312 
MET CB  HB2  sing N N 313 
MET CB  HB3  sing N N 314 
MET CG  SD   sing N N 315 
MET CG  HG2  sing N N 316 
MET CG  HG3  sing N N 317 
MET SD  CE   sing N N 318 
MET CE  HE1  sing N N 319 
MET CE  HE2  sing N N 320 
MET CE  HE3  sing N N 321 
MET OXT HXT  sing N N 322 
PHE N   CA   sing N N 323 
PHE N   H    sing N N 324 
PHE N   H2   sing N N 325 
PHE CA  C    sing N N 326 
PHE CA  CB   sing N N 327 
PHE CA  HA   sing N N 328 
PHE C   O    doub N N 329 
PHE C   OXT  sing N N 330 
PHE CB  CG   sing N N 331 
PHE CB  HB2  sing N N 332 
PHE CB  HB3  sing N N 333 
PHE CG  CD1  doub Y N 334 
PHE CG  CD2  sing Y N 335 
PHE CD1 CE1  sing Y N 336 
PHE CD1 HD1  sing N N 337 
PHE CD2 CE2  doub Y N 338 
PHE CD2 HD2  sing N N 339 
PHE CE1 CZ   doub Y N 340 
PHE CE1 HE1  sing N N 341 
PHE CE2 CZ   sing Y N 342 
PHE CE2 HE2  sing N N 343 
PHE CZ  HZ   sing N N 344 
PHE OXT HXT  sing N N 345 
PRO N   CA   sing N N 346 
PRO N   CD   sing N N 347 
PRO N   H    sing N N 348 
PRO CA  C    sing N N 349 
PRO CA  CB   sing N N 350 
PRO CA  HA   sing N N 351 
PRO C   O    doub N N 352 
PRO C   OXT  sing N N 353 
PRO CB  CG   sing N N 354 
PRO CB  HB2  sing N N 355 
PRO CB  HB3  sing N N 356 
PRO CG  CD   sing N N 357 
PRO CG  HG2  sing N N 358 
PRO CG  HG3  sing N N 359 
PRO CD  HD2  sing N N 360 
PRO CD  HD3  sing N N 361 
PRO OXT HXT  sing N N 362 
SER N   CA   sing N N 363 
SER N   H    sing N N 364 
SER N   H2   sing N N 365 
SER CA  C    sing N N 366 
SER CA  CB   sing N N 367 
SER CA  HA   sing N N 368 
SER C   O    doub N N 369 
SER C   OXT  sing N N 370 
SER CB  OG   sing N N 371 
SER CB  HB2  sing N N 372 
SER CB  HB3  sing N N 373 
SER OG  HG   sing N N 374 
SER OXT HXT  sing N N 375 
THR N   CA   sing N N 376 
THR N   H    sing N N 377 
THR N   H2   sing N N 378 
THR CA  C    sing N N 379 
THR CA  CB   sing N N 380 
THR CA  HA   sing N N 381 
THR C   O    doub N N 382 
THR C   OXT  sing N N 383 
THR CB  OG1  sing N N 384 
THR CB  CG2  sing N N 385 
THR CB  HB   sing N N 386 
THR OG1 HG1  sing N N 387 
THR CG2 HG21 sing N N 388 
THR CG2 HG22 sing N N 389 
THR CG2 HG23 sing N N 390 
THR OXT HXT  sing N N 391 
TYR N   CA   sing N N 392 
TYR N   H    sing N N 393 
TYR N   H2   sing N N 394 
TYR CA  C    sing N N 395 
TYR CA  CB   sing N N 396 
TYR CA  HA   sing N N 397 
TYR C   O    doub N N 398 
TYR C   OXT  sing N N 399 
TYR CB  CG   sing N N 400 
TYR CB  HB2  sing N N 401 
TYR CB  HB3  sing N N 402 
TYR CG  CD1  doub Y N 403 
TYR CG  CD2  sing Y N 404 
TYR CD1 CE1  sing Y N 405 
TYR CD1 HD1  sing N N 406 
TYR CD2 CE2  doub Y N 407 
TYR CD2 HD2  sing N N 408 
TYR CE1 CZ   doub Y N 409 
TYR CE1 HE1  sing N N 410 
TYR CE2 CZ   sing Y N 411 
TYR CE2 HE2  sing N N 412 
TYR CZ  OH   sing N N 413 
TYR OH  HH   sing N N 414 
TYR OXT HXT  sing N N 415 
VAL N   CA   sing N N 416 
VAL N   H    sing N N 417 
VAL N   H2   sing N N 418 
VAL CA  C    sing N N 419 
VAL CA  CB   sing N N 420 
VAL CA  HA   sing N N 421 
VAL C   O    doub N N 422 
VAL C   OXT  sing N N 423 
VAL CB  CG1  sing N N 424 
VAL CB  CG2  sing N N 425 
VAL CB  HB   sing N N 426 
VAL CG1 HG11 sing N N 427 
VAL CG1 HG12 sing N N 428 
VAL CG1 HG13 sing N N 429 
VAL CG2 HG21 sing N N 430 
VAL CG2 HG22 sing N N 431 
VAL CG2 HG23 sing N N 432 
VAL OXT HXT  sing N N 433 
# 
loop_
_pdbx_entity_nonpoly.entity_id 
_pdbx_entity_nonpoly.name 
_pdbx_entity_nonpoly.comp_id 
2 'COENZYME A' COA 
3 water        HOH 
# 
_pdbx_initial_refinement_model.id               1 
_pdbx_initial_refinement_model.entity_id_list   ? 
_pdbx_initial_refinement_model.type             'experimental model' 
_pdbx_initial_refinement_model.source_name      PDB 
_pdbx_initial_refinement_model.accession_code   3VWD 
_pdbx_initial_refinement_model.details          ? 
# 
